data_7AIR
#
_entry.id   7AIR
#
_cell.length_a   1.00
_cell.length_b   1.00
_cell.length_c   1.00
_cell.angle_alpha   90.00
_cell.angle_beta   90.00
_cell.angle_gamma   90.00
#
_symmetry.space_group_name_H-M   'P 1'
#
loop_
_entity.id
_entity.type
_entity.pdbx_description
1 polymer 'Solute carrier family 12 member 4'
2 polymer 'Solute carrier family 12 member 4'
3 branched beta-D-mannopyranose-(1-4)-2-acetamido-2-deoxy-beta-D-glucopyranose-(1-4)-2-acetamido-2-deoxy-beta-D-glucopyranose
4 branched 2-acetamido-2-deoxy-beta-D-glucopyranose-(1-4)-2-acetamido-2-deoxy-beta-D-glucopyranose
5 non-polymer "ADENOSINE-5'-TRIPHOSPHATE"
6 non-polymer 2-acetamido-2-deoxy-beta-D-glucopyranose
#
loop_
_entity_poly.entity_id
_entity_poly.type
_entity_poly.pdbx_seq_one_letter_code
_entity_poly.pdbx_strand_id
1 'polypeptide(L)'
;MLEGLSWVDYGERAELDDSDGHGNHRESSPFLSPLEASRGIDYYDRNLALFEEELDIRPKVSSLLGKLVSYTNLTQGAKE
HEEAESGEGTRRRAAEAPSMGTLMGVYLPCLQNIFGVILFLRLTWMVGTAGVLQALLIVLICCCCTLLTAISMSAIATNG
VVPAGGSYFMISRSLGPEFGGAVGLCFYLGTTFAAAMYILGAIEILLTYIAPPAAIFYPSGAHDTSNATLNNMRVYGTIF
LTFMTLVVFVGVKYVNKFASLFLACVIISILSIYAGGIKSIFDPPVFPVCMLGNRTLSRDQFDICAKTAVVDNETVATQL
WSFFCHSPNLTTDSCDPYFMLNNVTEIPGIPGAAAGVLQENLWSAYLEKGDIVEKHGLPSADAPSLKESLPLYVVADIAT
SFTVLVGIFFPSVTGIMAGSNRSGDLRDAQKSIPVGTILAIITTSLVYFSSVVLFGACIEGVVLRDKYGDGVSRNLVVGT
LAWPSPWVIVIGSFFSTCGAGLQSLTGAPRLLQAIAKDNIIPFLRVFGHGKVNGEPTWALLLTALIAELGILIASLDMVA
PILSMFFLMCYLFVNLACAVQTLLRTPNWRPRFKYYHWALSFLGMSLCLALMFVSSWYYALVAMLIAGMIYKYIEYQGAE
KEWGDGIRGLSLSAARYALLRLEEGPPHTKNWRPQLLVLLKLDEDLHVKYPRLLTFASQLKAGKGLTIVGSVIQGSFLES
YGEAQAAEQTIKNMMEIEKVKGFCQVVVASKVREGLAHLIQSCGLGGMRHNSVVLGWPYGWRQSEDPRAWKTFIDTVRCT
TAAHLALLVPKNIAFYPSNHERYLEGHIDVWWIVHDGGMLMLLPFLLRQHKVWRKCRMRIFTVAQMDDNSIQMKKDLAVF
LYHLRLEAEVEVVEMHNSDISAYTYERTLMMEQRSQMLRQMRLTKTEREREAQLVKDRHSALRLESLYSDEEDESAVGAD
KIQMTWTRDKYMTETWDPSHAPDNFRELVHIKPDQSNVRRMHTAVKLNEVIVTRSHDARLVLLNMPGPPRNSEGDENYME
FLEVLTEGLERVLLVRGGGREVITIYSAENLYFQ
;
A
2 'polypeptide(L)'
;MLEGLSWVDYGERAELDDSDGHGNHRESSPFLSPLEASRGIDYYDRNLALFEEELDIRPKVSSLLGKLVSYTNLTQGAKE
HEEAESGEGTRRRAAEAPSMGTLMGVYLPCLQNIFGVILFLRLTWMVGTAGVLQALLIVLICCCCTLLTAISMSAIATNG
VVPAGGSYFMISRSLGPEFGGAVGLCFYLGTTFAAAMYILGAIEILLTYIAPPAAIFYPSGAHDTSNATLNNMRVYGTIF
LTFMTLVVFVGVKYVNKFASLFLACVIISILSIYAGGIKSIFDPPVFPVCMLGNRTLSRDQFDICAKTAVVDNETVATQL
WSFFCHSPNLTTDSCDPYFMLNNVTEIPGIPGAAAGVLQENLWSAYLEKGDIVEKHGLPSADAPSLKESLPLYVVADIAT
SFTVLVGIFFPSVTGIMAGSNRSGDLRDAQKSIPVGTILAIITTSLVYFSSVVLFGACIEGVVLRDKYGDGVSRNLVVGT
LAWPSPWVIVIGSFFSTCGAGLQSLTGAPRLLQAIAKDNIIPFLRVFGHGKVNGEPTWALLLTALIAELGILIASLDMVA
PILSMFFLMCYLFVNLACAVQTLLRTPNWRPRFKYYHWALSFLGMSLCLALMFVSSWYYALVAMLIAGMIYKYIEYQGAE
KEWGDGIRGLSLSAARYALLRLEEGPPHTKNWRPQLLVLLKLDEDLHVKYPRLLTFASQLKAGKGLTIVGSVIQG(SEP)
FLESYGEAQAAEQTIKNMMEIEKVKGFCQVVVASKVREGLAHLIQSCGLGGMRHNSVVLGWPYGWRQSEDPRAWKTFIDT
VRCTTAAHLALLVPKNIAFYPSNHERYLEGHIDVWWIVHDGGMLMLLPFLLRQHKVWRKCRMRIFTVAQMDDNSIQMKKD
LAVFLYHLRLEAEVEVVEMHNSDISAYTYERTLMMEQRSQMLRQMRLTKTEREREAQLVKDRHSALRLESLYSDEEDESA
VGADKIQMTWTRDKYMTETWDPSHAPDNFRELVHIKPDQSNVRRMHTAVKLNEVIVTRSHDARLVLLNMPGPPRNSEGDE
NYMEFLEVLTEGLERVLLVRGGGREVITIYSAENLYFQ
;
B
#
loop_
_chem_comp.id
_chem_comp.type
_chem_comp.name
_chem_comp.formula
ATP non-polymer ADENOSINE-5'-TRIPHOSPHATE 'C10 H16 N5 O13 P3'
BMA D-saccharide, beta linking beta-D-mannopyranose 'C6 H12 O6'
NAG D-saccharide, beta linking 2-acetamido-2-deoxy-beta-D-glucopyranose 'C8 H15 N O6'
#
# COMPACT_ATOMS: atom_id res chain seq x y z
N PRO A 98 0.87 -21.31 -39.54
CA PRO A 98 -0.31 -20.90 -38.81
C PRO A 98 -0.69 -19.43 -39.01
N SER A 99 -1.85 -19.21 -39.61
CA SER A 99 -2.30 -17.85 -39.91
C SER A 99 -3.81 -17.87 -40.10
N MET A 100 -4.54 -17.18 -39.24
CA MET A 100 -5.97 -17.01 -39.42
C MET A 100 -6.34 -15.59 -39.04
N GLY A 101 -7.43 -15.10 -39.63
CA GLY A 101 -7.73 -13.69 -39.58
C GLY A 101 -8.25 -13.23 -38.24
N THR A 102 -8.73 -12.00 -38.22
CA THR A 102 -9.26 -11.42 -36.99
C THR A 102 -10.62 -11.98 -36.63
N LEU A 103 -11.52 -12.06 -37.62
CA LEU A 103 -12.88 -12.44 -37.34
C LEU A 103 -13.01 -13.80 -36.68
N MET A 104 -12.71 -14.87 -37.42
CA MET A 104 -12.94 -16.20 -36.92
C MET A 104 -11.91 -16.63 -35.91
N GLY A 105 -11.06 -15.73 -35.47
CA GLY A 105 -10.07 -16.13 -34.50
C GLY A 105 -10.23 -15.43 -33.18
N VAL A 106 -10.73 -14.20 -33.19
CA VAL A 106 -10.89 -13.43 -31.97
C VAL A 106 -12.33 -12.98 -31.79
N TYR A 107 -12.99 -12.52 -32.84
CA TYR A 107 -14.28 -11.89 -32.65
C TYR A 107 -15.29 -12.91 -32.16
N LEU A 108 -15.45 -14.00 -32.90
CA LEU A 108 -16.47 -14.98 -32.54
C LEU A 108 -16.23 -15.64 -31.19
N PRO A 109 -15.01 -15.99 -30.80
CA PRO A 109 -14.84 -16.52 -29.44
C PRO A 109 -15.27 -15.55 -28.36
N CYS A 110 -14.92 -14.27 -28.50
CA CYS A 110 -15.32 -13.31 -27.49
C CYS A 110 -16.84 -13.19 -27.44
N LEU A 111 -17.48 -13.16 -28.60
CA LEU A 111 -18.93 -13.08 -28.65
C LEU A 111 -19.56 -14.28 -27.96
N GLN A 112 -19.03 -15.46 -28.24
CA GLN A 112 -19.58 -16.66 -27.64
C GLN A 112 -19.39 -16.69 -26.14
N ASN A 113 -18.32 -16.08 -25.64
CA ASN A 113 -18.11 -16.08 -24.20
C ASN A 113 -18.93 -15.00 -23.49
N ILE A 114 -19.26 -13.91 -24.16
CA ILE A 114 -19.96 -12.85 -23.45
C ILE A 114 -21.44 -13.17 -23.30
N PHE A 115 -22.11 -13.48 -24.40
CA PHE A 115 -23.54 -13.76 -24.35
C PHE A 115 -23.80 -15.02 -23.52
N GLY A 116 -24.42 -14.85 -22.37
CA GLY A 116 -24.58 -15.94 -21.43
C GLY A 116 -26.02 -16.20 -21.06
N VAL A 117 -26.22 -16.72 -19.85
CA VAL A 117 -27.55 -17.07 -19.40
C VAL A 117 -28.20 -15.91 -18.66
N ILE A 118 -27.41 -14.97 -18.16
CA ILE A 118 -27.96 -13.84 -17.45
C ILE A 118 -28.97 -13.10 -18.31
N LEU A 119 -28.71 -12.99 -19.60
CA LEU A 119 -29.61 -12.20 -20.43
C LEU A 119 -31.00 -12.82 -20.42
N PHE A 120 -31.11 -14.10 -20.73
CA PHE A 120 -32.43 -14.69 -20.80
C PHE A 120 -33.08 -14.78 -19.43
N LEU A 121 -32.40 -15.39 -18.47
CA LEU A 121 -33.03 -15.68 -17.20
C LEU A 121 -33.28 -14.45 -16.35
N ARG A 122 -32.45 -13.42 -16.47
CA ARG A 122 -32.58 -12.31 -15.54
C ARG A 122 -32.51 -10.95 -16.22
N LEU A 123 -32.89 -10.83 -17.48
CA LEU A 123 -32.89 -9.47 -17.99
C LEU A 123 -34.23 -8.80 -17.76
N THR A 124 -35.30 -9.47 -18.15
CA THR A 124 -36.62 -8.88 -18.02
C THR A 124 -36.94 -8.58 -16.57
N TRP A 125 -36.61 -9.49 -15.67
CA TRP A 125 -36.89 -9.26 -14.26
C TRP A 125 -36.15 -8.05 -13.77
N MET A 126 -34.90 -7.90 -14.19
CA MET A 126 -34.13 -6.73 -13.79
C MET A 126 -34.70 -5.45 -14.36
N VAL A 127 -35.16 -5.47 -15.60
CA VAL A 127 -35.68 -4.24 -16.20
C VAL A 127 -36.98 -3.82 -15.53
N GLY A 128 -37.89 -4.76 -15.34
CA GLY A 128 -39.16 -4.41 -14.73
C GLY A 128 -39.02 -3.89 -13.31
N THR A 129 -38.16 -4.53 -12.51
CA THR A 129 -38.02 -4.10 -11.13
C THR A 129 -37.41 -2.71 -11.01
N ALA A 130 -36.47 -2.36 -11.88
CA ALA A 130 -35.76 -1.10 -11.72
C ALA A 130 -36.19 -0.03 -12.70
N GLY A 131 -37.05 -0.33 -13.63
CA GLY A 131 -37.45 0.67 -14.58
C GLY A 131 -36.50 0.70 -15.75
N VAL A 132 -36.82 1.55 -16.72
CA VAL A 132 -35.99 1.61 -17.90
C VAL A 132 -34.79 2.51 -17.69
N LEU A 133 -34.97 3.66 -17.05
CA LEU A 133 -33.88 4.61 -16.88
C LEU A 133 -32.75 4.03 -16.07
N GLN A 134 -33.05 3.56 -14.86
CA GLN A 134 -31.98 3.04 -14.03
C GLN A 134 -31.37 1.79 -14.65
N ALA A 135 -32.13 1.04 -15.45
CA ALA A 135 -31.53 -0.08 -16.15
C ALA A 135 -30.49 0.40 -17.16
N LEU A 136 -30.83 1.41 -17.96
CA LEU A 136 -29.84 1.95 -18.88
C LEU A 136 -28.62 2.44 -18.14
N LEU A 137 -28.83 3.06 -16.98
CA LEU A 137 -27.68 3.53 -16.22
C LEU A 137 -26.81 2.37 -15.76
N ILE A 138 -27.44 1.27 -15.35
CA ILE A 138 -26.67 0.10 -14.92
C ILE A 138 -25.85 -0.44 -16.07
N VAL A 139 -26.46 -0.55 -17.25
CA VAL A 139 -25.75 -1.09 -18.39
C VAL A 139 -24.58 -0.19 -18.75
N LEU A 140 -24.78 1.12 -18.69
CA LEU A 140 -23.69 2.02 -19.01
C LEU A 140 -22.55 1.88 -18.01
N ILE A 141 -22.86 1.80 -16.72
CA ILE A 141 -21.80 1.68 -15.73
C ILE A 141 -21.05 0.37 -15.91
N CYS A 142 -21.76 -0.70 -16.21
CA CYS A 142 -21.06 -1.97 -16.35
C CYS A 142 -20.35 -2.11 -17.67
N CYS A 143 -20.66 -1.27 -18.66
CA CYS A 143 -19.89 -1.33 -19.89
C CYS A 143 -18.68 -0.42 -19.84
N CYS A 144 -18.71 0.68 -19.09
CA CYS A 144 -17.54 1.54 -19.07
C CYS A 144 -16.34 0.87 -18.40
N CYS A 145 -16.55 0.19 -17.27
CA CYS A 145 -15.42 -0.48 -16.62
C CYS A 145 -14.81 -1.52 -17.54
N THR A 146 -15.65 -2.29 -18.21
CA THR A 146 -15.13 -3.31 -19.10
C THR A 146 -14.46 -2.71 -20.33
N LEU A 147 -14.92 -1.54 -20.78
CA LEU A 147 -14.26 -0.92 -21.92
C LEU A 147 -12.89 -0.39 -21.57
N LEU A 148 -12.77 0.25 -20.41
CA LEU A 148 -11.45 0.72 -20.01
C LEU A 148 -10.50 -0.44 -19.76
N THR A 149 -11.00 -1.54 -19.21
CA THR A 149 -10.13 -2.70 -19.07
C THR A 149 -9.71 -3.25 -20.41
N ALA A 150 -10.59 -3.19 -21.42
CA ALA A 150 -10.19 -3.64 -22.74
C ALA A 150 -9.11 -2.75 -23.34
N ILE A 151 -9.19 -1.45 -23.11
CA ILE A 151 -8.14 -0.58 -23.60
C ILE A 151 -6.81 -0.90 -22.93
N SER A 152 -6.83 -1.12 -21.62
CA SER A 152 -5.59 -1.48 -20.95
C SER A 152 -5.05 -2.80 -21.48
N MET A 153 -5.94 -3.76 -21.72
CA MET A 153 -5.49 -5.03 -22.27
C MET A 153 -4.86 -4.85 -23.65
N SER A 154 -5.37 -3.93 -24.45
CA SER A 154 -4.72 -3.69 -25.74
C SER A 154 -3.35 -3.07 -25.57
N ALA A 155 -3.23 -2.11 -24.65
CA ALA A 155 -1.92 -1.53 -24.39
C ALA A 155 -0.95 -2.60 -23.95
N ILE A 156 -1.42 -3.60 -23.21
CA ILE A 156 -0.54 -4.71 -22.85
C ILE A 156 -0.19 -5.52 -24.07
N ALA A 157 -1.17 -5.79 -24.92
CA ALA A 157 -0.95 -6.68 -26.04
C ALA A 157 -0.11 -6.06 -27.14
N THR A 158 0.21 -4.78 -27.08
CA THR A 158 1.03 -4.25 -28.16
C THR A 158 2.52 -4.17 -27.87
N ASN A 159 2.94 -3.93 -26.64
CA ASN A 159 4.37 -3.76 -26.39
C ASN A 159 5.11 -5.07 -26.67
N GLY A 160 6.12 -4.98 -27.53
CA GLY A 160 6.95 -6.14 -27.83
C GLY A 160 6.26 -7.22 -28.64
N VAL A 161 6.88 -8.38 -28.63
CA VAL A 161 6.28 -9.58 -29.20
C VAL A 161 5.25 -10.14 -28.24
N VAL A 162 4.28 -10.86 -28.77
CA VAL A 162 3.20 -11.44 -27.98
C VAL A 162 3.48 -12.93 -27.79
N PRO A 163 3.54 -13.42 -26.56
CA PRO A 163 3.80 -14.84 -26.34
C PRO A 163 2.66 -15.67 -26.91
N ALA A 164 3.02 -16.82 -27.46
CA ALA A 164 2.06 -17.66 -28.16
C ALA A 164 1.33 -18.63 -27.25
N GLY A 165 1.57 -18.59 -25.94
CA GLY A 165 0.96 -19.57 -25.06
C GLY A 165 -0.53 -19.39 -24.88
N GLY A 166 -0.96 -18.19 -24.50
CA GLY A 166 -2.35 -17.98 -24.20
C GLY A 166 -2.65 -16.58 -23.71
N SER A 167 -3.60 -16.45 -22.78
CA SER A 167 -3.95 -15.16 -22.23
C SER A 167 -3.28 -14.87 -20.91
N TYR A 168 -2.64 -15.86 -20.31
CA TYR A 168 -1.93 -15.65 -19.07
C TYR A 168 -0.45 -15.36 -19.29
N PHE A 169 0.13 -15.88 -20.36
CA PHE A 169 1.56 -15.66 -20.59
C PHE A 169 1.86 -14.23 -21.01
N MET A 170 0.94 -13.59 -21.74
CA MET A 170 1.18 -12.22 -22.13
C MET A 170 1.26 -11.32 -20.92
N ILE A 171 0.29 -11.47 -20.02
CA ILE A 171 0.25 -10.65 -18.82
C ILE A 171 1.51 -10.85 -17.99
N SER A 172 1.92 -12.11 -17.79
CA SER A 172 3.11 -12.34 -16.98
C SER A 172 4.33 -11.72 -17.63
N ARG A 173 4.57 -12.03 -18.89
CA ARG A 173 5.77 -11.51 -19.56
C ARG A 173 5.77 -9.99 -19.60
N SER A 174 4.62 -9.35 -19.59
CA SER A 174 4.61 -7.91 -19.70
C SER A 174 4.44 -7.17 -18.38
N LEU A 175 4.17 -7.86 -17.28
CA LEU A 175 4.00 -7.19 -16.01
C LEU A 175 4.76 -7.79 -14.84
N GLY A 176 5.53 -8.84 -15.04
CA GLY A 176 6.30 -9.39 -13.96
C GLY A 176 5.58 -10.54 -13.30
N PRO A 177 6.36 -11.44 -12.70
CA PRO A 177 5.76 -12.61 -12.07
C PRO A 177 4.78 -12.30 -10.97
N GLU A 178 5.01 -11.26 -10.16
CA GLU A 178 4.07 -10.97 -9.08
C GLU A 178 2.69 -10.68 -9.64
N PHE A 179 2.59 -9.64 -10.45
CA PHE A 179 1.30 -9.28 -11.02
C PHE A 179 0.69 -10.44 -11.78
N GLY A 180 1.47 -11.04 -12.69
CA GLY A 180 0.91 -12.10 -13.51
C GLY A 180 0.38 -13.25 -12.68
N GLY A 181 1.10 -13.63 -11.63
CA GLY A 181 0.60 -14.69 -10.77
C GLY A 181 -0.68 -14.32 -10.05
N ALA A 182 -0.75 -13.09 -9.54
CA ALA A 182 -1.96 -12.69 -8.84
C ALA A 182 -3.17 -12.70 -9.75
N VAL A 183 -3.00 -12.24 -10.99
CA VAL A 183 -4.13 -12.22 -11.92
C VAL A 183 -4.59 -13.63 -12.22
N GLY A 184 -3.66 -14.57 -12.34
CA GLY A 184 -4.04 -15.90 -12.73
C GLY A 184 -4.97 -16.58 -11.74
N LEU A 185 -4.76 -16.35 -10.45
CA LEU A 185 -5.61 -17.05 -9.49
C LEU A 185 -7.01 -16.45 -9.41
N CYS A 186 -7.11 -15.13 -9.40
CA CYS A 186 -8.44 -14.53 -9.41
C CYS A 186 -9.20 -14.93 -10.66
N PHE A 187 -8.52 -14.97 -11.79
CA PHE A 187 -9.19 -15.38 -13.01
C PHE A 187 -9.61 -16.83 -12.95
N TYR A 188 -8.79 -17.69 -12.35
CA TYR A 188 -9.17 -19.09 -12.23
C TYR A 188 -10.41 -19.26 -11.37
N LEU A 189 -10.46 -18.55 -10.24
CA LEU A 189 -11.64 -18.68 -9.40
C LEU A 189 -12.87 -18.14 -10.12
N GLY A 190 -12.73 -17.03 -10.83
CA GLY A 190 -13.85 -16.53 -11.59
C GLY A 190 -14.34 -17.53 -12.61
N THR A 191 -13.44 -18.21 -13.29
CA THR A 191 -13.88 -19.15 -14.30
C THR A 191 -14.59 -20.35 -13.70
N THR A 192 -14.07 -20.87 -12.60
CA THR A 192 -14.76 -22.04 -12.04
C THR A 192 -16.13 -21.68 -11.49
N PHE A 193 -16.25 -20.51 -10.85
CA PHE A 193 -17.59 -20.13 -10.41
C PHE A 193 -18.52 -19.84 -11.58
N ALA A 194 -17.98 -19.40 -12.71
CA ALA A 194 -18.85 -19.22 -13.87
C ALA A 194 -19.37 -20.56 -14.33
N ALA A 195 -18.55 -21.59 -14.27
CA ALA A 195 -19.06 -22.92 -14.58
C ALA A 195 -20.18 -23.30 -13.63
N ALA A 196 -20.00 -23.02 -12.34
CA ALA A 196 -21.05 -23.32 -11.38
C ALA A 196 -22.35 -22.60 -11.73
N MET A 197 -22.26 -21.32 -12.08
CA MET A 197 -23.46 -20.55 -12.38
C MET A 197 -24.17 -21.08 -13.61
N TYR A 198 -23.42 -21.48 -14.64
CA TYR A 198 -24.08 -22.01 -15.81
C TYR A 198 -24.80 -23.31 -15.49
N ILE A 199 -24.21 -24.15 -14.64
CA ILE A 199 -24.93 -25.37 -14.28
C ILE A 199 -26.21 -25.04 -13.53
N LEU A 200 -26.15 -24.07 -12.62
CA LEU A 200 -27.37 -23.68 -11.92
C LEU A 200 -28.42 -23.19 -12.89
N GLY A 201 -28.02 -22.43 -13.89
CA GLY A 201 -28.99 -21.94 -14.86
C GLY A 201 -29.63 -23.08 -15.63
N ALA A 202 -28.82 -24.05 -16.05
CA ALA A 202 -29.40 -25.18 -16.78
C ALA A 202 -30.36 -25.97 -15.91
N ILE A 203 -30.04 -26.16 -14.64
CA ILE A 203 -30.98 -26.87 -13.77
C ILE A 203 -32.27 -26.09 -13.61
N GLU A 204 -32.17 -24.78 -13.37
CA GLU A 204 -33.40 -24.01 -13.21
C GLU A 204 -34.25 -24.06 -14.46
N ILE A 205 -33.65 -23.96 -15.64
CA ILE A 205 -34.48 -24.02 -16.84
C ILE A 205 -35.03 -25.42 -17.04
N LEU A 206 -34.42 -26.44 -16.45
CA LEU A 206 -35.00 -27.75 -16.68
C LEU A 206 -36.16 -28.00 -15.74
N LEU A 207 -36.07 -27.53 -14.51
CA LEU A 207 -37.08 -27.87 -13.52
C LEU A 207 -38.27 -26.94 -13.51
N THR A 208 -38.24 -25.82 -14.22
CA THR A 208 -39.31 -24.86 -14.11
C THR A 208 -40.20 -24.76 -15.33
N TYR A 209 -39.65 -24.81 -16.54
CA TYR A 209 -40.46 -24.67 -17.74
C TYR A 209 -40.54 -25.93 -18.56
N ILE A 210 -39.42 -26.61 -18.78
CA ILE A 210 -39.40 -27.76 -19.66
C ILE A 210 -40.28 -28.88 -19.11
N ALA A 211 -40.01 -29.30 -17.89
CA ALA A 211 -40.75 -30.39 -17.27
C ALA A 211 -40.79 -30.22 -15.77
N PRO A 212 -41.91 -29.76 -15.23
CA PRO A 212 -42.05 -29.62 -13.79
C PRO A 212 -42.41 -30.91 -13.06
N PRO A 213 -43.03 -31.94 -13.68
CA PRO A 213 -43.34 -33.14 -12.89
C PRO A 213 -42.12 -33.79 -12.29
N ALA A 214 -41.01 -33.79 -13.01
CA ALA A 214 -39.77 -34.43 -12.56
C ALA A 214 -39.06 -33.51 -11.57
N ALA A 215 -39.68 -33.39 -10.40
CA ALA A 215 -39.16 -32.62 -9.28
C ALA A 215 -39.34 -33.47 -8.04
N ILE A 216 -38.22 -33.90 -7.44
CA ILE A 216 -38.27 -34.81 -6.29
C ILE A 216 -38.98 -34.18 -5.09
N PHE A 217 -38.67 -32.94 -4.77
CA PHE A 217 -39.21 -32.31 -3.57
C PHE A 217 -40.24 -31.27 -3.96
N TYR A 218 -41.39 -31.32 -3.31
CA TYR A 218 -42.47 -30.37 -3.57
C TYR A 218 -43.48 -30.31 -2.42
N SER A 226 -39.80 -21.97 -0.19
CA SER A 226 -39.50 -23.09 0.71
C SER A 226 -38.13 -23.67 0.42
N ASN A 227 -37.87 -24.85 0.99
CA ASN A 227 -36.58 -25.50 0.84
C ASN A 227 -36.63 -26.70 -0.09
N ALA A 228 -37.82 -27.11 -0.54
CA ALA A 228 -37.91 -28.19 -1.50
C ALA A 228 -37.24 -27.81 -2.82
N THR A 229 -37.42 -26.57 -3.25
CA THR A 229 -36.75 -26.12 -4.46
C THR A 229 -35.23 -26.15 -4.29
N LEU A 230 -34.72 -25.72 -3.13
CA LEU A 230 -33.28 -25.73 -2.91
C LEU A 230 -32.75 -27.14 -2.90
N ASN A 231 -33.48 -28.08 -2.30
CA ASN A 231 -32.98 -29.44 -2.26
C ASN A 231 -32.99 -30.07 -3.65
N ASN A 232 -34.03 -29.79 -4.44
CA ASN A 232 -34.04 -30.27 -5.81
C ASN A 232 -32.87 -29.70 -6.59
N MET A 233 -32.61 -28.40 -6.42
CA MET A 233 -31.50 -27.77 -7.11
C MET A 233 -30.17 -28.38 -6.69
N ARG A 234 -29.98 -28.60 -5.40
CA ARG A 234 -28.71 -29.18 -4.95
C ARG A 234 -28.47 -30.55 -5.56
N VAL A 235 -29.46 -31.44 -5.45
CA VAL A 235 -29.27 -32.80 -5.96
C VAL A 235 -29.01 -32.77 -7.45
N TYR A 236 -29.86 -32.08 -8.21
CA TYR A 236 -29.70 -32.12 -9.65
C TYR A 236 -28.43 -31.43 -10.10
N GLY A 237 -28.01 -30.38 -9.41
CA GLY A 237 -26.77 -29.74 -9.78
C GLY A 237 -25.57 -30.63 -9.52
N THR A 238 -25.60 -31.38 -8.42
CA THR A 238 -24.50 -32.31 -8.18
C THR A 238 -24.45 -33.40 -9.25
N ILE A 239 -25.61 -33.94 -9.63
CA ILE A 239 -25.59 -34.97 -10.67
C ILE A 239 -25.04 -34.41 -11.96
N PHE A 240 -25.49 -33.22 -12.36
CA PHE A 240 -24.98 -32.63 -13.59
C PHE A 240 -23.50 -32.35 -13.51
N LEU A 241 -23.02 -31.83 -12.38
CA LEU A 241 -21.60 -31.52 -12.29
C LEU A 241 -20.78 -32.79 -12.43
N THR A 242 -21.20 -33.87 -11.80
CA THR A 242 -20.48 -35.14 -11.95
C THR A 242 -20.45 -35.58 -13.41
N PHE A 243 -21.61 -35.58 -14.06
CA PHE A 243 -21.64 -36.08 -15.43
C PHE A 243 -20.82 -35.19 -16.35
N MET A 244 -20.85 -33.88 -16.12
CA MET A 244 -20.08 -32.98 -16.97
C MET A 244 -18.59 -33.17 -16.73
N THR A 245 -18.20 -33.43 -15.48
CA THR A 245 -16.79 -33.69 -15.23
C THR A 245 -16.33 -34.92 -15.96
N LEU A 246 -17.14 -35.98 -15.97
CA LEU A 246 -16.70 -37.17 -16.69
C LEU A 246 -16.60 -36.91 -18.18
N VAL A 247 -17.58 -36.20 -18.74
CA VAL A 247 -17.53 -35.90 -20.16
C VAL A 247 -16.29 -35.09 -20.50
N VAL A 248 -16.01 -34.06 -19.70
CA VAL A 248 -14.83 -33.24 -19.95
C VAL A 248 -13.58 -34.06 -19.81
N PHE A 249 -13.60 -35.06 -18.93
CA PHE A 249 -12.44 -35.92 -18.78
C PHE A 249 -12.17 -36.75 -20.02
N VAL A 250 -13.22 -37.25 -20.67
CA VAL A 250 -13.03 -38.21 -21.76
C VAL A 250 -13.07 -37.55 -23.14
N GLY A 251 -13.89 -36.53 -23.35
CA GLY A 251 -14.18 -36.12 -24.70
C GLY A 251 -13.90 -34.69 -25.11
N VAL A 252 -12.76 -34.14 -24.70
CA VAL A 252 -12.44 -32.76 -25.02
C VAL A 252 -12.50 -32.50 -26.52
N LYS A 253 -12.11 -33.49 -27.31
CA LYS A 253 -12.04 -33.29 -28.76
C LYS A 253 -13.42 -33.00 -29.35
N TYR A 254 -14.44 -33.73 -28.93
CA TYR A 254 -15.76 -33.49 -29.48
C TYR A 254 -16.27 -32.12 -29.07
N VAL A 255 -15.90 -31.66 -27.88
CA VAL A 255 -16.27 -30.33 -27.44
C VAL A 255 -15.63 -29.29 -28.36
N ASN A 256 -14.35 -29.45 -28.65
CA ASN A 256 -13.69 -28.49 -29.52
C ASN A 256 -14.28 -28.53 -30.91
N LYS A 257 -14.84 -29.68 -31.31
CA LYS A 257 -15.49 -29.74 -32.61
C LYS A 257 -16.82 -28.99 -32.58
N PHE A 258 -17.62 -29.22 -31.55
CA PHE A 258 -18.98 -28.70 -31.48
C PHE A 258 -19.06 -27.28 -30.94
N ALA A 259 -17.94 -26.63 -30.68
CA ALA A 259 -18.01 -25.28 -30.09
C ALA A 259 -18.76 -24.26 -30.97
N SER A 260 -18.77 -24.42 -32.29
CA SER A 260 -19.52 -23.48 -33.12
C SER A 260 -21.03 -23.55 -32.88
N LEU A 261 -21.54 -24.73 -32.56
CA LEU A 261 -22.98 -24.91 -32.43
C LEU A 261 -23.58 -24.00 -31.39
N PHE A 262 -22.87 -23.83 -30.27
CA PHE A 262 -23.43 -23.03 -29.18
C PHE A 262 -23.62 -21.59 -29.62
N LEU A 263 -22.68 -21.05 -30.40
CA LEU A 263 -22.86 -19.70 -30.90
C LEU A 263 -24.02 -19.65 -31.89
N ALA A 264 -24.18 -20.69 -32.70
CA ALA A 264 -25.31 -20.68 -33.62
C ALA A 264 -26.62 -20.60 -32.85
N CYS A 265 -26.72 -21.37 -31.76
CA CYS A 265 -27.94 -21.34 -30.97
C CYS A 265 -28.19 -19.96 -30.36
N VAL A 266 -27.14 -19.34 -29.83
CA VAL A 266 -27.32 -18.02 -29.23
C VAL A 266 -27.81 -17.02 -30.26
N ILE A 267 -27.21 -17.02 -31.44
CA ILE A 267 -27.61 -16.04 -32.44
C ILE A 267 -29.05 -16.26 -32.90
N ILE A 268 -29.44 -17.51 -33.09
CA ILE A 268 -30.82 -17.75 -33.50
C ILE A 268 -31.78 -17.32 -32.41
N SER A 269 -31.43 -17.53 -31.15
CA SER A 269 -32.31 -17.11 -30.07
C SER A 269 -32.52 -15.60 -30.11
N ILE A 270 -31.44 -14.83 -30.23
CA ILE A 270 -31.61 -13.38 -30.22
C ILE A 270 -32.39 -12.90 -31.43
N LEU A 271 -32.11 -13.48 -32.60
CA LEU A 271 -32.89 -13.08 -33.76
C LEU A 271 -34.37 -13.37 -33.55
N SER A 272 -34.69 -14.49 -32.91
CA SER A 272 -36.10 -14.79 -32.68
C SER A 272 -36.73 -13.77 -31.75
N ILE A 273 -36.00 -13.33 -30.72
CA ILE A 273 -36.54 -12.32 -29.83
C ILE A 273 -36.88 -11.05 -30.60
N TYR A 274 -35.96 -10.60 -31.43
CA TYR A 274 -36.22 -9.34 -32.12
C TYR A 274 -37.35 -9.50 -33.14
N ALA A 275 -37.44 -10.66 -33.78
CA ALA A 275 -38.55 -10.89 -34.67
C ALA A 275 -39.86 -10.82 -33.91
N GLY A 276 -39.89 -11.38 -32.71
CA GLY A 276 -41.12 -11.30 -31.93
C GLY A 276 -41.51 -9.88 -31.59
N GLY A 277 -40.52 -9.05 -31.24
CA GLY A 277 -40.85 -7.66 -30.95
C GLY A 277 -41.42 -6.94 -32.16
N ILE A 278 -40.73 -7.07 -33.30
CA ILE A 278 -41.20 -6.40 -34.52
C ILE A 278 -42.57 -6.91 -34.91
N LYS A 279 -42.87 -8.18 -34.64
CA LYS A 279 -44.22 -8.66 -34.92
C LYS A 279 -45.20 -8.14 -33.90
N SER A 280 -44.71 -7.76 -32.72
CA SER A 280 -45.57 -7.20 -31.71
C SER A 280 -46.04 -5.83 -32.11
N ILE A 281 -45.20 -5.09 -32.84
CA ILE A 281 -45.50 -3.68 -33.10
C ILE A 281 -46.84 -3.51 -33.82
N PHE A 282 -47.15 -4.36 -34.79
CA PHE A 282 -48.40 -4.16 -35.51
C PHE A 282 -49.46 -5.21 -35.24
N ASP A 283 -49.10 -6.35 -34.70
CA ASP A 283 -50.10 -7.37 -34.39
C ASP A 283 -49.56 -8.27 -33.28
N PRO A 284 -49.85 -7.96 -32.03
CA PRO A 284 -49.19 -8.64 -30.93
C PRO A 284 -49.83 -9.98 -30.65
N PRO A 285 -49.21 -10.79 -29.81
CA PRO A 285 -49.78 -12.08 -29.42
C PRO A 285 -50.78 -11.89 -28.29
N VAL A 286 -51.41 -13.00 -27.90
CA VAL A 286 -52.42 -13.01 -26.86
C VAL A 286 -51.93 -13.80 -25.65
N PHE A 287 -51.89 -13.13 -24.50
CA PHE A 287 -51.50 -13.77 -23.24
C PHE A 287 -52.20 -13.07 -22.10
N PRO A 288 -53.47 -13.40 -21.87
CA PRO A 288 -54.23 -12.69 -20.85
C PRO A 288 -53.72 -13.03 -19.45
N VAL A 289 -53.46 -12.00 -18.67
CA VAL A 289 -53.10 -12.14 -17.27
C VAL A 289 -54.27 -11.59 -16.46
N CYS A 290 -54.65 -12.29 -15.41
CA CYS A 290 -55.83 -11.95 -14.63
C CYS A 290 -55.43 -11.09 -13.44
N MET A 291 -56.35 -10.24 -13.00
CA MET A 291 -56.06 -9.23 -11.99
C MET A 291 -57.15 -9.22 -10.93
N LEU A 292 -56.76 -8.81 -9.73
CA LEU A 292 -57.67 -8.66 -8.59
C LEU A 292 -57.45 -7.31 -7.94
N GLY A 293 -58.27 -6.33 -8.29
CA GLY A 293 -58.09 -5.00 -7.75
C GLY A 293 -56.83 -4.44 -8.36
N ASN A 294 -55.73 -4.56 -7.64
CA ASN A 294 -54.47 -4.13 -8.20
C ASN A 294 -53.35 -5.07 -7.77
N ARG A 295 -53.67 -6.36 -7.62
CA ARG A 295 -52.72 -7.42 -7.32
C ARG A 295 -52.60 -8.33 -8.54
N THR A 296 -51.80 -9.39 -8.42
CA THR A 296 -51.54 -10.28 -9.54
C THR A 296 -51.72 -11.75 -9.15
N LEU A 297 -52.70 -12.39 -9.77
CA LEU A 297 -53.01 -13.79 -9.49
C LEU A 297 -52.18 -14.74 -10.32
N SER A 298 -51.78 -15.86 -9.71
CA SER A 298 -51.11 -16.93 -10.44
C SER A 298 -52.13 -17.65 -11.30
N ARG A 299 -52.01 -17.53 -12.61
CA ARG A 299 -52.99 -18.11 -13.52
C ARG A 299 -52.90 -19.62 -13.63
N ASP A 300 -52.01 -20.27 -12.88
CA ASP A 300 -51.82 -21.70 -13.08
C ASP A 300 -53.04 -22.51 -12.63
N GLN A 301 -53.58 -22.23 -11.44
CA GLN A 301 -54.65 -23.07 -10.90
C GLN A 301 -56.00 -22.82 -11.58
N PHE A 302 -56.45 -21.59 -11.64
CA PHE A 302 -57.83 -21.33 -12.07
C PHE A 302 -58.05 -21.75 -13.50
N ASP A 303 -59.28 -22.20 -13.77
CA ASP A 303 -59.66 -22.51 -15.14
C ASP A 303 -59.86 -21.22 -15.93
N ILE A 304 -60.64 -20.29 -15.37
CA ILE A 304 -60.91 -18.99 -16.00
C ILE A 304 -61.02 -17.97 -14.88
N CYS A 305 -60.61 -16.74 -15.17
CA CYS A 305 -60.70 -15.69 -14.16
C CYS A 305 -62.02 -14.97 -14.32
N ALA A 306 -62.99 -15.43 -13.55
CA ALA A 306 -64.32 -14.84 -13.50
C ALA A 306 -64.97 -15.35 -12.22
N LYS A 307 -65.59 -14.45 -11.48
CA LYS A 307 -66.14 -14.83 -10.18
C LYS A 307 -67.22 -15.90 -10.32
N THR A 308 -68.03 -15.81 -11.37
CA THR A 308 -69.14 -16.72 -11.56
C THR A 308 -69.28 -17.05 -13.03
N ALA A 309 -69.75 -18.27 -13.29
CA ALA A 309 -69.99 -18.73 -14.64
C ALA A 309 -71.40 -19.28 -14.75
N VAL A 310 -71.92 -19.28 -15.96
CA VAL A 310 -73.30 -19.67 -16.24
C VAL A 310 -73.30 -21.10 -16.79
N VAL A 311 -73.80 -22.02 -15.98
CA VAL A 311 -73.88 -23.43 -16.36
C VAL A 311 -75.32 -23.89 -16.16
N ASP A 312 -75.87 -24.54 -17.18
CA ASP A 312 -77.25 -25.04 -17.15
C ASP A 312 -78.24 -23.90 -16.85
N ASN A 313 -78.15 -22.84 -17.64
CA ASN A 313 -79.07 -21.71 -17.59
C ASN A 313 -78.96 -20.92 -16.30
N GLU A 314 -77.89 -21.11 -15.52
CA GLU A 314 -77.76 -20.43 -14.24
C GLU A 314 -76.29 -20.27 -13.86
N THR A 315 -76.05 -19.34 -12.95
CA THR A 315 -74.71 -19.00 -12.50
C THR A 315 -74.25 -19.88 -11.35
N VAL A 316 -72.95 -20.20 -11.36
CA VAL A 316 -72.37 -21.03 -10.32
C VAL A 316 -70.95 -20.56 -10.04
N ALA A 317 -70.53 -20.72 -8.78
CA ALA A 317 -69.20 -20.30 -8.38
C ALA A 317 -68.13 -21.07 -9.14
N THR A 318 -67.07 -20.38 -9.52
CA THR A 318 -65.98 -20.96 -10.28
C THR A 318 -64.87 -21.41 -9.33
N GLN A 319 -63.85 -22.04 -9.90
CA GLN A 319 -62.75 -22.52 -9.08
C GLN A 319 -62.07 -21.37 -8.34
N LEU A 320 -62.05 -20.18 -8.94
CA LEU A 320 -61.49 -19.04 -8.26
C LEU A 320 -62.24 -18.73 -6.97
N TRP A 321 -63.57 -18.85 -7.01
CA TRP A 321 -64.35 -18.62 -5.80
C TRP A 321 -63.98 -19.62 -4.71
N SER A 322 -63.99 -20.91 -5.05
CA SER A 322 -63.66 -21.93 -4.08
C SER A 322 -62.24 -21.81 -3.57
N PHE A 323 -61.34 -21.26 -4.38
CA PHE A 323 -59.97 -21.10 -3.96
C PHE A 323 -59.80 -19.90 -3.03
N PHE A 324 -60.53 -18.82 -3.29
CA PHE A 324 -60.43 -17.68 -2.40
C PHE A 324 -61.41 -17.78 -1.26
N CYS A 325 -62.61 -18.30 -1.54
CA CYS A 325 -63.59 -18.51 -0.49
C CYS A 325 -63.83 -19.99 -0.32
N HIS A 326 -63.73 -20.47 0.92
CA HIS A 326 -63.86 -21.91 1.14
C HIS A 326 -65.28 -22.41 0.94
N SER A 327 -66.23 -21.53 0.89
CA SER A 327 -67.60 -21.98 0.72
C SER A 327 -67.90 -22.16 -0.76
N PRO A 328 -68.49 -23.29 -1.14
CA PRO A 328 -68.90 -23.49 -2.54
C PRO A 328 -70.30 -23.00 -2.85
N ASN A 329 -70.87 -22.19 -1.96
CA ASN A 329 -72.19 -21.60 -2.14
C ASN A 329 -72.07 -20.09 -2.12
N LEU A 330 -72.73 -19.44 -3.08
CA LEU A 330 -72.66 -17.98 -3.17
C LEU A 330 -73.17 -17.34 -1.89
N THR A 331 -74.18 -17.95 -1.26
CA THR A 331 -74.80 -17.39 -0.07
C THR A 331 -73.88 -17.62 1.13
N THR A 332 -72.80 -16.84 1.16
CA THR A 332 -71.87 -16.89 2.27
C THR A 332 -71.27 -15.52 2.46
N ASP A 333 -70.95 -15.20 3.71
CA ASP A 333 -70.36 -13.93 4.08
C ASP A 333 -69.27 -14.13 5.12
N SER A 334 -68.35 -15.04 4.85
CA SER A 334 -67.27 -15.33 5.78
C SER A 334 -65.93 -15.27 5.07
N CYS A 335 -65.86 -14.53 3.98
CA CYS A 335 -64.63 -14.44 3.21
C CYS A 335 -63.90 -13.14 3.49
N ASP A 336 -62.68 -13.04 2.94
CA ASP A 336 -61.89 -11.84 3.17
C ASP A 336 -62.52 -10.65 2.48
N PRO A 337 -62.35 -9.45 3.03
CA PRO A 337 -62.98 -8.27 2.43
C PRO A 337 -62.40 -7.86 1.09
N TYR A 338 -61.14 -8.19 0.83
CA TYR A 338 -60.54 -7.71 -0.41
C TYR A 338 -61.13 -8.40 -1.62
N PHE A 339 -61.53 -9.65 -1.49
CA PHE A 339 -62.07 -10.33 -2.65
C PHE A 339 -63.43 -9.74 -3.04
N MET A 340 -64.32 -9.56 -2.07
CA MET A 340 -65.64 -9.05 -2.41
C MET A 340 -65.62 -7.57 -2.73
N LEU A 341 -64.68 -6.82 -2.17
CA LEU A 341 -64.72 -5.37 -2.38
C LEU A 341 -64.23 -4.98 -3.77
N ASN A 342 -63.32 -5.74 -4.36
CA ASN A 342 -62.72 -5.43 -5.65
C ASN A 342 -63.14 -6.42 -6.73
N ASN A 343 -63.13 -5.95 -7.97
CA ASN A 343 -63.50 -6.75 -9.11
C ASN A 343 -62.29 -7.53 -9.62
N VAL A 344 -62.50 -8.32 -10.66
CA VAL A 344 -61.44 -9.09 -11.31
C VAL A 344 -61.37 -8.61 -12.75
N THR A 345 -60.18 -8.31 -13.21
CA THR A 345 -60.01 -7.80 -14.56
C THR A 345 -59.07 -8.72 -15.32
N GLU A 346 -59.08 -8.58 -16.64
CA GLU A 346 -58.25 -9.40 -17.50
C GLU A 346 -57.60 -8.48 -18.53
N ILE A 347 -56.43 -7.96 -18.19
CA ILE A 347 -55.73 -7.02 -19.05
C ILE A 347 -54.82 -7.81 -19.98
N PRO A 348 -54.56 -7.32 -21.19
CA PRO A 348 -53.62 -8.03 -22.06
C PRO A 348 -52.22 -7.88 -21.54
N GLY A 349 -51.46 -8.97 -21.59
CA GLY A 349 -50.13 -8.97 -21.02
C GLY A 349 -49.09 -8.51 -22.00
N ILE A 350 -49.39 -8.67 -23.28
CA ILE A 350 -48.46 -8.23 -24.32
C ILE A 350 -49.14 -7.12 -25.10
N PRO A 351 -49.05 -5.88 -24.64
CA PRO A 351 -49.61 -4.78 -25.40
C PRO A 351 -48.64 -4.40 -26.49
N GLY A 352 -49.17 -4.18 -27.70
CA GLY A 352 -48.30 -3.90 -28.82
C GLY A 352 -47.50 -2.63 -28.59
N ALA A 353 -46.33 -2.58 -29.23
CA ALA A 353 -45.39 -1.48 -29.01
C ALA A 353 -46.10 -0.14 -29.10
N ALA A 354 -45.89 0.68 -28.09
CA ALA A 354 -46.49 2.00 -28.04
C ALA A 354 -45.72 2.83 -27.03
N ALA A 355 -46.02 4.12 -27.02
CA ALA A 355 -45.35 5.02 -26.10
C ALA A 355 -46.08 5.13 -24.77
N GLY A 356 -47.24 4.50 -24.64
CA GLY A 356 -47.94 4.56 -23.37
C GLY A 356 -47.41 3.58 -22.37
N VAL A 357 -46.94 2.42 -22.82
CA VAL A 357 -46.42 1.45 -21.87
C VAL A 357 -45.03 1.86 -21.44
N LEU A 358 -44.20 2.30 -22.39
CA LEU A 358 -42.86 2.76 -22.05
C LEU A 358 -42.92 4.00 -21.20
N GLN A 359 -44.05 4.71 -21.23
CA GLN A 359 -44.21 5.83 -20.32
C GLN A 359 -44.59 5.34 -18.94
N GLU A 360 -45.34 4.23 -18.86
CA GLU A 360 -45.74 3.71 -17.56
C GLU A 360 -44.54 3.17 -16.79
N ASN A 361 -43.86 2.16 -17.34
CA ASN A 361 -42.76 1.53 -16.61
C ASN A 361 -41.49 2.27 -16.96
N LEU A 362 -41.33 3.42 -16.34
CA LEU A 362 -40.18 4.26 -16.59
C LEU A 362 -39.51 4.68 -15.30
N TRP A 363 -40.14 4.48 -14.16
CA TRP A 363 -39.55 4.83 -12.88
C TRP A 363 -39.42 3.59 -12.02
N SER A 364 -38.45 3.61 -11.12
CA SER A 364 -38.10 2.43 -10.35
C SER A 364 -39.29 1.92 -9.55
N ALA A 365 -39.29 0.62 -9.28
CA ALA A 365 -40.36 0.00 -8.51
C ALA A 365 -39.79 -1.03 -7.54
N TYR A 366 -38.74 -0.66 -6.82
CA TYR A 366 -38.10 -1.60 -5.90
C TYR A 366 -39.08 -2.10 -4.85
N LEU A 367 -39.37 -3.39 -4.88
CA LEU A 367 -40.25 -3.97 -3.88
C LEU A 367 -39.43 -4.51 -2.72
N GLU A 368 -40.13 -5.09 -1.75
CA GLU A 368 -39.50 -5.71 -0.61
C GLU A 368 -39.82 -7.19 -0.58
N LYS A 369 -39.13 -7.90 0.30
CA LYS A 369 -39.30 -9.34 0.42
C LYS A 369 -40.68 -9.68 0.94
N GLY A 370 -41.44 -10.45 0.16
CA GLY A 370 -42.75 -10.87 0.55
C GLY A 370 -43.88 -9.98 0.10
N ASP A 371 -43.59 -8.83 -0.48
CA ASP A 371 -44.66 -7.94 -0.92
C ASP A 371 -45.36 -8.52 -2.14
N ILE A 372 -46.40 -7.82 -2.57
CA ILE A 372 -47.24 -8.24 -3.68
C ILE A 372 -46.98 -7.33 -4.86
N VAL A 373 -46.93 -7.92 -6.05
CA VAL A 373 -46.69 -7.20 -7.30
C VAL A 373 -47.96 -6.47 -7.72
N GLU A 374 -47.93 -5.14 -7.70
CA GLU A 374 -49.12 -4.32 -7.92
C GLU A 374 -49.01 -3.52 -9.20
N LYS A 375 -50.13 -3.36 -9.90
CA LYS A 375 -50.19 -2.63 -11.16
C LYS A 375 -50.61 -1.20 -10.87
N HIS A 376 -49.63 -0.29 -10.79
CA HIS A 376 -49.93 1.10 -10.46
C HIS A 376 -50.80 1.75 -11.52
N GLY A 377 -52.01 2.15 -11.13
CA GLY A 377 -52.88 2.79 -12.08
C GLY A 377 -54.20 2.08 -12.26
N LEU A 378 -54.65 1.38 -11.22
CA LEU A 378 -55.92 0.69 -11.27
C LEU A 378 -56.72 0.97 -10.01
N PRO A 379 -58.04 1.02 -10.10
CA PRO A 379 -58.85 1.34 -8.91
C PRO A 379 -58.76 0.21 -7.89
N SER A 380 -58.44 0.58 -6.66
CA SER A 380 -58.27 -0.40 -5.59
C SER A 380 -58.78 0.18 -4.28
N ALA A 381 -59.76 -0.49 -3.67
CA ALA A 381 -60.27 -0.11 -2.36
C ALA A 381 -59.69 -1.07 -1.33
N ASP A 382 -58.84 -0.55 -0.45
CA ASP A 382 -58.10 -1.39 0.47
C ASP A 382 -59.03 -2.04 1.49
N ALA A 383 -58.54 -3.11 2.09
CA ALA A 383 -59.30 -3.88 3.06
C ALA A 383 -58.37 -4.95 3.64
N PRO A 384 -58.68 -5.47 4.82
CA PRO A 384 -57.88 -6.56 5.37
C PRO A 384 -58.02 -7.82 4.52
N SER A 385 -57.19 -8.81 4.85
CA SER A 385 -57.19 -10.06 4.11
C SER A 385 -56.76 -11.20 5.02
N LEU A 386 -57.12 -12.41 4.63
CA LEU A 386 -56.81 -13.59 5.41
C LEU A 386 -55.34 -13.97 5.23
N LYS A 387 -54.92 -15.02 5.92
CA LYS A 387 -53.56 -15.51 5.81
C LYS A 387 -53.47 -16.81 5.02
N GLU A 388 -54.59 -17.35 4.57
CA GLU A 388 -54.64 -18.50 3.68
C GLU A 388 -54.75 -18.11 2.22
N SER A 389 -54.59 -16.83 1.91
CA SER A 389 -54.66 -16.37 0.54
C SER A 389 -53.31 -16.12 -0.09
N LEU A 390 -52.28 -15.95 0.71
CA LEU A 390 -50.94 -15.67 0.21
C LEU A 390 -50.45 -16.69 -0.82
N PRO A 391 -50.81 -17.97 -0.74
CA PRO A 391 -50.39 -18.89 -1.80
C PRO A 391 -51.04 -18.61 -3.14
N LEU A 392 -51.86 -17.58 -3.28
CA LEU A 392 -52.52 -17.31 -4.54
C LEU A 392 -52.06 -16.03 -5.23
N TYR A 393 -51.36 -15.14 -4.54
CA TYR A 393 -50.77 -14.00 -5.19
C TYR A 393 -49.34 -14.31 -5.59
N VAL A 394 -48.86 -13.62 -6.60
CA VAL A 394 -47.45 -13.70 -6.94
C VAL A 394 -46.67 -12.87 -5.95
N VAL A 395 -45.50 -13.36 -5.56
CA VAL A 395 -44.75 -12.75 -4.47
C VAL A 395 -43.36 -12.40 -4.96
N ALA A 396 -42.83 -11.32 -4.42
CA ALA A 396 -41.44 -10.97 -4.67
C ALA A 396 -40.54 -11.90 -3.88
N ASP A 397 -39.51 -12.45 -4.52
CA ASP A 397 -38.73 -13.50 -3.89
C ASP A 397 -37.61 -12.97 -3.02
N ILE A 398 -36.87 -11.95 -3.47
CA ILE A 398 -35.77 -11.41 -2.68
C ILE A 398 -35.91 -9.90 -2.63
N ALA A 399 -35.30 -9.32 -1.60
CA ALA A 399 -35.30 -7.88 -1.48
C ALA A 399 -34.50 -7.28 -2.62
N THR A 400 -35.08 -6.28 -3.28
CA THR A 400 -34.47 -5.67 -4.44
C THR A 400 -34.01 -4.27 -4.11
N SER A 401 -32.90 -3.88 -4.70
CA SER A 401 -32.33 -2.56 -4.50
C SER A 401 -31.60 -2.19 -5.77
N PHE A 402 -30.71 -1.21 -5.68
CA PHE A 402 -29.87 -0.92 -6.83
C PHE A 402 -28.59 -1.73 -6.81
N THR A 403 -27.96 -1.84 -5.64
CA THR A 403 -26.71 -2.58 -5.57
C THR A 403 -26.91 -4.04 -5.89
N VAL A 404 -28.04 -4.60 -5.51
CA VAL A 404 -28.32 -5.99 -5.83
C VAL A 404 -28.34 -6.17 -7.34
N LEU A 405 -28.98 -5.24 -8.05
CA LEU A 405 -29.04 -5.39 -9.50
C LEU A 405 -27.67 -5.22 -10.13
N VAL A 406 -26.84 -4.33 -9.61
CA VAL A 406 -25.48 -4.25 -10.16
C VAL A 406 -24.78 -5.58 -10.01
N GLY A 407 -24.85 -6.15 -8.80
CA GLY A 407 -24.16 -7.41 -8.57
C GLY A 407 -24.68 -8.54 -9.43
N ILE A 408 -26.00 -8.60 -9.62
CA ILE A 408 -26.52 -9.71 -10.42
C ILE A 408 -26.24 -9.51 -11.90
N PHE A 409 -26.19 -8.27 -12.36
CA PHE A 409 -26.00 -8.08 -13.78
C PHE A 409 -24.56 -8.17 -14.22
N PHE A 410 -23.60 -7.84 -13.37
CA PHE A 410 -22.23 -7.77 -13.85
C PHE A 410 -21.69 -9.03 -14.53
N PRO A 411 -22.01 -10.24 -14.12
CA PRO A 411 -21.41 -11.40 -14.77
C PRO A 411 -21.82 -11.63 -16.22
N SER A 412 -22.55 -10.70 -16.82
CA SER A 412 -22.92 -10.85 -18.22
C SER A 412 -22.06 -10.03 -19.15
N VAL A 413 -21.02 -9.37 -18.65
CA VAL A 413 -20.14 -8.60 -19.51
C VAL A 413 -18.71 -9.03 -19.30
N THR A 414 -18.50 -10.12 -18.60
CA THR A 414 -17.16 -10.61 -18.33
C THR A 414 -16.76 -11.64 -19.35
N GLY A 415 -15.46 -11.72 -19.61
CA GLY A 415 -14.96 -12.65 -20.59
C GLY A 415 -14.17 -11.99 -21.70
N ILE A 416 -13.72 -10.76 -21.48
CA ILE A 416 -12.97 -10.09 -22.53
C ILE A 416 -11.56 -10.62 -22.64
N MET A 417 -11.13 -11.44 -21.68
CA MET A 417 -9.81 -12.01 -21.74
C MET A 417 -9.82 -13.33 -22.48
N ALA A 418 -10.99 -13.77 -22.89
CA ALA A 418 -11.10 -15.00 -23.65
C ALA A 418 -10.84 -14.74 -25.11
N GLY A 419 -10.82 -13.47 -25.51
CA GLY A 419 -10.52 -13.14 -26.90
C GLY A 419 -9.05 -13.35 -27.21
N SER A 420 -8.18 -12.98 -26.28
CA SER A 420 -6.75 -13.18 -26.48
C SER A 420 -6.36 -14.58 -25.99
N ASN A 421 -6.97 -15.58 -26.60
CA ASN A 421 -6.82 -16.97 -26.17
C ASN A 421 -6.38 -17.86 -27.30
N ARG A 422 -6.27 -17.33 -28.50
CA ARG A 422 -5.74 -18.03 -29.65
C ARG A 422 -4.52 -17.27 -30.15
N SER A 423 -3.69 -16.82 -29.20
CA SER A 423 -2.53 -16.00 -29.51
C SER A 423 -1.61 -16.65 -30.54
N GLY A 424 -1.43 -17.95 -30.44
CA GLY A 424 -0.51 -18.62 -31.34
C GLY A 424 -0.99 -18.61 -32.78
N ASP A 425 -2.26 -18.84 -33.01
CA ASP A 425 -2.81 -18.94 -34.36
C ASP A 425 -3.37 -17.59 -34.82
N LEU A 426 -2.51 -16.59 -34.88
CA LEU A 426 -2.93 -15.28 -35.35
C LEU A 426 -1.96 -14.78 -36.41
N ARG A 427 -2.51 -14.03 -37.36
CA ARG A 427 -1.69 -13.49 -38.44
C ARG A 427 -0.75 -12.40 -37.93
N ASP A 428 -1.32 -11.31 -37.41
CA ASP A 428 -0.54 -10.20 -36.87
C ASP A 428 -1.25 -9.70 -35.61
N ALA A 429 -0.84 -10.23 -34.46
CA ALA A 429 -1.62 -10.02 -33.25
C ALA A 429 -1.68 -8.56 -32.83
N GLN A 430 -0.59 -7.81 -33.06
CA GLN A 430 -0.56 -6.41 -32.61
C GLN A 430 -1.68 -5.60 -33.22
N LYS A 431 -2.15 -5.98 -34.40
CA LYS A 431 -3.18 -5.22 -35.08
C LYS A 431 -4.51 -5.92 -35.05
N SER A 432 -4.56 -7.14 -34.55
CA SER A 432 -5.76 -7.97 -34.60
C SER A 432 -6.44 -8.17 -33.26
N ILE A 433 -5.72 -8.10 -32.16
CA ILE A 433 -6.37 -8.32 -30.87
C ILE A 433 -7.20 -7.12 -30.43
N PRO A 434 -6.65 -5.91 -30.39
CA PRO A 434 -7.44 -4.80 -29.84
C PRO A 434 -8.71 -4.54 -30.61
N VAL A 435 -8.64 -4.51 -31.94
CA VAL A 435 -9.84 -4.22 -32.72
C VAL A 435 -10.88 -5.30 -32.51
N GLY A 436 -10.46 -6.56 -32.42
CA GLY A 436 -11.43 -7.61 -32.20
C GLY A 436 -12.11 -7.49 -30.85
N THR A 437 -11.32 -7.29 -29.80
CA THR A 437 -11.92 -7.18 -28.47
C THR A 437 -12.87 -6.00 -28.40
N ILE A 438 -12.47 -4.84 -28.91
CA ILE A 438 -13.31 -3.67 -28.77
C ILE A 438 -14.58 -3.79 -29.61
N LEU A 439 -14.48 -4.43 -30.78
CA LEU A 439 -15.71 -4.62 -31.54
C LEU A 439 -16.65 -5.57 -30.83
N ALA A 440 -16.12 -6.61 -30.17
CA ALA A 440 -17.00 -7.49 -29.43
C ALA A 440 -17.70 -6.74 -28.30
N ILE A 441 -16.95 -5.90 -27.60
CA ILE A 441 -17.54 -5.13 -26.51
C ILE A 441 -18.65 -4.23 -27.04
N ILE A 442 -18.38 -3.52 -28.12
CA ILE A 442 -19.39 -2.59 -28.64
C ILE A 442 -20.64 -3.35 -29.08
N THR A 443 -20.48 -4.49 -29.73
CA THR A 443 -21.66 -5.23 -30.15
C THR A 443 -22.48 -5.68 -28.95
N THR A 444 -21.83 -6.20 -27.91
CA THR A 444 -22.59 -6.62 -26.75
C THR A 444 -23.30 -5.45 -26.10
N SER A 445 -22.63 -4.31 -26.01
CA SER A 445 -23.27 -3.19 -25.35
C SER A 445 -24.48 -2.71 -26.14
N LEU A 446 -24.39 -2.68 -27.45
CA LEU A 446 -25.54 -2.20 -28.21
C LEU A 446 -26.68 -3.20 -28.14
N VAL A 447 -26.38 -4.50 -28.14
CA VAL A 447 -27.47 -5.45 -28.04
C VAL A 447 -28.18 -5.31 -26.71
N TYR A 448 -27.44 -5.11 -25.62
CA TYR A 448 -28.10 -4.92 -24.34
C TYR A 448 -28.94 -3.65 -24.31
N PHE A 449 -28.41 -2.53 -24.81
CA PHE A 449 -29.20 -1.31 -24.80
C PHE A 449 -30.49 -1.49 -25.58
N SER A 450 -30.38 -2.00 -26.79
CA SER A 450 -31.57 -2.15 -27.61
C SER A 450 -32.56 -3.11 -26.97
N SER A 451 -32.09 -4.19 -26.35
CA SER A 451 -33.03 -5.13 -25.75
C SER A 451 -33.72 -4.53 -24.53
N VAL A 452 -33.00 -3.75 -23.74
CA VAL A 452 -33.63 -3.11 -22.59
C VAL A 452 -34.74 -2.19 -23.07
N VAL A 453 -34.45 -1.37 -24.08
CA VAL A 453 -35.49 -0.46 -24.55
C VAL A 453 -36.67 -1.23 -25.11
N LEU A 454 -36.40 -2.32 -25.82
CA LEU A 454 -37.51 -3.07 -26.41
C LEU A 454 -38.40 -3.67 -25.35
N PHE A 455 -37.82 -4.30 -24.32
CA PHE A 455 -38.65 -4.82 -23.24
C PHE A 455 -39.44 -3.72 -22.57
N GLY A 456 -38.76 -2.62 -22.24
CA GLY A 456 -39.46 -1.54 -21.58
C GLY A 456 -40.66 -1.06 -22.37
N ALA A 457 -40.53 -1.02 -23.69
CA ALA A 457 -41.58 -0.42 -24.50
C ALA A 457 -42.55 -1.44 -25.07
N CYS A 458 -42.37 -2.72 -24.82
CA CYS A 458 -43.26 -3.69 -25.43
C CYS A 458 -44.05 -4.56 -24.46
N ILE A 459 -43.67 -4.66 -23.20
CA ILE A 459 -44.32 -5.59 -22.30
C ILE A 459 -44.91 -4.85 -21.11
N GLU A 460 -45.98 -5.42 -20.57
CA GLU A 460 -46.66 -4.84 -19.44
C GLU A 460 -45.75 -4.77 -18.22
N GLY A 461 -45.95 -3.74 -17.41
CA GLY A 461 -45.14 -3.55 -16.22
C GLY A 461 -45.40 -4.51 -15.10
N VAL A 462 -46.40 -5.39 -15.21
CA VAL A 462 -46.72 -6.31 -14.15
C VAL A 462 -46.22 -7.72 -14.40
N VAL A 463 -45.99 -8.11 -15.65
CA VAL A 463 -45.48 -9.44 -15.90
C VAL A 463 -43.96 -9.48 -15.94
N LEU A 464 -43.29 -8.33 -15.93
CA LEU A 464 -41.85 -8.36 -15.83
C LEU A 464 -41.37 -8.76 -14.45
N ARG A 465 -42.17 -8.52 -13.43
CA ARG A 465 -41.73 -8.77 -12.07
C ARG A 465 -41.95 -10.21 -11.59
N ASP A 466 -42.54 -11.08 -12.40
CA ASP A 466 -42.64 -12.49 -12.03
C ASP A 466 -41.33 -13.20 -12.37
N LYS A 467 -40.50 -13.41 -11.36
CA LYS A 467 -39.19 -14.01 -11.60
C LYS A 467 -39.32 -15.37 -12.26
N TYR A 468 -40.36 -16.12 -11.95
CA TYR A 468 -40.55 -17.45 -12.52
C TYR A 468 -41.74 -17.49 -13.47
N GLY A 469 -42.18 -16.33 -13.95
CA GLY A 469 -43.27 -16.28 -14.89
C GLY A 469 -44.56 -16.88 -14.38
N ASP A 470 -45.08 -16.32 -13.29
CA ASP A 470 -46.30 -16.84 -12.72
C ASP A 470 -47.54 -16.20 -13.32
N GLY A 471 -47.49 -14.91 -13.64
CA GLY A 471 -48.64 -14.27 -14.26
C GLY A 471 -49.07 -14.95 -15.53
N VAL A 472 -48.14 -15.21 -16.43
CA VAL A 472 -48.44 -16.06 -17.56
C VAL A 472 -48.44 -17.51 -17.10
N SER A 473 -48.98 -18.38 -17.94
CA SER A 473 -49.21 -19.75 -17.52
C SER A 473 -47.91 -20.53 -17.44
N ARG A 474 -47.05 -20.14 -16.50
CA ARG A 474 -45.75 -20.78 -16.30
C ARG A 474 -44.98 -20.86 -17.62
N ASN A 475 -44.74 -19.69 -18.20
CA ASN A 475 -43.94 -19.57 -19.40
C ASN A 475 -42.70 -18.75 -19.13
N LEU A 476 -41.77 -18.81 -20.05
CA LEU A 476 -40.61 -17.94 -20.01
C LEU A 476 -41.09 -16.55 -20.38
N VAL A 477 -40.95 -15.60 -19.46
CA VAL A 477 -41.46 -14.25 -19.68
C VAL A 477 -40.90 -13.64 -20.96
N VAL A 478 -39.62 -13.84 -21.22
CA VAL A 478 -39.04 -13.34 -22.45
C VAL A 478 -39.47 -14.19 -23.64
N GLY A 479 -39.95 -15.40 -23.39
CA GLY A 479 -40.38 -16.21 -24.49
C GLY A 479 -41.77 -15.91 -25.00
N THR A 480 -42.51 -15.04 -24.32
CA THR A 480 -43.86 -14.73 -24.79
C THR A 480 -43.83 -14.03 -26.14
N LEU A 481 -42.89 -13.10 -26.33
CA LEU A 481 -42.69 -12.44 -27.62
C LEU A 481 -41.58 -13.15 -28.36
N ALA A 482 -41.95 -14.00 -29.32
CA ALA A 482 -40.99 -14.67 -30.17
C ALA A 482 -41.74 -15.19 -31.38
N TRP A 483 -41.21 -14.95 -32.57
CA TRP A 483 -42.03 -15.15 -33.77
C TRP A 483 -42.40 -16.61 -33.97
N PRO A 484 -41.46 -17.55 -34.12
CA PRO A 484 -41.87 -18.91 -34.46
C PRO A 484 -42.74 -19.55 -33.38
N SER A 485 -42.26 -19.58 -32.13
CA SER A 485 -42.99 -20.10 -31.00
C SER A 485 -42.19 -19.83 -29.73
N PRO A 486 -42.84 -19.74 -28.58
CA PRO A 486 -42.08 -19.57 -27.33
C PRO A 486 -41.18 -20.74 -27.00
N TRP A 487 -41.17 -21.78 -27.83
CA TRP A 487 -40.36 -22.95 -27.56
C TRP A 487 -38.94 -22.84 -28.05
N VAL A 488 -38.61 -21.84 -28.85
CA VAL A 488 -37.24 -21.77 -29.33
C VAL A 488 -36.31 -21.22 -28.28
N ILE A 489 -36.78 -20.28 -27.46
CA ILE A 489 -35.87 -19.69 -26.50
C ILE A 489 -35.55 -20.67 -25.39
N VAL A 490 -36.48 -21.53 -25.00
CA VAL A 490 -36.19 -22.45 -23.92
C VAL A 490 -35.07 -23.40 -24.30
N ILE A 491 -35.21 -24.08 -25.43
CA ILE A 491 -34.18 -25.01 -25.85
C ILE A 491 -32.89 -24.27 -26.17
N GLY A 492 -33.01 -23.09 -26.78
CA GLY A 492 -31.82 -22.32 -27.10
C GLY A 492 -31.02 -21.99 -25.86
N SER A 493 -31.68 -21.51 -24.82
CA SER A 493 -30.95 -21.18 -23.61
C SER A 493 -30.42 -22.42 -22.93
N PHE A 494 -31.14 -23.54 -23.02
CA PHE A 494 -30.62 -24.77 -22.42
C PHE A 494 -29.31 -25.19 -23.05
N PHE A 495 -29.28 -25.29 -24.37
CA PHE A 495 -28.05 -25.73 -25.02
C PHE A 495 -26.94 -24.71 -24.87
N SER A 496 -27.27 -23.42 -24.92
CA SER A 496 -26.24 -22.42 -24.72
C SER A 496 -25.62 -22.53 -23.33
N THR A 497 -26.43 -22.74 -22.31
CA THR A 497 -25.88 -22.84 -20.97
C THR A 497 -25.01 -24.07 -20.82
N CYS A 498 -25.45 -25.22 -21.35
CA CYS A 498 -24.60 -26.39 -21.26
C CYS A 498 -23.28 -26.16 -21.97
N GLY A 499 -23.32 -25.54 -23.15
CA GLY A 499 -22.08 -25.31 -23.87
C GLY A 499 -21.13 -24.35 -23.17
N ALA A 500 -21.67 -23.29 -22.59
CA ALA A 500 -20.80 -22.37 -21.88
C ALA A 500 -20.20 -23.03 -20.65
N GLY A 501 -21.00 -23.83 -19.94
CA GLY A 501 -20.46 -24.56 -18.81
C GLY A 501 -19.35 -25.52 -19.22
N LEU A 502 -19.57 -26.25 -20.30
CA LEU A 502 -18.53 -27.16 -20.76
C LEU A 502 -17.26 -26.41 -21.11
N GLN A 503 -17.38 -25.28 -21.79
CA GLN A 503 -16.16 -24.57 -22.16
C GLN A 503 -15.45 -24.00 -20.96
N SER A 504 -16.19 -23.57 -19.94
CA SER A 504 -15.49 -23.09 -18.75
C SER A 504 -14.77 -24.23 -18.05
N LEU A 505 -15.40 -25.40 -17.97
CA LEU A 505 -14.68 -26.52 -17.38
C LEU A 505 -13.53 -26.97 -18.26
N THR A 506 -13.51 -26.61 -19.52
CA THR A 506 -12.34 -26.93 -20.33
C THR A 506 -11.24 -25.92 -20.13
N GLY A 507 -11.59 -24.66 -19.95
CA GLY A 507 -10.59 -23.61 -19.88
C GLY A 507 -10.06 -23.28 -18.52
N ALA A 508 -10.68 -23.73 -17.45
CA ALA A 508 -10.08 -23.41 -16.16
C ALA A 508 -8.91 -24.33 -15.78
N PRO A 509 -9.05 -25.65 -15.90
CA PRO A 509 -7.91 -26.50 -15.54
C PRO A 509 -6.70 -26.25 -16.40
N ARG A 510 -6.91 -25.83 -17.65
CA ARG A 510 -5.75 -25.52 -18.48
C ARG A 510 -4.96 -24.36 -17.91
N LEU A 511 -5.66 -23.33 -17.43
CA LEU A 511 -4.96 -22.21 -16.81
C LEU A 511 -4.26 -22.65 -15.54
N LEU A 512 -4.90 -23.49 -14.73
CA LEU A 512 -4.26 -23.96 -13.51
C LEU A 512 -3.01 -24.76 -13.84
N GLN A 513 -3.07 -25.57 -14.88
CA GLN A 513 -1.92 -26.37 -15.29
C GLN A 513 -0.78 -25.48 -15.75
N ALA A 514 -1.10 -24.40 -16.47
CA ALA A 514 -0.05 -23.48 -16.86
C ALA A 514 0.61 -22.86 -15.64
N ILE A 515 -0.17 -22.40 -14.68
CA ILE A 515 0.42 -21.80 -13.49
C ILE A 515 1.27 -22.81 -12.75
N ALA A 516 0.86 -24.08 -12.73
CA ALA A 516 1.63 -25.06 -11.97
C ALA A 516 2.93 -25.39 -12.67
N LYS A 517 2.94 -25.43 -13.99
CA LYS A 517 4.19 -25.71 -14.68
C LYS A 517 5.10 -24.51 -14.75
N ASP A 518 4.58 -23.30 -14.49
CA ASP A 518 5.45 -22.13 -14.46
C ASP A 518 6.30 -22.02 -13.19
N ASN A 519 6.03 -22.82 -12.16
CA ASN A 519 6.87 -22.89 -10.96
C ASN A 519 6.97 -21.57 -10.22
N ILE A 520 5.88 -20.80 -10.20
CA ILE A 520 5.89 -19.59 -9.40
C ILE A 520 5.52 -19.89 -7.96
N ILE A 521 4.36 -20.50 -7.75
CA ILE A 521 3.95 -20.88 -6.39
C ILE A 521 4.41 -22.30 -6.13
N PRO A 522 5.10 -22.56 -5.05
CA PRO A 522 5.72 -23.87 -4.89
C PRO A 522 4.79 -24.94 -4.33
N PHE A 523 3.75 -24.55 -3.58
CA PHE A 523 3.00 -25.61 -2.93
C PHE A 523 2.02 -26.31 -3.87
N LEU A 524 1.84 -25.81 -5.08
CA LEU A 524 0.97 -26.44 -6.06
C LEU A 524 1.77 -26.99 -7.22
N ARG A 525 2.91 -27.62 -6.91
CA ARG A 525 3.71 -28.27 -7.93
C ARG A 525 3.05 -29.53 -8.45
N VAL A 526 2.23 -30.19 -7.63
CA VAL A 526 1.62 -31.44 -8.04
C VAL A 526 0.63 -31.24 -9.17
N PHE A 527 -0.01 -30.08 -9.23
CA PHE A 527 -1.05 -29.82 -10.21
C PHE A 527 -0.53 -29.75 -11.63
N GLY A 528 0.76 -29.90 -11.85
CA GLY A 528 1.26 -29.95 -13.21
C GLY A 528 1.40 -31.34 -13.76
N HIS A 529 0.90 -32.36 -13.06
CA HIS A 529 1.07 -33.75 -13.47
C HIS A 529 0.02 -34.10 -14.52
N GLY A 530 0.19 -33.50 -15.69
CA GLY A 530 -0.75 -33.71 -16.77
C GLY A 530 -0.78 -35.15 -17.22
N LYS A 531 -1.75 -35.46 -18.07
CA LYS A 531 -1.86 -36.79 -18.62
C LYS A 531 -0.78 -37.01 -19.67
N VAL A 532 -0.82 -38.17 -20.32
CA VAL A 532 0.15 -38.47 -21.36
C VAL A 532 -0.04 -37.51 -22.53
N ASN A 533 -1.25 -37.04 -22.74
CA ASN A 533 -1.55 -36.12 -23.82
C ASN A 533 -1.40 -34.66 -23.42
N GLY A 534 -1.32 -34.38 -22.12
CA GLY A 534 -1.30 -33.02 -21.63
C GLY A 534 -2.57 -32.63 -20.90
N GLU A 535 -3.62 -33.41 -21.04
CA GLU A 535 -4.88 -33.08 -20.39
C GLU A 535 -4.69 -33.18 -18.89
N PRO A 536 -5.06 -32.17 -18.12
CA PRO A 536 -4.78 -32.18 -16.69
C PRO A 536 -5.45 -33.35 -15.98
N THR A 537 -4.85 -33.77 -14.86
CA THR A 537 -5.40 -34.87 -14.08
C THR A 537 -5.83 -34.43 -12.70
N TRP A 538 -4.94 -33.85 -11.89
CA TRP A 538 -5.31 -33.41 -10.56
C TRP A 538 -5.63 -31.93 -10.50
N ALA A 539 -5.85 -31.31 -11.65
CA ALA A 539 -6.34 -29.95 -11.63
C ALA A 539 -7.82 -29.92 -11.94
N LEU A 540 -8.27 -30.89 -12.72
CA LEU A 540 -9.68 -31.04 -13.02
C LEU A 540 -10.45 -31.43 -11.77
N LEU A 541 -9.88 -32.31 -10.96
CA LEU A 541 -10.56 -32.70 -9.73
C LEU A 541 -10.72 -31.53 -8.78
N LEU A 542 -9.66 -30.74 -8.59
CA LEU A 542 -9.78 -29.58 -7.72
C LEU A 542 -10.79 -28.59 -8.26
N THR A 543 -10.83 -28.41 -9.58
CA THR A 543 -11.81 -27.50 -10.13
C THR A 543 -13.22 -28.00 -9.89
N ALA A 544 -13.45 -29.29 -10.07
CA ALA A 544 -14.77 -29.82 -9.82
C ALA A 544 -15.17 -29.66 -8.36
N LEU A 545 -14.23 -29.82 -7.44
CA LEU A 545 -14.57 -29.63 -6.04
C LEU A 545 -14.95 -28.19 -5.74
N ILE A 546 -14.21 -27.23 -6.29
CA ILE A 546 -14.58 -25.83 -6.05
C ILE A 546 -15.94 -25.54 -6.67
N ALA A 547 -16.21 -26.10 -7.85
CA ALA A 547 -17.50 -25.86 -8.47
C ALA A 547 -18.62 -26.44 -7.64
N GLU A 548 -18.40 -27.60 -7.02
CA GLU A 548 -19.45 -28.15 -6.16
C GLU A 548 -19.67 -27.26 -4.94
N LEU A 549 -18.59 -26.80 -4.32
CA LEU A 549 -18.74 -25.89 -3.20
C LEU A 549 -19.53 -24.67 -3.61
N GLY A 550 -19.44 -24.27 -4.87
CA GLY A 550 -20.26 -23.17 -5.33
C GLY A 550 -21.69 -23.54 -5.61
N ILE A 551 -21.93 -24.76 -6.09
CA ILE A 551 -23.31 -25.18 -6.37
C ILE A 551 -24.10 -25.32 -5.09
N LEU A 552 -23.46 -25.72 -3.99
CA LEU A 552 -24.23 -25.91 -2.77
C LEU A 552 -25.00 -24.66 -2.33
N ILE A 553 -24.72 -23.50 -2.90
CA ILE A 553 -25.52 -22.33 -2.58
C ILE A 553 -26.84 -22.36 -3.34
N ALA A 554 -26.81 -22.77 -4.60
CA ALA A 554 -28.02 -23.07 -5.36
C ALA A 554 -28.95 -21.87 -5.50
N SER A 555 -28.40 -20.74 -5.91
CA SER A 555 -29.25 -19.58 -6.20
C SER A 555 -28.44 -18.60 -7.03
N LEU A 556 -28.89 -18.33 -8.24
CA LEU A 556 -28.18 -17.38 -9.10
C LEU A 556 -27.99 -16.05 -8.38
N ASP A 557 -29.02 -15.60 -7.68
CA ASP A 557 -28.99 -14.29 -7.06
C ASP A 557 -27.99 -14.20 -5.93
N MET A 558 -27.45 -15.32 -5.46
CA MET A 558 -26.40 -15.28 -4.47
C MET A 558 -25.05 -15.69 -5.01
N VAL A 559 -25.01 -16.46 -6.09
CA VAL A 559 -23.73 -16.81 -6.70
C VAL A 559 -23.19 -15.68 -7.55
N ALA A 560 -24.05 -14.88 -8.17
CA ALA A 560 -23.54 -13.86 -9.07
C ALA A 560 -22.61 -12.84 -8.43
N PRO A 561 -22.86 -12.35 -7.21
CA PRO A 561 -21.93 -11.36 -6.65
C PRO A 561 -20.53 -11.89 -6.39
N ILE A 562 -20.37 -13.16 -6.03
CA ILE A 562 -19.03 -13.67 -5.82
C ILE A 562 -18.23 -13.66 -7.11
N LEU A 563 -18.83 -14.20 -8.15
CA LEU A 563 -18.26 -14.13 -9.48
C LEU A 563 -17.87 -12.71 -9.85
N SER A 564 -18.78 -11.76 -9.64
CA SER A 564 -18.46 -10.38 -9.95
C SER A 564 -17.28 -9.88 -9.14
N MET A 565 -17.19 -10.26 -7.87
CA MET A 565 -16.06 -9.80 -7.06
C MET A 565 -14.74 -10.29 -7.63
N PHE A 566 -14.67 -11.56 -7.98
CA PHE A 566 -13.40 -12.07 -8.49
C PHE A 566 -13.02 -11.38 -9.80
N PHE A 567 -13.97 -11.25 -10.71
CA PHE A 567 -13.62 -10.63 -11.98
C PHE A 567 -13.25 -9.16 -11.80
N LEU A 568 -13.94 -8.46 -10.91
CA LEU A 568 -13.59 -7.08 -10.67
C LEU A 568 -12.20 -6.96 -10.07
N MET A 569 -11.83 -7.90 -9.21
CA MET A 569 -10.50 -7.88 -8.65
C MET A 569 -9.46 -8.03 -9.75
N CYS A 570 -9.68 -8.98 -10.65
CA CYS A 570 -8.73 -9.15 -11.76
C CYS A 570 -8.60 -7.88 -12.59
N TYR A 571 -9.72 -7.27 -12.96
CA TYR A 571 -9.63 -6.07 -13.80
C TYR A 571 -8.97 -4.93 -13.07
N LEU A 572 -9.29 -4.73 -11.80
CA LEU A 572 -8.65 -3.64 -11.07
C LEU A 572 -7.16 -3.84 -11.02
N PHE A 573 -6.71 -5.08 -10.85
CA PHE A 573 -5.27 -5.29 -10.80
C PHE A 573 -4.62 -5.00 -12.14
N VAL A 574 -5.25 -5.43 -13.24
CA VAL A 574 -4.67 -5.14 -14.54
C VAL A 574 -4.54 -3.63 -14.75
N ASN A 575 -5.61 -2.89 -14.47
CA ASN A 575 -5.56 -1.46 -14.70
C ASN A 575 -4.51 -0.79 -13.82
N LEU A 576 -4.45 -1.15 -12.55
CA LEU A 576 -3.48 -0.52 -11.67
C LEU A 576 -2.07 -0.80 -12.13
N ALA A 577 -1.79 -2.05 -12.52
CA ALA A 577 -0.45 -2.37 -12.99
C ALA A 577 -0.10 -1.56 -14.22
N CYS A 578 -1.00 -1.47 -15.19
CA CYS A 578 -0.70 -0.70 -16.39
C CYS A 578 -0.39 0.75 -16.04
N ALA A 579 -1.24 1.38 -15.23
CA ALA A 579 -1.04 2.78 -14.91
C ALA A 579 0.29 3.01 -14.21
N VAL A 580 0.60 2.17 -13.23
CA VAL A 580 1.83 2.38 -12.48
C VAL A 580 3.04 2.20 -13.38
N GLN A 581 3.04 1.15 -14.21
CA GLN A 581 4.21 0.94 -15.05
C GLN A 581 4.38 2.05 -16.07
N THR A 582 3.29 2.67 -16.52
CA THR A 582 3.47 3.81 -17.40
C THR A 582 4.00 5.02 -16.66
N LEU A 583 3.54 5.24 -15.42
CA LEU A 583 3.97 6.42 -14.69
C LEU A 583 5.45 6.36 -14.34
N LEU A 584 5.88 5.30 -13.67
CA LEU A 584 7.24 5.28 -13.13
C LEU A 584 8.29 4.98 -14.17
N ARG A 585 7.91 4.80 -15.43
CA ARG A 585 8.85 4.57 -16.52
C ARG A 585 9.67 3.30 -16.27
N THR A 586 8.97 2.18 -16.21
CA THR A 586 9.64 0.90 -16.07
C THR A 586 10.51 0.68 -17.32
N PRO A 587 11.67 0.04 -17.18
CA PRO A 587 12.59 -0.04 -18.33
C PRO A 587 12.05 -0.72 -19.57
N ASN A 588 11.36 -1.86 -19.43
CA ASN A 588 11.00 -2.64 -20.60
C ASN A 588 9.55 -2.45 -21.01
N TRP A 589 8.92 -1.35 -20.62
CA TRP A 589 7.49 -1.16 -20.83
C TRP A 589 7.28 0.06 -21.72
N ARG A 590 6.99 -0.20 -23.00
CA ARG A 590 6.63 0.85 -23.95
C ARG A 590 5.50 0.35 -24.85
N PRO A 591 4.27 0.73 -24.57
CA PRO A 591 3.14 0.26 -25.39
C PRO A 591 3.00 1.07 -26.66
N ARG A 592 2.50 0.39 -27.71
CA ARG A 592 2.34 1.02 -29.01
C ARG A 592 0.92 1.40 -29.34
N PHE A 593 -0.04 1.16 -28.46
CA PHE A 593 -1.41 1.56 -28.75
C PHE A 593 -1.51 3.05 -29.06
N LYS A 594 -2.32 3.38 -30.06
CA LYS A 594 -2.46 4.77 -30.45
C LYS A 594 -3.32 5.54 -29.45
N TYR A 595 -4.57 5.13 -29.28
CA TYR A 595 -5.50 5.80 -28.35
C TYR A 595 -5.35 5.23 -26.95
N TYR A 596 -4.19 5.47 -26.36
CA TYR A 596 -3.93 5.00 -25.01
C TYR A 596 -3.25 6.05 -24.15
N HIS A 597 -3.71 6.19 -22.92
CA HIS A 597 -3.14 7.13 -21.99
C HIS A 597 -3.39 6.69 -20.56
N TRP A 598 -2.37 6.82 -19.73
CA TRP A 598 -2.45 6.31 -18.36
C TRP A 598 -3.60 6.92 -17.57
N ALA A 599 -4.10 8.07 -17.99
CA ALA A 599 -5.28 8.60 -17.31
C ALA A 599 -6.47 7.68 -17.49
N LEU A 600 -6.58 7.05 -18.66
CA LEU A 600 -7.70 6.14 -18.89
C LEU A 600 -7.62 4.93 -17.97
N SER A 601 -6.43 4.34 -17.83
CA SER A 601 -6.30 3.21 -16.93
C SER A 601 -6.58 3.62 -15.50
N PHE A 602 -6.15 4.82 -15.10
CA PHE A 602 -6.47 5.28 -13.75
C PHE A 602 -7.97 5.41 -13.55
N LEU A 603 -8.66 6.00 -14.52
CA LEU A 603 -10.10 6.16 -14.38
C LEU A 603 -10.78 4.81 -14.30
N GLY A 604 -10.29 3.85 -15.08
CA GLY A 604 -10.85 2.51 -15.01
C GLY A 604 -10.64 1.86 -13.66
N MET A 605 -9.44 1.99 -13.10
CA MET A 605 -9.21 1.46 -11.77
C MET A 605 -10.18 2.07 -10.77
N SER A 606 -10.37 3.38 -10.82
CA SER A 606 -11.28 4.00 -9.86
C SER A 606 -12.70 3.49 -10.04
N LEU A 607 -13.18 3.40 -11.27
CA LEU A 607 -14.55 3.00 -11.49
C LEU A 607 -14.78 1.56 -11.07
N CYS A 608 -13.86 0.66 -11.43
CA CYS A 608 -14.05 -0.73 -11.06
C CYS A 608 -13.85 -0.94 -9.57
N LEU A 609 -13.05 -0.12 -8.91
CA LEU A 609 -13.02 -0.21 -7.45
C LEU A 609 -14.34 0.22 -6.85
N ALA A 610 -14.94 1.27 -7.40
CA ALA A 610 -16.24 1.71 -6.90
C ALA A 610 -17.28 0.61 -7.05
N LEU A 611 -17.26 -0.07 -8.19
CA LEU A 611 -18.17 -1.20 -8.37
C LEU A 611 -17.87 -2.29 -7.35
N MET A 612 -16.59 -2.62 -7.17
CA MET A 612 -16.23 -3.67 -6.22
C MET A 612 -16.72 -3.36 -4.83
N PHE A 613 -16.88 -2.08 -4.50
CA PHE A 613 -17.36 -1.77 -3.17
C PHE A 613 -18.86 -1.58 -3.08
N VAL A 614 -19.52 -1.22 -4.19
CA VAL A 614 -20.97 -1.07 -4.13
C VAL A 614 -21.65 -2.41 -3.83
N SER A 615 -21.22 -3.49 -4.48
CA SER A 615 -21.91 -4.75 -4.32
C SER A 615 -21.90 -5.24 -2.88
N SER A 616 -20.72 -5.41 -2.29
CA SER A 616 -20.65 -5.84 -0.91
C SER A 616 -19.26 -5.52 -0.39
N TRP A 617 -19.17 -4.62 0.58
CA TRP A 617 -17.85 -4.20 1.04
C TRP A 617 -17.06 -5.35 1.65
N TYR A 618 -17.71 -6.23 2.42
CA TYR A 618 -16.94 -7.26 3.10
C TYR A 618 -16.35 -8.26 2.11
N TYR A 619 -17.13 -8.65 1.11
CA TYR A 619 -16.60 -9.55 0.09
C TYR A 619 -15.40 -8.91 -0.60
N ALA A 620 -15.50 -7.62 -0.89
CA ALA A 620 -14.40 -6.93 -1.53
C ALA A 620 -13.17 -6.92 -0.64
N LEU A 621 -13.35 -6.76 0.67
CA LEU A 621 -12.19 -6.80 1.55
C LEU A 621 -11.53 -8.16 1.55
N VAL A 622 -12.34 -9.22 1.56
CA VAL A 622 -11.76 -10.56 1.53
C VAL A 622 -10.99 -10.78 0.24
N ALA A 623 -11.55 -10.34 -0.89
CA ALA A 623 -10.85 -10.50 -2.15
C ALA A 623 -9.55 -9.71 -2.17
N MET A 624 -9.57 -8.48 -1.67
CA MET A 624 -8.36 -7.69 -1.67
C MET A 624 -7.29 -8.30 -0.79
N LEU A 625 -7.67 -8.86 0.36
CA LEU A 625 -6.66 -9.48 1.21
C LEU A 625 -6.09 -10.73 0.57
N ILE A 626 -6.90 -11.54 -0.09
CA ILE A 626 -6.33 -12.69 -0.80
C ILE A 626 -5.34 -12.22 -1.85
N ALA A 627 -5.73 -11.20 -2.63
CA ALA A 627 -4.84 -10.72 -3.67
C ALA A 627 -3.53 -10.21 -3.09
N GLY A 628 -3.61 -9.44 -2.00
CA GLY A 628 -2.39 -8.93 -1.38
C GLY A 628 -1.52 -10.04 -0.84
N MET A 629 -2.13 -11.05 -0.24
CA MET A 629 -1.34 -12.16 0.29
C MET A 629 -0.60 -12.89 -0.82
N ILE A 630 -1.28 -13.15 -1.93
CA ILE A 630 -0.61 -13.86 -3.01
C ILE A 630 0.47 -12.99 -3.63
N TYR A 631 0.22 -11.69 -3.74
CA TYR A 631 1.24 -10.81 -4.29
C TYR A 631 2.51 -10.85 -3.45
N LYS A 632 2.37 -10.65 -2.13
CA LYS A 632 3.58 -10.67 -1.31
C LYS A 632 4.22 -12.04 -1.28
N TYR A 633 3.43 -13.10 -1.36
CA TYR A 633 4.03 -14.43 -1.33
C TYR A 633 4.83 -14.69 -2.60
N ILE A 634 4.32 -14.27 -3.75
CA ILE A 634 5.08 -14.41 -4.98
C ILE A 634 6.38 -13.62 -4.89
N GLU A 635 6.30 -12.40 -4.37
CA GLU A 635 7.52 -11.61 -4.25
C GLU A 635 8.53 -12.31 -3.36
N TYR A 636 8.08 -12.84 -2.23
CA TYR A 636 8.98 -13.54 -1.32
C TYR A 636 9.62 -14.73 -2.00
N GLN A 637 8.84 -15.51 -2.74
CA GLN A 637 9.42 -16.68 -3.38
C GLN A 637 10.42 -16.28 -4.46
N GLY A 638 10.13 -15.23 -5.21
CA GLY A 638 11.09 -14.78 -6.19
C GLY A 638 12.39 -14.33 -5.54
N ALA A 639 12.27 -13.63 -4.41
CA ALA A 639 13.47 -13.25 -3.68
C ALA A 639 14.26 -14.47 -3.23
N GLU A 640 13.58 -15.48 -2.69
CA GLU A 640 14.29 -16.69 -2.26
C GLU A 640 14.94 -17.41 -3.42
N LYS A 641 14.39 -17.28 -4.61
CA LYS A 641 14.98 -18.00 -5.73
C LYS A 641 16.15 -17.26 -6.36
N GLU A 642 16.12 -15.92 -6.38
CA GLU A 642 17.22 -15.21 -7.04
C GLU A 642 18.46 -15.10 -6.16
N TRP A 643 18.30 -14.74 -4.89
CA TRP A 643 19.44 -14.37 -4.07
C TRP A 643 19.87 -15.45 -3.08
N GLY A 644 18.95 -15.98 -2.29
CA GLY A 644 19.34 -17.02 -1.37
C GLY A 644 18.70 -16.94 0.00
N ASP A 645 18.33 -15.75 0.44
CA ASP A 645 17.67 -15.53 1.72
C ASP A 645 16.29 -14.93 1.52
N GLY A 646 15.47 -15.05 2.54
CA GLY A 646 14.12 -14.53 2.43
C GLY A 646 14.02 -13.04 2.63
N ILE A 647 14.34 -12.57 3.84
CA ILE A 647 14.15 -11.16 4.14
C ILE A 647 15.21 -10.31 3.46
N ARG A 648 16.47 -10.65 3.66
CA ARG A 648 17.56 -9.93 3.01
C ARG A 648 17.43 -9.94 1.50
N GLY A 649 16.89 -11.02 0.95
CA GLY A 649 16.63 -11.05 -0.47
C GLY A 649 15.63 -10.00 -0.91
N LEU A 650 14.61 -9.75 -0.10
CA LEU A 650 13.65 -8.71 -0.45
C LEU A 650 14.32 -7.36 -0.60
N SER A 651 15.20 -7.01 0.34
CA SER A 651 15.87 -5.72 0.27
C SER A 651 16.78 -5.65 -0.95
N LEU A 652 17.53 -6.72 -1.22
CA LEU A 652 18.38 -6.69 -2.40
C LEU A 652 17.57 -6.50 -3.66
N SER A 653 16.41 -7.17 -3.75
CA SER A 653 15.61 -7.04 -4.96
C SER A 653 15.07 -5.63 -5.11
N ALA A 654 14.63 -5.02 -4.01
CA ALA A 654 14.16 -3.65 -4.10
C ALA A 654 15.28 -2.72 -4.56
N ALA A 655 16.48 -2.90 -4.02
CA ALA A 655 17.59 -2.05 -4.43
C ALA A 655 17.91 -2.20 -5.90
N ARG A 656 17.97 -3.44 -6.38
CA ARG A 656 18.31 -3.64 -7.78
C ARG A 656 17.26 -3.07 -8.69
N TYR A 657 15.98 -3.26 -8.35
CA TYR A 657 14.92 -2.72 -9.18
C TYR A 657 14.98 -1.21 -9.24
N ALA A 658 15.18 -0.56 -8.08
CA ALA A 658 15.23 0.89 -8.08
C ALA A 658 16.39 1.41 -8.90
N LEU A 659 17.57 0.80 -8.76
CA LEU A 659 18.71 1.29 -9.52
C LEU A 659 18.48 1.09 -11.01
N LEU A 660 17.95 -0.07 -11.40
CA LEU A 660 17.73 -0.33 -12.81
C LEU A 660 16.74 0.66 -13.40
N ARG A 661 15.68 0.97 -12.67
CA ARG A 661 14.71 1.93 -13.19
C ARG A 661 15.33 3.31 -13.30
N LEU A 662 16.18 3.67 -12.34
CA LEU A 662 16.83 4.96 -12.37
C LEU A 662 17.88 5.06 -13.46
N GLU A 663 18.33 3.91 -13.99
CA GLU A 663 19.37 3.94 -15.02
C GLU A 663 18.94 4.75 -16.24
N GLU A 664 17.80 4.41 -16.82
CA GLU A 664 17.35 5.09 -18.03
C GLU A 664 16.85 6.49 -17.72
N GLY A 665 16.87 7.35 -18.72
CA GLY A 665 16.40 8.71 -18.58
C GLY A 665 17.50 9.75 -18.59
N PRO A 666 17.11 11.01 -18.73
CA PRO A 666 18.10 12.10 -18.76
C PRO A 666 18.89 12.14 -17.47
N PRO A 667 20.21 12.21 -17.56
CA PRO A 667 21.04 12.09 -16.36
C PRO A 667 21.34 13.41 -15.70
N HIS A 668 20.52 14.43 -15.90
CA HIS A 668 20.75 15.73 -15.29
C HIS A 668 19.57 16.14 -14.44
N THR A 669 19.86 16.53 -13.20
CA THR A 669 18.85 16.99 -12.26
C THR A 669 18.75 18.50 -12.30
N LYS A 670 17.53 19.01 -12.20
CA LYS A 670 17.31 20.45 -12.22
C LYS A 670 17.97 21.15 -11.04
N ASN A 671 18.23 20.44 -9.95
CA ASN A 671 18.84 21.00 -8.76
C ASN A 671 20.20 20.37 -8.51
N TRP A 672 20.94 20.99 -7.60
CA TRP A 672 22.27 20.53 -7.21
C TRP A 672 22.30 20.40 -5.70
N ARG A 673 22.43 19.19 -5.19
CA ARG A 673 22.60 19.00 -3.76
C ARG A 673 23.91 18.25 -3.49
N PRO A 674 24.72 18.69 -2.55
CA PRO A 674 26.00 18.03 -2.31
C PRO A 674 25.81 16.60 -1.81
N GLN A 675 26.44 15.65 -2.51
CA GLN A 675 26.55 14.26 -2.08
C GLN A 675 28.01 13.98 -1.83
N LEU A 676 28.41 13.87 -0.58
CA LEU A 676 29.83 13.98 -0.27
C LEU A 676 30.51 12.63 -0.31
N LEU A 677 31.82 12.66 -0.53
CA LEU A 677 32.71 11.52 -0.34
C LEU A 677 33.84 11.97 0.57
N VAL A 678 33.79 11.56 1.82
CA VAL A 678 34.74 12.01 2.83
C VAL A 678 35.99 11.13 2.82
N LEU A 679 37.11 11.67 2.35
CA LEU A 679 38.36 10.92 2.27
C LEU A 679 39.13 10.96 3.58
N LEU A 680 38.90 9.98 4.45
CA LEU A 680 39.61 9.87 5.71
C LEU A 680 41.02 9.33 5.48
N LYS A 681 41.89 9.62 6.43
CA LYS A 681 43.28 9.15 6.39
C LYS A 681 43.58 8.36 7.66
N LEU A 682 43.73 7.05 7.52
CA LEU A 682 44.01 6.20 8.67
C LEU A 682 45.47 6.32 9.10
N ASP A 683 45.70 6.09 10.39
CA ASP A 683 47.03 6.16 10.96
C ASP A 683 47.80 4.85 10.70
N GLU A 684 49.07 4.85 11.10
CA GLU A 684 49.91 3.67 10.95
C GLU A 684 49.41 2.50 11.80
N ASP A 685 48.72 2.80 12.90
CA ASP A 685 48.11 1.79 13.73
C ASP A 685 46.64 1.61 13.40
N LEU A 686 46.23 2.11 12.23
CA LEU A 686 44.87 1.96 11.73
C LEU A 686 43.88 2.62 12.69
N HIS A 687 44.15 3.88 12.99
CA HIS A 687 43.23 4.72 13.74
C HIS A 687 42.93 5.98 12.95
N VAL A 688 41.70 6.46 13.05
CA VAL A 688 41.28 7.64 12.32
C VAL A 688 42.08 8.85 12.80
N LYS A 689 42.80 9.49 11.88
CA LYS A 689 43.61 10.64 12.26
C LYS A 689 42.75 11.83 12.65
N TYR A 690 41.81 12.21 11.78
CA TYR A 690 40.94 13.36 12.00
C TYR A 690 39.50 12.92 12.09
N PRO A 691 39.03 12.51 13.27
CA PRO A 691 37.63 12.13 13.40
C PRO A 691 36.69 13.32 13.35
N ARG A 692 37.20 14.52 13.09
CA ARG A 692 36.35 15.69 12.99
C ARG A 692 35.72 15.83 11.61
N LEU A 693 36.33 15.23 10.58
CA LEU A 693 35.73 15.26 9.25
C LEU A 693 34.37 14.59 9.25
N LEU A 694 34.25 13.48 9.97
CA LEU A 694 32.97 12.80 10.03
C LEU A 694 31.93 13.67 10.72
N THR A 695 32.34 14.39 11.77
CA THR A 695 31.43 15.29 12.43
C THR A 695 30.95 16.38 11.48
N PHE A 696 31.88 16.95 10.72
CA PHE A 696 31.51 18.01 9.79
C PHE A 696 30.59 17.48 8.70
N ALA A 697 30.85 16.27 8.22
CA ALA A 697 29.98 15.70 7.21
C ALA A 697 28.58 15.46 7.76
N SER A 698 28.49 15.03 9.01
CA SER A 698 27.17 14.83 9.59
C SER A 698 26.44 16.14 9.76
N GLN A 699 27.17 17.23 10.05
CA GLN A 699 26.49 18.51 10.16
C GLN A 699 26.07 19.03 8.80
N LEU A 700 26.81 18.71 7.75
CA LEU A 700 26.46 19.27 6.45
C LEU A 700 25.37 18.48 5.77
N LYS A 701 25.25 17.18 6.05
CA LYS A 701 24.19 16.39 5.47
C LYS A 701 22.96 16.32 6.36
N ALA A 702 23.15 16.24 7.68
CA ALA A 702 22.06 16.14 8.62
C ALA A 702 21.27 14.84 8.43
N GLY A 703 21.99 13.77 8.14
CA GLY A 703 21.41 12.44 8.08
C GLY A 703 20.50 12.15 6.92
N LYS A 704 20.50 12.97 5.87
CA LYS A 704 19.66 12.73 4.71
C LYS A 704 20.47 12.99 3.46
N GLY A 705 20.58 11.97 2.61
CA GLY A 705 21.36 12.00 1.40
C GLY A 705 22.30 10.82 1.37
N LEU A 706 23.30 10.89 0.50
CA LEU A 706 24.28 9.83 0.35
C LEU A 706 25.65 10.30 0.85
N THR A 707 26.33 9.44 1.61
CA THR A 707 27.64 9.79 2.14
C THR A 707 28.53 8.54 2.13
N ILE A 708 29.45 8.47 1.19
CA ILE A 708 30.41 7.38 1.10
C ILE A 708 31.70 7.83 1.76
N VAL A 709 32.36 6.91 2.46
CA VAL A 709 33.56 7.22 3.22
C VAL A 709 34.64 6.25 2.79
N GLY A 710 35.53 6.71 1.91
CA GLY A 710 36.60 5.88 1.42
C GLY A 710 37.90 6.13 2.15
N SER A 711 38.85 5.22 1.96
CA SER A 711 40.16 5.32 2.57
C SER A 711 41.10 4.33 1.92
N VAL A 712 42.35 4.72 1.75
CA VAL A 712 43.36 3.91 1.10
C VAL A 712 44.34 3.39 2.14
N ILE A 713 44.77 2.15 1.99
CA ILE A 713 45.72 1.52 2.88
C ILE A 713 46.90 1.06 2.05
N GLN A 714 48.07 1.65 2.30
CA GLN A 714 49.23 1.28 1.52
C GLN A 714 49.68 -0.13 1.85
N GLY A 715 50.18 -0.82 0.82
CA GLY A 715 50.67 -2.18 1.00
C GLY A 715 50.38 -3.04 -0.21
N SER A 716 50.18 -4.33 0.03
CA SER A 716 49.87 -5.28 -1.03
C SER A 716 48.57 -5.99 -0.68
N PHE A 717 47.72 -6.19 -1.69
CA PHE A 717 46.44 -6.84 -1.41
C PHE A 717 46.63 -8.30 -1.06
N LEU A 718 47.62 -8.95 -1.67
CA LEU A 718 47.74 -10.40 -1.53
C LEU A 718 47.86 -10.81 -0.07
N GLU A 719 48.52 -9.98 0.75
CA GLU A 719 48.78 -10.33 2.13
C GLU A 719 48.18 -9.35 3.15
N SER A 720 47.21 -8.52 2.76
CA SER A 720 46.70 -7.55 3.72
C SER A 720 45.17 -7.50 3.72
N TYR A 721 44.54 -8.66 3.72
CA TYR A 721 43.07 -8.70 3.70
C TYR A 721 42.49 -8.46 5.09
N GLY A 722 43.11 -9.05 6.11
CA GLY A 722 42.58 -8.93 7.45
C GLY A 722 42.66 -7.50 7.94
N GLU A 723 43.73 -6.81 7.57
CA GLU A 723 43.85 -5.41 7.92
C GLU A 723 42.73 -4.60 7.30
N ALA A 724 42.39 -4.92 6.05
CA ALA A 724 41.29 -4.20 5.40
C ALA A 724 39.98 -4.44 6.12
N GLN A 725 39.71 -5.69 6.50
CA GLN A 725 38.45 -5.96 7.18
C GLN A 725 38.40 -5.28 8.54
N ALA A 726 39.52 -5.30 9.26
CA ALA A 726 39.56 -4.65 10.56
C ALA A 726 39.35 -3.15 10.42
N ALA A 727 40.01 -2.53 9.43
CA ALA A 727 39.84 -1.11 9.24
C ALA A 727 38.42 -0.76 8.86
N GLU A 728 37.76 -1.63 8.09
CA GLU A 728 36.37 -1.38 7.75
C GLU A 728 35.49 -1.41 8.99
N GLN A 729 35.71 -2.39 9.87
CA GLN A 729 34.93 -2.43 11.09
C GLN A 729 35.20 -1.20 11.95
N THR A 730 36.45 -0.79 12.03
CA THR A 730 36.81 0.37 12.82
C THR A 730 36.09 1.62 12.30
N ILE A 731 36.12 1.82 10.98
CA ILE A 731 35.46 2.99 10.43
C ILE A 731 33.96 2.91 10.65
N LYS A 732 33.38 1.71 10.57
CA LYS A 732 31.95 1.61 10.82
C LYS A 732 31.61 2.01 12.25
N ASN A 733 32.40 1.58 13.22
CA ASN A 733 32.12 1.98 14.60
C ASN A 733 32.29 3.50 14.77
N MET A 734 33.42 4.03 14.30
CA MET A 734 33.67 5.45 14.43
C MET A 734 32.62 6.28 13.72
N MET A 735 32.06 5.74 12.63
CA MET A 735 31.03 6.44 11.90
C MET A 735 29.69 6.35 12.60
N GLU A 736 29.44 5.25 13.28
CA GLU A 736 28.24 5.16 14.08
C GLU A 736 28.26 6.15 15.23
N ILE A 737 29.45 6.42 15.79
CA ILE A 737 29.52 7.36 16.90
C ILE A 737 29.11 8.76 16.46
N GLU A 738 29.66 9.23 15.34
CA GLU A 738 29.38 10.59 14.91
C GLU A 738 27.99 10.77 14.33
N LYS A 739 27.16 9.74 14.29
CA LYS A 739 25.79 9.87 13.79
C LYS A 739 25.78 10.40 12.36
N VAL A 740 26.35 9.59 11.47
CA VAL A 740 26.33 9.84 10.04
C VAL A 740 25.95 8.53 9.35
N LYS A 741 24.91 8.57 8.54
CA LYS A 741 24.37 7.38 7.92
C LYS A 741 25.03 7.20 6.57
N GLY A 742 25.96 6.27 6.47
CA GLY A 742 26.64 6.09 5.21
C GLY A 742 27.30 4.74 5.09
N PHE A 743 27.75 4.46 3.88
CA PHE A 743 28.48 3.26 3.51
C PHE A 743 29.97 3.51 3.66
N CYS A 744 30.75 2.44 3.65
CA CYS A 744 32.18 2.58 3.88
C CYS A 744 32.96 1.67 2.95
N GLN A 745 33.83 2.27 2.14
CA GLN A 745 34.70 1.55 1.22
C GLN A 745 36.14 1.64 1.69
N VAL A 746 36.84 0.51 1.66
CA VAL A 746 38.27 0.48 1.93
C VAL A 746 38.96 -0.33 0.85
N VAL A 747 39.97 0.25 0.23
CA VAL A 747 40.71 -0.42 -0.83
C VAL A 747 42.15 -0.54 -0.39
N VAL A 748 42.84 -1.54 -0.92
CA VAL A 748 44.25 -1.76 -0.60
C VAL A 748 45.05 -1.54 -1.87
N ALA A 749 45.77 -0.43 -1.93
CA ALA A 749 46.55 -0.06 -3.10
C ALA A 749 48.02 -0.15 -2.81
N SER A 750 48.83 0.08 -3.83
CA SER A 750 50.29 0.11 -3.65
C SER A 750 50.81 1.50 -3.31
N LYS A 751 50.31 2.53 -3.98
CA LYS A 751 50.61 3.91 -3.62
C LYS A 751 49.30 4.64 -3.40
N VAL A 752 49.29 5.50 -2.39
CA VAL A 752 48.04 6.12 -1.98
C VAL A 752 47.46 6.96 -3.10
N ARG A 753 48.29 7.41 -4.03
CA ARG A 753 47.82 8.26 -5.11
C ARG A 753 46.85 7.52 -6.01
N GLU A 754 47.24 6.36 -6.52
CA GLU A 754 46.36 5.61 -7.41
C GLU A 754 45.14 5.09 -6.68
N GLY A 755 45.29 4.76 -5.40
CA GLY A 755 44.12 4.40 -4.61
C GLY A 755 43.13 5.54 -4.55
N LEU A 756 43.62 6.76 -4.32
CA LEU A 756 42.73 7.91 -4.28
C LEU A 756 42.05 8.14 -5.63
N ALA A 757 42.79 7.99 -6.72
CA ALA A 757 42.19 8.19 -8.03
C ALA A 757 41.09 7.18 -8.31
N HIS A 758 41.40 5.90 -8.12
CA HIS A 758 40.40 4.87 -8.37
C HIS A 758 39.22 5.00 -7.42
N LEU A 759 39.45 5.52 -6.23
CA LEU A 759 38.34 5.75 -5.32
C LEU A 759 37.48 6.92 -5.77
N ILE A 760 38.11 7.95 -6.33
CA ILE A 760 37.35 9.12 -6.73
C ILE A 760 36.48 8.82 -7.93
N GLN A 761 37.00 8.11 -8.91
CA GLN A 761 36.25 7.93 -10.13
C GLN A 761 35.40 6.66 -10.15
N SER A 762 35.50 5.79 -9.16
CA SER A 762 34.70 4.56 -9.17
C SER A 762 34.18 4.29 -7.77
N CYS A 763 33.00 4.84 -7.46
CA CYS A 763 32.36 4.57 -6.18
C CYS A 763 30.87 4.78 -6.39
N GLY A 764 30.09 3.73 -6.27
CA GLY A 764 28.67 3.81 -6.52
C GLY A 764 28.22 2.79 -7.53
N LEU A 765 26.94 2.86 -7.87
CA LEU A 765 26.38 1.90 -8.81
C LEU A 765 25.44 2.63 -9.76
N GLY A 766 25.94 2.96 -10.95
CA GLY A 766 25.07 3.60 -11.91
C GLY A 766 24.74 5.04 -11.57
N GLY A 767 23.49 5.29 -11.18
CA GLY A 767 23.07 6.64 -10.88
C GLY A 767 23.31 7.12 -9.48
N MET A 768 23.64 6.22 -8.56
CA MET A 768 23.89 6.59 -7.18
C MET A 768 25.37 6.96 -7.02
N ARG A 769 25.71 8.10 -7.58
CA ARG A 769 27.09 8.55 -7.58
C ARG A 769 27.23 9.79 -6.71
N HIS A 770 28.46 10.00 -6.25
CA HIS A 770 28.79 11.20 -5.52
C HIS A 770 29.09 12.34 -6.47
N ASN A 771 29.04 13.57 -5.96
CA ASN A 771 29.45 14.71 -6.77
C ASN A 771 30.17 15.77 -5.94
N SER A 772 30.90 15.35 -4.92
CA SER A 772 31.64 16.29 -4.09
C SER A 772 32.67 15.53 -3.28
N VAL A 773 33.88 16.07 -3.23
CA VAL A 773 35.01 15.45 -2.56
C VAL A 773 35.50 16.37 -1.47
N VAL A 774 35.41 15.94 -0.23
CA VAL A 774 35.85 16.72 0.91
C VAL A 774 37.11 16.07 1.47
N LEU A 775 38.25 16.68 1.22
CA LEU A 775 39.52 16.19 1.71
C LEU A 775 40.11 17.19 2.69
N GLY A 776 40.90 16.70 3.64
CA GLY A 776 41.48 17.57 4.65
C GLY A 776 42.68 18.35 4.13
N TRP A 777 43.29 19.09 5.05
CA TRP A 777 44.43 19.93 4.77
C TRP A 777 45.72 19.27 5.23
N PRO A 778 46.81 19.41 4.47
CA PRO A 778 48.11 18.84 4.87
C PRO A 778 48.83 19.74 5.87
N TYR A 779 49.05 19.22 7.07
CA TYR A 779 49.75 19.96 8.11
C TYR A 779 51.23 19.60 8.11
N GLY A 780 52.07 20.60 8.37
CA GLY A 780 53.50 20.34 8.45
C GLY A 780 54.11 19.95 7.13
N TRP A 781 53.57 20.45 6.03
CA TRP A 781 54.11 20.09 4.72
C TRP A 781 55.46 20.73 4.47
N ARG A 782 55.62 22.01 4.80
CA ARG A 782 56.90 22.67 4.61
C ARG A 782 57.85 22.39 5.76
N GLN A 783 57.33 22.04 6.94
CA GLN A 783 58.20 21.77 8.06
C GLN A 783 59.08 20.56 7.79
N SER A 784 58.47 19.43 7.45
CA SER A 784 59.24 18.21 7.23
C SER A 784 59.92 18.26 5.87
N GLU A 785 60.93 17.39 5.69
CA GLU A 785 61.66 17.31 4.44
C GLU A 785 60.99 16.38 3.42
N ASP A 786 60.19 15.43 3.87
CA ASP A 786 59.48 14.56 2.93
C ASP A 786 58.43 15.37 2.18
N PRO A 787 58.53 15.49 0.85
CA PRO A 787 57.58 16.32 0.10
C PRO A 787 56.30 15.61 -0.34
N ARG A 788 56.09 14.37 0.11
CA ARG A 788 54.91 13.60 -0.32
C ARG A 788 53.61 14.35 -0.10
N ALA A 789 53.48 15.06 1.01
CA ALA A 789 52.18 15.57 1.42
C ALA A 789 51.61 16.51 0.37
N TRP A 790 52.37 17.54 0.00
CA TRP A 790 51.81 18.56 -0.89
C TRP A 790 51.61 18.02 -2.30
N LYS A 791 52.48 17.14 -2.77
CA LYS A 791 52.25 16.58 -4.09
C LYS A 791 51.02 15.68 -4.10
N THR A 792 50.79 14.93 -3.02
CA THR A 792 49.57 14.13 -2.95
C THR A 792 48.34 15.01 -2.96
N PHE A 793 48.40 16.11 -2.20
CA PHE A 793 47.27 17.03 -2.18
C PHE A 793 47.00 17.62 -3.55
N ILE A 794 48.04 18.12 -4.21
CA ILE A 794 47.84 18.76 -5.52
C ILE A 794 47.35 17.74 -6.53
N ASP A 795 47.82 16.50 -6.43
CA ASP A 795 47.39 15.49 -7.38
C ASP A 795 45.93 15.16 -7.18
N THR A 796 45.48 15.05 -5.94
CA THR A 796 44.06 14.80 -5.72
C THR A 796 43.22 15.98 -6.17
N VAL A 797 43.72 17.20 -5.97
CA VAL A 797 42.95 18.37 -6.40
C VAL A 797 42.81 18.39 -7.91
N ARG A 798 43.90 18.18 -8.64
CA ARG A 798 43.79 18.20 -10.08
C ARG A 798 42.96 17.04 -10.60
N CYS A 799 42.97 15.91 -9.90
CA CYS A 799 42.18 14.78 -10.37
C CYS A 799 40.71 14.96 -10.06
N THR A 800 40.37 15.69 -9.01
CA THR A 800 38.97 15.95 -8.72
C THR A 800 38.43 17.18 -9.42
N THR A 801 39.28 18.04 -9.97
CA THR A 801 38.78 19.15 -10.75
C THR A 801 38.60 18.82 -12.22
N ALA A 802 39.24 17.77 -12.72
CA ALA A 802 39.08 17.41 -14.11
C ALA A 802 37.91 16.47 -14.33
N ALA A 803 37.28 15.99 -13.27
CA ALA A 803 36.08 15.18 -13.38
C ALA A 803 34.82 15.99 -13.16
N HIS A 804 34.97 17.32 -13.06
CA HIS A 804 33.85 18.22 -12.81
C HIS A 804 33.08 17.83 -11.54
N LEU A 805 33.80 17.88 -10.43
CA LEU A 805 33.22 17.64 -9.11
C LEU A 805 33.50 18.82 -8.20
N ALA A 806 32.59 19.08 -7.28
CA ALA A 806 32.82 20.15 -6.33
C ALA A 806 33.92 19.76 -5.36
N LEU A 807 34.37 20.72 -4.56
CA LEU A 807 35.52 20.49 -3.70
C LEU A 807 35.36 21.27 -2.41
N LEU A 808 35.56 20.61 -1.28
CA LEU A 808 35.43 21.24 0.04
C LEU A 808 36.69 20.93 0.84
N VAL A 809 37.48 21.95 1.14
CA VAL A 809 38.75 21.73 1.83
C VAL A 809 38.75 22.36 3.21
N PRO A 810 38.16 21.74 4.21
CA PRO A 810 38.14 22.37 5.54
C PRO A 810 39.52 22.49 6.15
N LYS A 811 40.02 23.71 6.27
CA LYS A 811 41.32 23.97 6.87
C LYS A 811 41.16 24.12 8.38
N ASN A 812 42.22 23.76 9.10
CA ASN A 812 42.23 23.81 10.56
C ASN A 812 41.04 23.06 11.16
N ILE A 813 41.03 21.76 10.90
CA ILE A 813 39.91 20.91 11.34
C ILE A 813 39.91 20.66 12.83
N ALA A 814 40.97 21.03 13.54
CA ALA A 814 41.01 20.79 14.97
C ALA A 814 40.22 21.82 15.78
N PHE A 815 39.77 22.91 15.16
CA PHE A 815 39.01 23.94 15.87
C PHE A 815 37.53 23.92 15.52
N TYR A 816 37.08 22.98 14.75
CA TYR A 816 35.68 22.95 14.39
C TYR A 816 34.86 22.39 15.54
N PRO A 817 33.64 22.86 15.72
CA PRO A 817 32.83 22.40 16.86
C PRO A 817 32.41 20.96 16.71
N SER A 818 32.07 20.37 17.85
CA SER A 818 31.53 19.03 17.95
C SER A 818 30.01 19.11 17.99
N ASN A 819 29.37 17.96 18.16
CA ASN A 819 27.91 17.94 18.22
C ASN A 819 27.36 18.44 19.55
N HIS A 820 28.07 18.21 20.65
CA HIS A 820 27.58 18.70 21.93
C HIS A 820 27.76 20.20 22.09
N GLU A 821 28.74 20.79 21.41
CA GLU A 821 28.94 22.22 21.47
C GLU A 821 27.76 22.97 20.86
N ARG A 822 27.59 24.22 21.28
CA ARG A 822 26.55 25.06 20.73
C ARG A 822 27.07 26.48 20.57
N TYR A 823 26.52 27.17 19.58
CA TYR A 823 26.91 28.54 19.26
C TYR A 823 25.74 29.48 19.51
N LEU A 824 26.02 30.58 20.19
CA LEU A 824 25.00 31.57 20.50
C LEU A 824 25.21 32.90 19.80
N GLU A 825 26.43 33.42 19.78
CA GLU A 825 26.75 34.67 19.13
C GLU A 825 27.83 34.46 18.07
N GLY A 826 27.58 34.98 16.87
CA GLY A 826 28.52 34.84 15.78
C GLY A 826 27.85 35.09 14.44
N HIS A 827 28.69 35.28 13.43
CA HIS A 827 28.16 35.57 12.10
C HIS A 827 29.06 34.95 11.04
N ILE A 828 28.47 34.09 10.21
CA ILE A 828 29.18 33.49 9.10
C ILE A 828 29.54 34.56 8.08
N ASP A 829 30.72 34.44 7.49
CA ASP A 829 31.20 35.39 6.49
C ASP A 829 31.44 34.67 5.18
N VAL A 830 30.90 35.24 4.11
CA VAL A 830 31.09 34.73 2.76
C VAL A 830 31.87 35.79 1.99
N TRP A 831 32.85 35.37 1.23
CA TRP A 831 33.72 36.34 0.58
C TRP A 831 33.80 36.02 -0.90
N TRP A 832 32.63 35.77 -1.48
CA TRP A 832 32.49 35.39 -2.88
C TRP A 832 33.12 36.43 -3.80
N ILE A 833 34.08 35.99 -4.60
CA ILE A 833 34.88 36.93 -5.38
C ILE A 833 34.32 37.16 -6.78
N VAL A 834 34.30 36.13 -7.63
CA VAL A 834 33.73 36.33 -8.98
C VAL A 834 32.73 35.25 -9.37
N HIS A 835 33.20 34.02 -9.49
CA HIS A 835 32.39 32.93 -10.01
C HIS A 835 31.89 32.03 -8.90
N ASP A 836 31.19 30.96 -9.30
CA ASP A 836 30.70 29.92 -8.40
C ASP A 836 29.80 30.50 -7.30
N GLY A 837 28.88 31.35 -7.72
CA GLY A 837 28.00 32.01 -6.78
C GLY A 837 26.90 31.10 -6.26
N GLY A 838 26.33 30.28 -7.14
CA GLY A 838 25.25 29.40 -6.73
C GLY A 838 25.60 28.50 -5.56
N MET A 839 26.69 27.74 -5.69
CA MET A 839 27.04 26.85 -4.59
C MET A 839 27.60 27.61 -3.40
N LEU A 840 28.29 28.71 -3.64
CA LEU A 840 28.79 29.51 -2.55
C LEU A 840 27.66 30.10 -1.72
N MET A 841 26.48 30.24 -2.31
CA MET A 841 25.30 30.67 -1.57
C MET A 841 24.49 29.50 -1.02
N LEU A 842 24.58 28.34 -1.66
CA LEU A 842 23.81 27.20 -1.19
C LEU A 842 24.44 26.54 0.03
N LEU A 843 25.75 26.68 0.19
CA LEU A 843 26.38 26.02 1.35
C LEU A 843 25.98 26.61 2.68
N PRO A 844 26.01 27.93 2.90
CA PRO A 844 25.71 28.42 4.25
C PRO A 844 24.30 28.13 4.70
N PHE A 845 23.33 28.10 3.79
CA PHE A 845 21.96 27.80 4.17
C PHE A 845 21.84 26.37 4.67
N LEU A 846 22.31 25.41 3.86
CA LEU A 846 22.31 24.02 4.29
C LEU A 846 23.11 23.83 5.56
N LEU A 847 24.09 24.69 5.80
CA LEU A 847 24.87 24.58 7.03
C LEU A 847 24.05 25.02 8.22
N ARG A 848 23.50 26.23 8.16
CA ARG A 848 22.71 26.75 9.27
C ARG A 848 21.45 25.93 9.52
N GLN A 849 21.02 25.09 8.59
CA GLN A 849 19.85 24.28 8.89
C GLN A 849 20.07 23.31 10.05
N HIS A 850 21.30 23.12 10.52
CA HIS A 850 21.55 22.26 11.65
C HIS A 850 21.55 23.05 12.94
N LYS A 851 21.19 22.38 14.04
CA LYS A 851 21.08 23.07 15.32
C LYS A 851 22.40 23.62 15.83
N VAL A 852 23.53 23.09 15.36
CA VAL A 852 24.80 23.60 15.85
C VAL A 852 25.02 25.02 15.39
N TRP A 853 24.63 25.33 14.16
CA TRP A 853 24.65 26.68 13.62
C TRP A 853 23.24 27.25 13.49
N ARG A 854 22.37 26.91 14.44
CA ARG A 854 20.94 27.18 14.28
C ARG A 854 20.64 28.66 14.07
N LYS A 855 21.41 29.57 14.67
CA LYS A 855 21.06 30.98 14.53
C LYS A 855 22.24 31.89 14.21
N CYS A 856 23.29 31.36 13.60
CA CYS A 856 24.41 32.22 13.20
C CYS A 856 24.03 33.16 12.05
N ARG A 857 24.30 34.45 12.26
CA ARG A 857 24.02 35.49 11.27
C ARG A 857 24.88 35.31 10.03
N MET A 858 24.27 35.50 8.85
CA MET A 858 25.02 35.43 7.60
C MET A 858 25.29 36.82 7.07
N ARG A 859 26.54 37.07 6.67
CA ARG A 859 26.97 38.34 6.09
C ARG A 859 27.66 38.07 4.76
N ILE A 860 27.11 38.61 3.68
CA ILE A 860 27.67 38.43 2.35
C ILE A 860 28.63 39.58 2.05
N PHE A 861 29.91 39.29 1.95
CA PHE A 861 30.91 40.29 1.62
C PHE A 861 31.32 40.07 0.18
N THR A 862 31.21 41.10 -0.64
CA THR A 862 31.52 41.02 -2.07
C THR A 862 32.60 42.02 -2.46
N VAL A 863 33.77 41.50 -2.84
CA VAL A 863 34.87 42.36 -3.27
C VAL A 863 34.45 43.34 -4.35
N ASN A 869 27.62 48.63 -11.67
CA ASN A 869 27.12 49.49 -10.61
C ASN A 869 26.87 48.67 -9.35
N SER A 870 27.32 49.21 -8.21
CA SER A 870 27.14 48.51 -6.94
C SER A 870 25.66 48.34 -6.61
N ILE A 871 24.86 49.37 -6.85
CA ILE A 871 23.43 49.29 -6.54
C ILE A 871 22.74 48.21 -7.37
N GLN A 872 23.08 48.12 -8.66
CA GLN A 872 22.46 47.09 -9.50
C GLN A 872 22.83 45.70 -9.02
N MET A 873 24.10 45.50 -8.67
CA MET A 873 24.53 44.20 -8.18
C MET A 873 23.80 43.87 -6.88
N LYS A 874 23.68 44.85 -5.98
CA LYS A 874 22.98 44.60 -4.73
C LYS A 874 21.53 44.23 -4.98
N LYS A 875 20.88 44.91 -5.91
CA LYS A 875 19.49 44.61 -6.22
C LYS A 875 19.36 43.19 -6.78
N ASP A 876 20.35 42.76 -7.56
CA ASP A 876 20.33 41.40 -8.11
C ASP A 876 20.50 40.38 -7.00
N LEU A 877 21.52 40.58 -6.16
CA LEU A 877 21.71 39.69 -5.02
C LEU A 877 20.46 39.61 -4.16
N ALA A 878 19.79 40.75 -3.95
CA ALA A 878 18.59 40.76 -3.12
C ALA A 878 17.45 39.98 -3.78
N VAL A 879 17.22 40.19 -5.08
CA VAL A 879 16.16 39.46 -5.75
C VAL A 879 16.44 37.96 -5.74
N PHE A 880 17.71 37.58 -5.95
CA PHE A 880 18.06 36.18 -5.88
C PHE A 880 17.84 35.62 -4.49
N LEU A 881 18.21 36.41 -3.47
CA LEU A 881 18.04 36.00 -2.08
C LEU A 881 16.58 35.88 -1.69
N TYR A 882 15.69 36.58 -2.38
CA TYR A 882 14.28 36.50 -2.04
C TYR A 882 13.76 35.07 -2.22
N HIS A 883 14.13 34.42 -3.32
CA HIS A 883 13.71 33.03 -3.52
C HIS A 883 14.32 32.12 -2.47
N LEU A 884 15.62 32.29 -2.20
CA LEU A 884 16.27 31.50 -1.15
C LEU A 884 15.71 31.86 0.22
N ARG A 885 15.39 33.13 0.43
CA ARG A 885 14.83 33.72 1.66
C ARG A 885 15.82 33.90 2.80
N LEU A 886 17.13 33.78 2.57
CA LEU A 886 18.09 34.01 3.65
C LEU A 886 18.07 35.46 4.11
N GLU A 887 17.90 36.39 3.16
CA GLU A 887 17.81 37.82 3.45
C GLU A 887 19.03 38.34 4.21
N ALA A 888 20.18 37.70 4.03
CA ALA A 888 21.39 38.12 4.71
C ALA A 888 21.83 39.50 4.24
N GLU A 889 22.39 40.28 5.17
CA GLU A 889 22.84 41.62 4.85
C GLU A 889 23.92 41.57 3.77
N VAL A 890 23.84 42.50 2.82
CA VAL A 890 24.75 42.56 1.70
C VAL A 890 25.61 43.80 1.82
N GLU A 891 26.92 43.61 1.85
CA GLU A 891 27.89 44.70 1.92
C GLU A 891 28.87 44.55 0.78
N VAL A 892 28.86 45.50 -0.14
CA VAL A 892 29.71 45.44 -1.32
C VAL A 892 30.93 46.30 -1.06
N VAL A 893 32.06 45.65 -0.88
CA VAL A 893 33.32 46.35 -0.63
C VAL A 893 33.94 46.72 -1.96
N GLU A 894 34.51 47.90 -2.03
CA GLU A 894 35.14 48.37 -3.25
C GLU A 894 36.46 47.65 -3.50
N MET A 895 36.88 47.67 -4.75
CA MET A 895 38.11 47.03 -5.19
C MET A 895 39.12 48.12 -5.53
N HIS A 896 40.29 48.04 -4.90
CA HIS A 896 41.37 49.03 -5.10
C HIS A 896 42.37 48.50 -6.13
N ASN A 897 43.20 49.40 -6.68
CA ASN A 897 44.19 49.04 -7.68
C ASN A 897 45.53 49.64 -7.30
N SER A 898 46.59 48.83 -7.43
CA SER A 898 47.96 49.25 -7.16
C SER A 898 48.10 49.85 -5.77
N ASP A 899 47.46 49.21 -4.78
CA ASP A 899 47.55 49.70 -3.41
C ASP A 899 48.98 49.68 -2.90
N ILE A 900 49.69 48.59 -3.15
CA ILE A 900 51.09 48.45 -2.75
C ILE A 900 51.92 48.09 -3.98
N SER A 901 52.84 48.97 -4.36
CA SER A 901 53.64 48.71 -5.55
C SER A 901 54.50 47.48 -5.37
N ALA A 902 55.14 47.34 -4.21
CA ALA A 902 55.98 46.18 -3.92
C ALA A 902 56.08 46.02 -2.41
N TYR A 903 56.38 44.79 -2.00
CA TYR A 903 56.55 44.46 -0.59
C TYR A 903 57.93 43.85 -0.36
N THR A 904 58.68 44.41 0.58
CA THR A 904 59.99 43.87 0.91
C THR A 904 59.87 42.46 1.46
N TYR A 905 58.87 42.23 2.32
CA TYR A 905 58.66 40.90 2.88
C TYR A 905 58.33 39.92 1.76
N GLU A 906 57.54 40.35 0.79
CA GLU A 906 57.22 39.49 -0.34
C GLU A 906 58.48 39.10 -1.10
N ARG A 907 59.39 40.06 -1.30
CA ARG A 907 60.65 39.77 -1.97
C ARG A 907 61.46 38.76 -1.16
N THR A 908 61.47 38.92 0.16
CA THR A 908 62.19 37.97 1.00
C THR A 908 61.57 36.59 0.88
N LEU A 909 60.24 36.53 0.84
CA LEU A 909 59.58 35.24 0.69
C LEU A 909 59.96 34.59 -0.63
N MET A 910 60.04 35.39 -1.69
CA MET A 910 60.46 34.86 -2.99
C MET A 910 61.87 34.32 -2.91
N MET A 911 62.76 35.03 -2.21
CA MET A 911 64.12 34.55 -2.03
C MET A 911 64.13 33.24 -1.27
N GLU A 912 63.26 33.14 -0.24
CA GLU A 912 63.15 31.90 0.52
C GLU A 912 62.69 30.77 -0.37
N GLN A 913 61.74 31.05 -1.27
CA GLN A 913 61.27 30.04 -2.20
C GLN A 913 62.41 29.58 -3.11
N ARG A 914 63.24 30.53 -3.56
CA ARG A 914 64.38 30.17 -4.38
C ARG A 914 65.35 29.29 -3.61
N SER A 915 65.57 29.62 -2.33
CA SER A 915 66.45 28.81 -1.50
C SER A 915 65.88 27.40 -1.34
N GLN A 916 64.57 27.31 -1.16
CA GLN A 916 63.91 26.01 -1.05
C GLN A 916 64.16 25.19 -2.32
N MET A 917 63.86 25.79 -3.48
CA MET A 917 64.12 25.14 -4.76
C MET A 917 65.56 24.66 -4.86
N LEU A 918 66.50 25.49 -4.39
CA LEU A 918 67.91 25.09 -4.43
C LEU A 918 68.15 23.89 -3.54
N ARG A 919 67.54 23.87 -2.35
CA ARG A 919 67.69 22.72 -1.46
C ARG A 919 67.13 21.46 -2.11
N GLN A 920 65.98 21.59 -2.78
CA GLN A 920 65.39 20.45 -3.46
C GLN A 920 66.30 19.95 -4.57
N MET A 921 66.92 20.88 -5.30
CA MET A 921 67.86 20.48 -6.34
C MET A 921 69.05 19.76 -5.74
N ARG A 922 69.53 20.24 -4.58
CA ARG A 922 70.65 19.61 -3.92
C ARG A 922 70.31 18.19 -3.49
N LEU A 923 69.10 17.98 -2.97
CA LEU A 923 68.67 16.67 -2.52
C LEU A 923 67.15 16.63 -2.35
N PRO A 993 62.76 37.48 -12.84
CA PRO A 993 61.32 37.24 -12.81
C PRO A 993 60.78 37.23 -11.38
N ASP A 994 61.64 37.60 -10.43
CA ASP A 994 61.21 37.61 -9.04
C ASP A 994 60.09 38.61 -8.81
N GLN A 995 60.19 39.80 -9.42
CA GLN A 995 59.14 40.80 -9.22
C GLN A 995 57.81 40.32 -9.80
N SER A 996 57.84 39.71 -10.99
CA SER A 996 56.62 39.23 -11.60
C SER A 996 55.98 38.12 -10.77
N ASN A 997 56.80 37.19 -10.27
CA ASN A 997 56.25 36.15 -9.41
C ASN A 997 55.71 36.74 -8.11
N VAL A 998 56.41 37.72 -7.55
CA VAL A 998 55.99 38.34 -6.30
C VAL A 998 54.65 39.05 -6.46
N ARG A 999 54.41 39.68 -7.61
CA ARG A 999 53.17 40.42 -7.82
C ARG A 999 51.93 39.64 -7.36
N ARG A 1000 51.87 38.35 -7.65
CA ARG A 1000 50.72 37.55 -7.24
C ARG A 1000 50.66 37.42 -5.71
N MET A 1001 51.83 37.20 -5.09
CA MET A 1001 51.88 37.13 -3.63
C MET A 1001 51.50 38.47 -3.00
N HIS A 1002 51.93 39.56 -3.62
CA HIS A 1002 51.60 40.89 -3.11
C HIS A 1002 50.09 41.11 -3.15
N THR A 1003 49.46 40.69 -4.24
CA THR A 1003 48.00 40.82 -4.34
C THR A 1003 47.34 39.98 -3.26
N ALA A 1004 47.85 38.77 -3.04
CA ALA A 1004 47.30 37.92 -1.99
C ALA A 1004 47.46 38.56 -0.62
N VAL A 1005 48.61 39.19 -0.38
CA VAL A 1005 48.87 39.85 0.89
C VAL A 1005 47.88 40.99 1.11
N LYS A 1006 47.57 41.75 0.06
CA LYS A 1006 46.65 42.86 0.23
C LYS A 1006 45.23 42.35 0.48
N LEU A 1007 44.86 41.26 -0.22
CA LEU A 1007 43.55 40.68 -0.01
C LEU A 1007 43.44 40.14 1.41
N ASN A 1008 44.51 39.50 1.90
CA ASN A 1008 44.49 38.96 3.26
C ASN A 1008 44.49 40.08 4.27
N GLU A 1009 44.97 41.25 3.89
CA GLU A 1009 44.98 42.38 4.83
C GLU A 1009 43.57 42.89 5.00
N VAL A 1010 42.87 43.12 3.88
CA VAL A 1010 41.50 43.61 3.98
C VAL A 1010 40.62 42.61 4.71
N ILE A 1011 40.71 41.33 4.33
CA ILE A 1011 39.85 40.32 4.94
C ILE A 1011 40.19 40.15 6.42
N VAL A 1012 41.46 40.23 6.79
CA VAL A 1012 41.82 39.98 8.19
C VAL A 1012 41.48 41.18 9.05
N THR A 1013 41.39 42.38 8.47
CA THR A 1013 40.99 43.52 9.27
C THR A 1013 39.48 43.70 9.35
N ARG A 1014 38.71 43.14 8.42
CA ARG A 1014 37.27 43.32 8.50
C ARG A 1014 36.51 42.05 8.82
N SER A 1015 37.17 40.91 8.95
CA SER A 1015 36.43 39.67 9.21
C SER A 1015 37.16 38.74 10.17
N HIS A 1016 38.01 39.29 11.03
CA HIS A 1016 38.82 38.45 11.91
C HIS A 1016 37.96 37.67 12.89
N ASP A 1017 36.96 38.33 13.47
CA ASP A 1017 36.14 37.77 14.53
C ASP A 1017 35.01 36.91 14.02
N ALA A 1018 35.07 36.48 12.78
CA ALA A 1018 33.99 35.67 12.21
C ALA A 1018 34.02 34.26 12.77
N ARG A 1019 32.86 33.62 12.78
CA ARG A 1019 32.78 32.24 13.25
C ARG A 1019 33.33 31.29 12.20
N LEU A 1020 32.71 31.27 11.02
CA LEU A 1020 33.14 30.47 9.89
C LEU A 1020 33.29 31.37 8.67
N VAL A 1021 34.41 31.23 7.95
CA VAL A 1021 34.68 32.03 6.77
C VAL A 1021 34.74 31.12 5.55
N LEU A 1022 33.97 31.45 4.52
CA LEU A 1022 33.94 30.71 3.26
C LEU A 1022 34.43 31.60 2.14
N LEU A 1023 35.46 31.15 1.42
CA LEU A 1023 35.92 31.87 0.24
C LEU A 1023 36.32 30.87 -0.82
N ASN A 1024 36.09 31.22 -2.08
CA ASN A 1024 36.44 30.32 -3.16
C ASN A 1024 37.93 30.42 -3.45
N MET A 1025 38.56 29.27 -3.64
CA MET A 1025 39.99 29.14 -3.91
C MET A 1025 40.28 29.19 -5.40
N PRO A 1026 41.44 29.70 -5.77
CA PRO A 1026 41.82 29.70 -7.18
C PRO A 1026 42.29 28.31 -7.57
N GLY A 1027 42.18 28.03 -8.86
CA GLY A 1027 42.59 26.75 -9.38
C GLY A 1027 44.07 26.56 -9.32
N PRO A 1028 44.50 25.30 -9.26
CA PRO A 1028 45.92 25.01 -9.25
C PRO A 1028 46.52 25.33 -10.61
N PRO A 1029 47.83 25.57 -10.69
CA PRO A 1029 48.43 25.96 -11.96
C PRO A 1029 48.42 24.81 -12.97
N ARG A 1030 48.52 25.18 -14.24
CA ARG A 1030 48.57 24.16 -15.29
C ARG A 1030 49.92 23.48 -15.33
N ASN A 1031 50.99 24.19 -15.01
CA ASN A 1031 52.31 23.59 -14.98
C ASN A 1031 52.46 22.75 -13.73
N SER A 1032 52.91 21.51 -13.89
CA SER A 1032 53.00 20.61 -12.75
C SER A 1032 54.15 20.97 -11.81
N GLU A 1033 54.99 21.94 -12.16
CA GLU A 1033 56.11 22.29 -11.31
C GLU A 1033 55.87 23.53 -10.47
N GLY A 1034 54.95 24.41 -10.86
CA GLY A 1034 54.71 25.60 -10.07
C GLY A 1034 53.81 25.36 -8.88
N ASP A 1035 53.79 24.12 -8.39
CA ASP A 1035 52.93 23.79 -7.26
C ASP A 1035 53.41 24.43 -5.97
N GLU A 1036 54.73 24.59 -5.81
CA GLU A 1036 55.24 25.19 -4.58
C GLU A 1036 54.71 26.62 -4.42
N ASN A 1037 54.71 27.39 -5.51
CA ASN A 1037 54.20 28.74 -5.42
C ASN A 1037 52.71 28.73 -5.12
N TYR A 1038 51.99 27.75 -5.68
CA TYR A 1038 50.56 27.65 -5.41
C TYR A 1038 50.31 27.35 -3.94
N MET A 1039 51.14 26.49 -3.34
CA MET A 1039 50.99 26.21 -1.92
C MET A 1039 51.32 27.43 -1.08
N GLU A 1040 52.35 28.18 -1.47
CA GLU A 1040 52.67 29.39 -0.72
C GLU A 1040 51.54 30.41 -0.81
N PHE A 1041 50.94 30.53 -1.99
CA PHE A 1041 49.79 31.41 -2.18
C PHE A 1041 48.65 31.00 -1.26
N LEU A 1042 48.26 29.72 -1.33
CA LEU A 1042 47.15 29.25 -0.51
C LEU A 1042 47.45 29.36 0.97
N GLU A 1043 48.72 29.30 1.34
CA GLU A 1043 49.04 29.37 2.76
C GLU A 1043 48.99 30.80 3.25
N VAL A 1044 49.52 31.74 2.49
CA VAL A 1044 49.50 33.13 2.93
C VAL A 1044 48.11 33.72 2.79
N LEU A 1045 47.23 33.09 2.01
CA LEU A 1045 45.87 33.61 1.89
C LEU A 1045 45.09 33.43 3.18
N THR A 1046 45.10 32.22 3.73
CA THR A 1046 44.38 31.96 4.98
C THR A 1046 45.36 31.99 6.15
N GLU A 1047 45.87 33.18 6.43
CA GLU A 1047 46.80 33.38 7.53
C GLU A 1047 46.11 34.22 8.59
N GLY A 1048 45.86 33.61 9.75
CA GLY A 1048 45.22 34.32 10.84
C GLY A 1048 43.80 33.86 11.09
N LEU A 1049 43.09 33.50 10.03
CA LEU A 1049 41.71 33.07 10.16
C LEU A 1049 41.63 31.78 10.97
N GLU A 1050 40.77 31.77 11.98
CA GLU A 1050 40.65 30.59 12.83
C GLU A 1050 40.05 29.42 12.07
N ARG A 1051 38.96 29.63 11.34
CA ARG A 1051 38.29 28.54 10.64
C ARG A 1051 37.91 29.00 9.25
N VAL A 1052 38.45 28.36 8.24
CA VAL A 1052 38.26 28.78 6.86
C VAL A 1052 37.98 27.54 6.02
N LEU A 1053 36.91 27.58 5.24
CA LEU A 1053 36.55 26.50 4.35
C LEU A 1053 36.57 27.03 2.93
N LEU A 1054 37.28 26.34 2.03
CA LEU A 1054 37.44 26.77 0.65
C LEU A 1054 36.65 25.86 -0.28
N VAL A 1055 35.88 26.45 -1.19
CA VAL A 1055 35.06 25.70 -2.14
C VAL A 1055 35.48 26.06 -3.55
N ARG A 1056 35.55 25.05 -4.41
CA ARG A 1056 35.89 25.20 -5.82
C ARG A 1056 34.77 24.62 -6.66
N GLY A 1057 34.21 25.41 -7.57
CA GLY A 1057 33.12 24.92 -8.39
C GLY A 1057 33.60 23.93 -9.44
N GLY A 1058 32.68 23.10 -9.89
CA GLY A 1058 32.98 22.12 -10.92
C GLY A 1058 32.65 22.59 -12.32
N GLY A 1059 31.69 23.50 -12.41
CA GLY A 1059 31.24 24.07 -13.67
C GLY A 1059 29.93 23.56 -14.19
N ARG A 1060 29.44 22.43 -13.69
CA ARG A 1060 28.14 21.91 -14.10
C ARG A 1060 27.07 22.18 -13.06
N GLU A 1061 27.37 23.01 -12.06
CA GLU A 1061 26.41 23.37 -11.04
C GLU A 1061 25.43 24.39 -11.61
N VAL A 1062 24.14 24.20 -11.37
CA VAL A 1062 23.12 25.08 -11.92
C VAL A 1062 22.67 26.12 -10.92
N ILE A 1063 22.30 25.71 -9.72
CA ILE A 1063 21.81 26.66 -8.72
C ILE A 1063 22.95 27.07 -7.79
N PRO B 98 13.85 21.20 34.45
CA PRO B 98 12.50 20.67 34.34
C PRO B 98 12.32 19.29 34.96
N SER B 99 11.48 19.21 35.99
CA SER B 99 11.30 17.94 36.67
C SER B 99 9.98 17.94 37.44
N MET B 100 9.06 17.08 37.04
CA MET B 100 7.82 16.84 37.76
C MET B 100 7.53 15.35 37.66
N GLY B 101 6.78 14.85 38.64
CA GLY B 101 6.67 13.41 38.81
C GLY B 101 5.78 12.76 37.77
N THR B 102 5.47 11.49 38.02
CA THR B 102 4.63 10.74 37.10
C THR B 102 3.18 11.16 37.22
N LEU B 103 2.69 11.30 38.45
CA LEU B 103 1.29 11.59 38.67
C LEU B 103 0.88 12.88 37.99
N MET B 104 1.38 14.01 38.49
CA MET B 104 0.97 15.32 38.02
C MET B 104 1.60 15.68 36.67
N GLY B 105 2.26 14.74 36.02
CA GLY B 105 2.86 15.05 34.73
C GLY B 105 2.27 14.24 33.61
N VAL B 106 1.83 13.02 33.89
CA VAL B 106 1.24 12.15 32.89
C VAL B 106 -0.14 11.66 33.29
N TYR B 107 -0.30 11.23 34.55
CA TYR B 107 -1.54 10.55 34.91
C TYR B 107 -2.73 11.50 34.90
N LEU B 108 -2.63 12.58 35.66
CA LEU B 108 -3.78 13.47 35.80
C LEU B 108 -4.16 14.15 34.50
N PRO B 109 -3.25 14.60 33.64
CA PRO B 109 -3.69 15.14 32.34
C PRO B 109 -4.47 14.14 31.52
N CYS B 110 -4.05 12.88 31.50
CA CYS B 110 -4.80 11.89 30.74
C CYS B 110 -6.20 11.72 31.31
N LEU B 111 -6.33 11.68 32.63
CA LEU B 111 -7.65 11.59 33.24
C LEU B 111 -8.51 12.79 32.87
N GLN B 112 -7.94 13.99 32.91
CA GLN B 112 -8.70 15.18 32.59
C GLN B 112 -9.14 15.20 31.14
N ASN B 113 -8.35 14.59 30.25
CA ASN B 113 -8.74 14.55 28.86
C ASN B 113 -9.74 13.44 28.53
N ILE B 114 -9.75 12.37 29.31
CA ILE B 114 -10.64 11.26 28.98
C ILE B 114 -12.06 11.52 29.44
N PHE B 115 -12.23 11.89 30.72
CA PHE B 115 -13.56 12.13 31.24
C PHE B 115 -14.25 13.27 30.52
N GLY B 116 -15.29 12.94 29.77
CA GLY B 116 -15.96 13.90 28.93
C GLY B 116 -17.44 14.03 29.19
N VAL B 117 -18.17 14.42 28.15
CA VAL B 117 -19.61 14.64 28.25
C VAL B 117 -20.39 13.38 27.90
N ILE B 118 -19.79 12.43 27.19
CA ILE B 118 -20.48 11.20 26.83
C ILE B 118 -21.03 10.53 28.07
N LEU B 119 -20.30 10.60 29.17
CA LEU B 119 -20.75 9.95 30.38
C LEU B 119 -22.07 10.53 30.86
N PHE B 120 -22.17 11.85 30.96
CA PHE B 120 -23.39 12.46 31.46
C PHE B 120 -24.54 12.39 30.46
N LEU B 121 -24.34 12.95 29.27
CA LEU B 121 -25.46 13.11 28.34
C LEU B 121 -25.89 11.84 27.63
N ARG B 122 -24.99 10.91 27.35
CA ARG B 122 -25.40 9.82 26.48
C ARG B 122 -24.99 8.45 27.00
N LEU B 123 -24.84 8.29 28.30
CA LEU B 123 -24.57 6.95 28.81
C LEU B 123 -25.85 6.22 29.14
N THR B 124 -26.73 6.88 29.90
CA THR B 124 -27.98 6.25 30.32
C THR B 124 -28.80 5.84 29.11
N TRP B 125 -28.88 6.72 28.11
CA TRP B 125 -29.67 6.41 26.94
C TRP B 125 -29.11 5.19 26.23
N MET B 126 -27.79 5.13 26.10
CA MET B 126 -27.14 3.99 25.45
C MET B 126 -27.34 2.71 26.22
N VAL B 127 -27.26 2.77 27.56
CA VAL B 127 -27.39 1.57 28.35
C VAL B 127 -28.81 1.05 28.27
N GLY B 128 -29.79 1.93 28.41
CA GLY B 128 -31.18 1.51 28.33
C GLY B 128 -31.52 0.95 26.96
N THR B 129 -31.06 1.61 25.89
CA THR B 129 -31.37 1.13 24.56
C THR B 129 -30.70 -0.21 24.26
N ALA B 130 -29.48 -0.43 24.73
CA ALA B 130 -28.77 -1.64 24.35
C ALA B 130 -28.65 -2.70 25.43
N GLY B 131 -29.06 -2.42 26.66
CA GLY B 131 -28.94 -3.45 27.68
C GLY B 131 -27.58 -3.42 28.32
N VAL B 132 -27.41 -4.31 29.31
CA VAL B 132 -26.14 -4.37 30.04
C VAL B 132 -25.11 -5.20 29.28
N LEU B 133 -25.54 -6.32 28.70
CA LEU B 133 -24.60 -7.21 28.02
C LEU B 133 -23.91 -6.51 26.86
N GLN B 134 -24.70 -5.98 25.93
CA GLN B 134 -24.10 -5.32 24.79
C GLN B 134 -23.33 -4.08 25.21
N ALA B 135 -23.71 -3.46 26.32
CA ALA B 135 -22.94 -2.34 26.84
C ALA B 135 -21.55 -2.78 27.29
N LEU B 136 -21.47 -3.87 28.05
CA LEU B 136 -20.16 -4.38 28.44
C LEU B 136 -19.34 -4.76 27.22
N LEU B 137 -19.97 -5.36 26.21
CA LEU B 137 -19.22 -5.73 25.02
C LEU B 137 -18.68 -4.51 24.29
N ILE B 138 -19.49 -3.45 24.21
CA ILE B 138 -19.05 -2.21 23.58
C ILE B 138 -17.89 -1.59 24.35
N VAL B 139 -18.00 -1.54 25.68
CA VAL B 139 -16.93 -0.92 26.46
C VAL B 139 -15.65 -1.71 26.31
N LEU B 140 -15.74 -3.05 26.30
CA LEU B 140 -14.55 -3.85 26.13
C LEU B 140 -13.92 -3.64 24.76
N ILE B 141 -14.74 -3.60 23.71
CA ILE B 141 -14.20 -3.40 22.36
C ILE B 141 -13.56 -2.03 22.25
N CYS B 142 -14.17 -1.02 22.88
CA CYS B 142 -13.62 0.33 22.77
C CYS B 142 -12.42 0.55 23.68
N CYS B 143 -12.20 -0.29 24.67
CA CYS B 143 -10.99 -0.16 25.46
C CYS B 143 -9.84 -0.98 24.90
N CYS B 144 -10.13 -2.09 24.21
CA CYS B 144 -9.04 -2.92 23.69
C CYS B 144 -8.24 -2.21 22.59
N CYS B 145 -8.93 -1.56 21.64
CA CYS B 145 -8.21 -0.85 20.59
C CYS B 145 -7.33 0.25 21.18
N THR B 146 -7.86 0.99 22.15
CA THR B 146 -7.08 2.08 22.73
C THR B 146 -5.94 1.54 23.59
N LEU B 147 -6.11 0.35 24.19
CA LEU B 147 -5.03 -0.22 24.97
C LEU B 147 -3.90 -0.71 24.08
N LEU B 148 -4.22 -1.37 22.97
CA LEU B 148 -3.16 -1.79 22.07
C LEU B 148 -2.45 -0.58 21.47
N THR B 149 -3.19 0.48 21.19
CA THR B 149 -2.53 1.69 20.73
C THR B 149 -1.63 2.27 21.80
N ALA B 150 -2.03 2.16 23.07
CA ALA B 150 -1.15 2.62 24.15
C ALA B 150 0.12 1.78 24.22
N ILE B 151 0.01 0.48 23.94
CA ILE B 151 1.19 -0.36 23.93
C ILE B 151 2.15 0.07 22.83
N SER B 152 1.61 0.35 21.65
CA SER B 152 2.46 0.84 20.57
C SER B 152 3.09 2.18 20.93
N MET B 153 2.31 3.06 21.56
CA MET B 153 2.84 4.36 21.96
C MET B 153 3.95 4.23 22.99
N SER B 154 3.85 3.26 23.89
CA SER B 154 4.94 3.04 24.83
C SER B 154 6.19 2.51 24.14
N ALA B 155 6.01 1.55 23.23
CA ALA B 155 7.15 1.03 22.48
C ALA B 155 7.83 2.15 21.71
N ILE B 156 7.06 3.09 21.19
CA ILE B 156 7.66 4.24 20.54
C ILE B 156 8.38 5.12 21.54
N ALA B 157 7.74 5.37 22.68
CA ALA B 157 8.28 6.35 23.62
C ALA B 157 9.51 5.85 24.35
N THR B 158 9.87 4.58 24.23
CA THR B 158 11.06 4.15 24.94
C THR B 158 12.33 4.11 24.10
N ASN B 159 12.24 3.81 22.79
CA ASN B 159 13.46 3.68 22.00
C ASN B 159 14.19 5.02 21.93
N GLY B 160 15.44 5.01 22.35
CA GLY B 160 16.28 6.19 22.29
C GLY B 160 15.87 7.25 23.30
N VAL B 161 16.39 8.44 23.09
CA VAL B 161 15.96 9.62 23.83
C VAL B 161 14.65 10.13 23.24
N VAL B 162 13.87 10.80 24.08
CA VAL B 162 12.57 11.32 23.68
C VAL B 162 12.71 12.82 23.42
N PRO B 163 12.35 13.31 22.24
CA PRO B 163 12.47 14.74 21.97
C PRO B 163 11.58 15.54 22.90
N ALA B 164 12.06 16.70 23.31
CA ALA B 164 11.40 17.51 24.32
C ALA B 164 10.34 18.44 23.76
N GLY B 165 10.07 18.39 22.47
CA GLY B 165 9.15 19.36 21.87
C GLY B 165 7.72 19.18 22.32
N GLY B 166 7.17 17.98 22.20
CA GLY B 166 5.77 17.80 22.51
C GLY B 166 5.27 16.39 22.27
N SER B 167 4.02 16.25 21.84
CA SER B 167 3.47 14.93 21.58
C SER B 167 3.50 14.54 20.12
N TYR B 168 3.79 15.48 19.22
CA TYR B 168 3.89 15.14 17.82
C TYR B 168 5.33 14.88 17.41
N PHE B 169 6.29 15.48 18.10
CA PHE B 169 7.68 15.33 17.73
C PHE B 169 8.21 13.93 18.01
N MET B 170 7.70 13.27 19.03
CA MET B 170 8.15 11.89 19.29
C MET B 170 7.76 10.98 18.15
N ILE B 171 6.51 11.06 17.70
CA ILE B 171 6.03 10.21 16.62
C ILE B 171 6.88 10.43 15.37
N SER B 172 7.12 11.69 15.03
CA SER B 172 7.92 11.98 13.84
C SER B 172 9.32 11.43 13.98
N ARG B 173 10.00 11.77 15.08
CA ARG B 173 11.38 11.33 15.25
C ARG B 173 11.51 9.83 15.22
N SER B 174 10.47 9.09 15.63
CA SER B 174 10.61 7.66 15.68
C SER B 174 9.98 6.92 14.51
N LEU B 175 9.26 7.61 13.63
CA LEU B 175 8.63 6.93 12.51
C LEU B 175 8.86 7.57 11.16
N GLY B 176 9.61 8.66 11.08
CA GLY B 176 9.88 9.29 9.83
C GLY B 176 8.91 10.44 9.56
N PRO B 177 9.37 11.41 8.78
CA PRO B 177 8.54 12.57 8.49
C PRO B 177 7.24 12.22 7.81
N GLU B 178 7.24 11.21 6.94
CA GLU B 178 6.00 10.85 6.25
C GLU B 178 4.91 10.49 7.25
N PHE B 179 5.18 9.45 8.04
CA PHE B 179 4.22 9.01 9.04
C PHE B 179 3.84 10.15 9.97
N GLY B 180 4.84 10.81 10.55
CA GLY B 180 4.54 11.85 11.51
C GLY B 180 3.68 12.95 10.93
N GLY B 181 3.97 13.38 9.70
CA GLY B 181 3.15 14.39 9.07
C GLY B 181 1.73 13.94 8.82
N ALA B 182 1.55 12.71 8.34
CA ALA B 182 0.21 12.22 8.08
C ALA B 182 -0.61 12.12 9.36
N VAL B 183 0.01 11.65 10.44
CA VAL B 183 -0.68 11.52 11.71
C VAL B 183 -1.09 12.87 12.25
N GLY B 184 -0.24 13.89 12.07
CA GLY B 184 -0.53 15.18 12.65
C GLY B 184 -1.82 15.80 12.15
N LEU B 185 -2.13 15.63 10.87
CA LEU B 185 -3.33 16.27 10.35
C LEU B 185 -4.60 15.57 10.80
N CYS B 186 -4.61 14.23 10.78
CA CYS B 186 -5.77 13.52 11.29
C CYS B 186 -6.00 13.84 12.76
N PHE B 187 -4.94 13.92 13.54
CA PHE B 187 -5.10 14.28 14.93
C PHE B 187 -5.59 15.71 15.10
N TYR B 188 -5.11 16.62 14.26
CA TYR B 188 -5.57 18.00 14.34
C TYR B 188 -7.06 18.09 14.04
N LEU B 189 -7.53 17.40 13.00
CA LEU B 189 -8.95 17.41 12.67
C LEU B 189 -9.76 16.78 13.79
N GLY B 190 -9.28 15.67 14.35
CA GLY B 190 -9.98 15.08 15.48
C GLY B 190 -10.10 16.05 16.64
N THR B 191 -9.05 16.80 16.93
CA THR B 191 -9.11 17.73 18.06
C THR B 191 -10.08 18.86 17.80
N THR B 192 -10.07 19.41 16.59
CA THR B 192 -10.97 20.54 16.35
C THR B 192 -12.44 20.09 16.34
N PHE B 193 -12.74 18.92 15.76
CA PHE B 193 -14.11 18.45 15.85
C PHE B 193 -14.50 18.08 17.27
N ALA B 194 -13.54 17.65 18.10
CA ALA B 194 -13.86 17.38 19.49
C ALA B 194 -14.22 18.67 20.21
N ALA B 195 -13.53 19.76 19.90
CA ALA B 195 -13.93 21.04 20.46
C ALA B 195 -15.35 21.38 20.03
N ALA B 196 -15.66 21.17 18.76
CA ALA B 196 -17.02 21.41 18.29
C ALA B 196 -18.04 20.59 19.07
N MET B 197 -17.74 19.30 19.28
CA MET B 197 -18.68 18.43 19.98
C MET B 197 -18.89 18.89 21.41
N TYR B 198 -17.83 19.35 22.07
CA TYR B 198 -18.00 19.84 23.43
C TYR B 198 -18.87 21.06 23.45
N ILE B 199 -18.74 21.93 22.44
CA ILE B 199 -19.62 23.10 22.39
C ILE B 199 -21.07 22.68 22.21
N LEU B 200 -21.33 21.70 21.34
CA LEU B 200 -22.70 21.22 21.19
C LEU B 200 -23.22 20.64 22.50
N GLY B 201 -22.38 19.92 23.22
CA GLY B 201 -22.82 19.35 24.48
C GLY B 201 -23.17 20.41 25.50
N ALA B 202 -22.33 21.44 25.60
CA ALA B 202 -22.63 22.51 26.54
C ALA B 202 -23.92 23.24 26.17
N ILE B 203 -24.15 23.44 24.87
CA ILE B 203 -25.40 24.08 24.44
C ILE B 203 -26.59 23.20 24.80
N GLU B 204 -26.49 21.90 24.51
CA GLU B 204 -27.60 21.00 24.81
C GLU B 204 -27.91 20.98 26.30
N ILE B 205 -26.87 20.98 27.14
CA ILE B 205 -27.12 21.01 28.56
C ILE B 205 -27.66 22.36 29.02
N LEU B 206 -27.41 23.43 28.27
CA LEU B 206 -27.90 24.72 28.72
C LEU B 206 -29.35 24.95 28.33
N LEU B 207 -29.75 24.50 27.14
CA LEU B 207 -31.07 24.81 26.61
C LEU B 207 -32.16 23.84 27.01
N THR B 208 -31.83 22.73 27.65
CA THR B 208 -32.81 21.70 27.93
C THR B 208 -33.18 21.62 29.40
N TYR B 209 -32.22 21.77 30.30
CA TYR B 209 -32.51 21.67 31.72
C TYR B 209 -32.34 22.97 32.48
N ILE B 210 -31.28 23.72 32.25
CA ILE B 210 -31.02 24.91 33.08
C ILE B 210 -32.13 25.94 32.89
N ALA B 211 -32.34 26.38 31.67
CA ALA B 211 -33.36 27.39 31.39
C ALA B 211 -33.87 27.21 29.97
N PRO B 212 -35.05 26.62 29.82
CA PRO B 212 -35.65 26.48 28.49
C PRO B 212 -36.40 27.71 27.99
N PRO B 213 -36.92 28.62 28.86
CA PRO B 213 -37.64 29.77 28.27
C PRO B 213 -36.81 30.65 27.34
N ALA B 214 -35.54 30.89 27.66
CA ALA B 214 -34.71 31.77 26.84
C ALA B 214 -34.16 30.99 25.65
N ALA B 215 -35.08 30.61 24.78
CA ALA B 215 -34.72 29.88 23.56
C ALA B 215 -35.26 30.58 22.31
N SER B 226 -38.47 18.66 15.61
CA SER B 226 -38.71 19.75 14.66
C SER B 226 -37.42 20.50 14.36
N ASN B 227 -37.54 21.66 13.73
CA ASN B 227 -36.38 22.45 13.34
C ASN B 227 -36.18 23.70 14.19
N ALA B 228 -37.14 24.05 15.06
CA ALA B 228 -36.92 25.17 15.95
C ALA B 228 -35.77 24.90 16.91
N THR B 229 -35.70 23.66 17.42
CA THR B 229 -34.58 23.29 18.27
C THR B 229 -33.26 23.35 17.49
N LEU B 230 -33.28 22.90 16.24
CA LEU B 230 -32.07 22.92 15.43
C LEU B 230 -31.60 24.35 15.20
N ASN B 231 -32.54 25.26 14.98
CA ASN B 231 -32.17 26.64 14.75
C ASN B 231 -31.65 27.29 16.03
N ASN B 232 -32.27 26.98 17.17
CA ASN B 232 -31.77 27.47 18.44
C ASN B 232 -30.36 26.98 18.70
N MET B 233 -30.11 25.69 18.45
CA MET B 233 -28.77 25.14 18.62
C MET B 233 -27.76 25.81 17.70
N ARG B 234 -28.13 26.01 16.43
CA ARG B 234 -27.21 26.64 15.49
C ARG B 234 -26.82 28.03 15.95
N VAL B 235 -27.82 28.86 16.27
CA VAL B 235 -27.54 30.23 16.66
C VAL B 235 -26.68 30.26 17.91
N TYR B 236 -27.10 29.51 18.94
CA TYR B 236 -26.38 29.61 20.20
C TYR B 236 -24.98 29.03 20.10
N GLY B 237 -24.81 27.97 19.30
CA GLY B 237 -23.49 27.40 19.12
C GLY B 237 -22.56 28.33 18.38
N THR B 238 -23.07 29.05 17.38
CA THR B 238 -22.22 30.02 16.71
C THR B 238 -21.80 31.13 17.66
N ILE B 239 -22.74 31.64 18.46
CA ILE B 239 -22.37 32.70 19.40
C ILE B 239 -21.31 32.21 20.38
N PHE B 240 -21.51 31.00 20.93
CA PHE B 240 -20.53 30.46 21.86
C PHE B 240 -19.19 30.25 21.19
N LEU B 241 -19.17 29.74 19.96
CA LEU B 241 -17.91 29.51 19.29
C LEU B 241 -17.14 30.80 19.09
N THR B 242 -17.85 31.86 18.67
CA THR B 242 -17.19 33.15 18.51
C THR B 242 -16.62 33.65 19.83
N PHE B 243 -17.44 33.60 20.89
CA PHE B 243 -16.98 34.14 22.16
C PHE B 243 -15.81 33.33 22.71
N MET B 244 -15.84 32.01 22.52
CA MET B 244 -14.76 31.18 23.02
C MET B 244 -13.49 31.38 22.21
N THR B 245 -13.62 31.57 20.90
CA THR B 245 -12.44 31.85 20.09
C THR B 245 -11.79 33.15 20.52
N LEU B 246 -12.61 34.17 20.78
CA LEU B 246 -12.04 35.44 21.21
C LEU B 246 -11.36 35.29 22.56
N VAL B 247 -11.98 34.55 23.47
CA VAL B 247 -11.38 34.31 24.78
C VAL B 247 -10.04 33.62 24.61
N VAL B 248 -10.00 32.60 23.75
CA VAL B 248 -8.77 31.86 23.52
C VAL B 248 -7.71 32.80 22.94
N PHE B 249 -8.14 33.78 22.16
CA PHE B 249 -7.19 34.75 21.63
C PHE B 249 -6.59 35.61 22.73
N VAL B 250 -7.40 36.01 23.71
CA VAL B 250 -6.96 37.00 24.67
C VAL B 250 -6.43 36.39 25.96
N GLY B 251 -7.02 35.29 26.43
CA GLY B 251 -6.76 34.88 27.80
C GLY B 251 -6.20 33.49 28.06
N VAL B 252 -5.23 33.05 27.25
CA VAL B 252 -4.66 31.71 27.43
C VAL B 252 -4.13 31.51 28.85
N LYS B 253 -3.60 32.57 29.45
CA LYS B 253 -3.00 32.45 30.78
C LYS B 253 -4.04 32.00 31.80
N TYR B 254 -5.24 32.59 31.75
CA TYR B 254 -6.26 32.21 32.72
C TYR B 254 -6.70 30.76 32.51
N VAL B 255 -6.72 30.28 31.27
CA VAL B 255 -7.04 28.88 31.02
C VAL B 255 -6.00 27.97 31.63
N ASN B 256 -4.72 28.28 31.39
CA ASN B 256 -3.66 27.44 31.95
C ASN B 256 -3.65 27.50 33.47
N LYS B 257 -4.12 28.59 34.05
CA LYS B 257 -4.21 28.67 35.50
C LYS B 257 -5.35 27.81 36.03
N PHE B 258 -6.54 27.95 35.43
CA PHE B 258 -7.77 27.32 35.90
C PHE B 258 -7.97 25.89 35.40
N ALA B 259 -7.02 25.31 34.68
CA ALA B 259 -7.25 23.97 34.14
C ALA B 259 -7.47 22.90 35.20
N SER B 260 -6.93 23.08 36.41
CA SER B 260 -7.16 22.10 37.48
C SER B 260 -8.62 22.03 37.91
N LEU B 261 -9.33 23.16 37.86
CA LEU B 261 -10.69 23.22 38.36
C LEU B 261 -11.60 22.23 37.64
N PHE B 262 -11.42 22.11 36.33
CA PHE B 262 -12.29 21.24 35.55
C PHE B 262 -12.16 19.79 35.99
N LEU B 263 -10.93 19.35 36.27
CA LEU B 263 -10.72 17.99 36.76
C LEU B 263 -11.31 17.83 38.15
N ALA B 264 -11.18 18.86 38.99
CA ALA B 264 -11.77 18.77 40.33
C ALA B 264 -13.29 18.60 40.25
N CYS B 265 -13.94 19.35 39.37
CA CYS B 265 -15.38 19.23 39.21
C CYS B 265 -15.76 17.85 38.70
N VAL B 266 -15.03 17.32 37.73
CA VAL B 266 -15.34 16.00 37.20
C VAL B 266 -15.25 14.95 38.29
N ILE B 267 -14.18 15.01 39.09
CA ILE B 267 -13.99 14.01 40.14
C ILE B 267 -15.09 14.12 41.19
N ILE B 268 -15.47 15.34 41.57
CA ILE B 268 -16.51 15.48 42.57
C ILE B 268 -17.84 14.96 42.05
N SER B 269 -18.12 15.20 40.77
CA SER B 269 -19.35 14.69 40.17
C SER B 269 -19.40 13.18 40.21
N ILE B 270 -18.33 12.52 39.79
CA ILE B 270 -18.36 11.07 39.75
C ILE B 270 -18.49 10.48 41.15
N LEU B 271 -17.77 11.07 42.11
CA LEU B 271 -17.91 10.60 43.49
C LEU B 271 -19.34 10.74 43.97
N SER B 272 -20.00 11.85 43.64
CA SER B 272 -21.38 12.01 44.08
C SER B 272 -22.30 10.98 43.44
N ILE B 273 -22.08 10.67 42.16
CA ILE B 273 -22.89 9.65 41.51
C ILE B 273 -22.76 8.31 42.23
N TYR B 274 -21.53 7.91 42.54
CA TYR B 274 -21.39 6.60 43.18
C TYR B 274 -21.95 6.58 44.59
N ALA B 275 -21.77 7.68 45.34
CA ALA B 275 -22.36 7.75 46.67
C ALA B 275 -23.88 7.70 46.58
N GLY B 276 -24.46 8.37 45.60
CA GLY B 276 -25.90 8.31 45.42
C GLY B 276 -26.37 6.90 45.12
N GLY B 277 -25.61 6.17 44.32
CA GLY B 277 -25.99 4.79 44.07
C GLY B 277 -25.99 3.98 45.35
N ILE B 278 -24.93 4.12 46.14
CA ILE B 278 -24.84 3.39 47.40
C ILE B 278 -25.98 3.77 48.34
N LYS B 279 -26.41 5.03 48.30
CA LYS B 279 -27.57 5.39 49.12
C LYS B 279 -28.85 4.87 48.51
N SER B 280 -28.85 4.63 47.21
CA SER B 280 -30.01 4.08 46.53
C SER B 280 -30.24 2.65 46.93
N ILE B 281 -29.15 1.93 47.24
CA ILE B 281 -29.26 0.50 47.47
C ILE B 281 -30.25 0.22 48.59
N PHE B 282 -30.24 1.02 49.65
CA PHE B 282 -31.15 0.73 50.75
C PHE B 282 -32.29 1.72 50.88
N ASP B 283 -32.18 2.91 50.28
CA ASP B 283 -33.29 3.88 50.34
C ASP B 283 -33.24 4.83 49.15
N PRO B 284 -33.94 4.51 48.06
CA PRO B 284 -33.79 5.29 46.84
C PRO B 284 -34.64 6.53 46.90
N PRO B 285 -34.50 7.44 45.94
CA PRO B 285 -35.35 8.63 45.91
C PRO B 285 -36.67 8.30 45.23
N VAL B 286 -37.57 9.28 45.21
CA VAL B 286 -38.90 9.12 44.63
C VAL B 286 -39.05 10.01 43.40
N PHE B 287 -39.35 9.38 42.27
CA PHE B 287 -39.55 10.11 41.01
C PHE B 287 -40.53 9.32 40.16
N PRO B 288 -41.83 9.46 40.43
CA PRO B 288 -42.84 8.64 39.75
C PRO B 288 -42.98 8.99 38.28
N VAL B 289 -42.95 7.96 37.44
CA VAL B 289 -43.20 8.08 36.01
C VAL B 289 -44.54 7.44 35.69
N CYS B 290 -45.33 8.10 34.85
CA CYS B 290 -46.70 7.69 34.58
C CYS B 290 -46.75 6.80 33.35
N MET B 291 -47.74 5.91 33.32
CA MET B 291 -47.83 4.91 32.29
C MET B 291 -49.27 4.82 31.80
N LEU B 292 -49.42 4.41 30.55
CA LEU B 292 -50.73 4.20 29.95
C LEU B 292 -50.71 2.84 29.27
N GLY B 293 -51.19 1.82 29.97
CA GLY B 293 -51.05 0.49 29.42
C GLY B 293 -49.58 0.14 29.48
N ASN B 294 -48.96 0.09 28.30
CA ASN B 294 -47.54 -0.15 28.18
C ASN B 294 -46.91 0.91 27.30
N ARG B 295 -47.43 2.13 27.40
CA ARG B 295 -46.87 3.32 26.79
C ARG B 295 -46.33 4.25 27.86
N THR B 296 -45.55 5.24 27.44
CA THR B 296 -44.89 6.19 28.34
C THR B 296 -45.40 7.60 28.08
N LEU B 297 -46.08 8.17 29.08
CA LEU B 297 -46.64 9.51 28.94
C LEU B 297 -45.61 10.58 29.30
N SER B 298 -45.63 11.68 28.55
CA SER B 298 -44.82 12.84 28.86
C SER B 298 -45.41 13.57 30.06
N ARG B 299 -44.69 13.57 31.19
CA ARG B 299 -45.17 14.17 32.43
C ARG B 299 -45.12 15.70 32.41
N ASP B 300 -44.70 16.34 31.33
CA ASP B 300 -44.55 17.79 31.35
C ASP B 300 -45.88 18.51 31.44
N GLN B 301 -46.86 18.13 30.61
CA GLN B 301 -48.13 18.85 30.59
C GLN B 301 -49.02 18.55 31.79
N PHE B 302 -49.30 17.27 32.04
CA PHE B 302 -50.31 16.93 33.04
C PHE B 302 -49.91 17.35 34.44
N ASP B 303 -50.91 17.73 35.22
CA ASP B 303 -50.71 17.99 36.64
C ASP B 303 -50.52 16.68 37.39
N ILE B 304 -51.42 15.72 37.15
CA ILE B 304 -51.37 14.39 37.75
C ILE B 304 -51.86 13.39 36.73
N CYS B 305 -51.31 12.18 36.77
CA CYS B 305 -51.72 11.12 35.84
C CYS B 305 -52.82 10.28 36.48
N ALA B 306 -54.06 10.65 36.17
CA ALA B 306 -55.24 9.95 36.64
C ALA B 306 -56.41 10.37 35.77
N LYS B 307 -57.23 9.41 35.35
CA LYS B 307 -58.30 9.70 34.42
C LYS B 307 -59.30 10.70 35.01
N THR B 308 -59.58 10.60 36.31
CA THR B 308 -60.54 11.46 36.97
C THR B 308 -60.06 11.81 38.36
N ALA B 309 -60.43 13.00 38.82
CA ALA B 309 -60.08 13.47 40.15
C ALA B 309 -61.33 13.94 40.86
N VAL B 310 -61.28 13.92 42.19
CA VAL B 310 -62.42 14.23 43.04
C VAL B 310 -62.28 15.66 43.55
N VAL B 311 -63.15 16.55 43.07
CA VAL B 311 -63.15 17.94 43.47
C VAL B 311 -64.55 18.30 43.94
N ASP B 312 -64.65 18.94 45.11
CA ASP B 312 -65.91 19.35 45.71
C ASP B 312 -66.87 18.17 45.89
N ASN B 313 -66.37 17.13 46.56
CA ASN B 313 -67.14 15.95 46.94
C ASN B 313 -67.57 15.13 45.73
N GLU B 314 -66.98 15.36 44.57
CA GLU B 314 -67.39 14.67 43.36
C GLU B 314 -66.22 14.59 42.39
N THR B 315 -66.34 13.65 41.44
CA THR B 315 -65.29 13.38 40.47
C THR B 315 -65.37 14.31 39.27
N VAL B 316 -64.20 14.70 38.76
CA VAL B 316 -64.13 15.60 37.62
C VAL B 316 -62.94 15.21 36.76
N ALA B 317 -63.09 15.43 35.46
CA ALA B 317 -62.02 15.10 34.53
C ALA B 317 -60.79 15.93 34.85
N THR B 318 -59.62 15.32 34.74
CA THR B 318 -58.38 16.00 35.06
C THR B 318 -57.77 16.60 33.81
N GLN B 319 -56.68 17.34 34.01
CA GLN B 319 -56.01 17.97 32.88
C GLN B 319 -55.53 16.92 31.90
N LEU B 320 -55.15 15.75 32.39
CA LEU B 320 -54.76 14.66 31.51
C LEU B 320 -55.90 14.23 30.61
N TRP B 321 -57.12 14.16 31.17
CA TRP B 321 -58.27 13.82 30.36
C TRP B 321 -58.53 14.86 29.28
N SER B 322 -58.58 16.13 29.68
CA SER B 322 -58.82 17.20 28.72
C SER B 322 -57.72 17.28 27.67
N PHE B 323 -56.51 16.85 28.02
CA PHE B 323 -55.41 16.86 27.06
C PHE B 323 -55.50 15.68 26.11
N PHE B 324 -55.94 14.53 26.61
CA PHE B 324 -56.09 13.35 25.78
C PHE B 324 -57.48 13.27 25.17
N CYS B 325 -58.49 13.73 25.89
CA CYS B 325 -59.83 13.79 25.34
C CYS B 325 -60.22 15.25 25.21
N HIS B 326 -60.67 15.63 24.02
CA HIS B 326 -60.95 17.03 23.74
C HIS B 326 -62.19 17.52 24.48
N SER B 327 -62.98 16.63 25.02
CA SER B 327 -64.19 16.97 25.76
C SER B 327 -63.86 17.26 27.21
N PRO B 328 -64.36 18.37 27.76
CA PRO B 328 -64.17 18.65 29.19
C PRO B 328 -65.28 18.10 30.07
N ASN B 329 -66.11 17.22 29.51
CA ASN B 329 -67.19 16.56 30.23
C ASN B 329 -66.98 15.05 30.16
N LEU B 330 -67.14 14.39 31.30
CA LEU B 330 -66.92 12.95 31.38
C LEU B 330 -67.84 12.19 30.43
N THR B 331 -69.06 12.69 30.24
CA THR B 331 -70.07 12.03 29.41
C THR B 331 -69.77 12.26 27.93
N THR B 332 -68.75 11.56 27.43
CA THR B 332 -68.40 11.67 26.03
C THR B 332 -67.88 10.32 25.54
N ASP B 333 -68.11 10.05 24.26
CA ASP B 333 -67.66 8.81 23.62
C ASP B 333 -67.12 9.11 22.22
N SER B 334 -66.23 10.08 22.14
CA SER B 334 -65.60 10.48 20.86
C SER B 334 -64.09 10.52 20.99
N CYS B 335 -63.55 9.77 21.95
CA CYS B 335 -62.12 9.77 22.20
C CYS B 335 -61.44 8.54 21.58
N ASP B 336 -60.12 8.53 21.65
CA ASP B 336 -59.35 7.44 21.07
C ASP B 336 -59.61 6.13 21.81
N PRO B 337 -59.55 5.00 21.11
CA PRO B 337 -59.81 3.72 21.76
C PRO B 337 -58.73 3.32 22.75
N TYR B 338 -57.50 3.78 22.57
CA TYR B 338 -56.43 3.35 23.46
C TYR B 338 -56.58 3.94 24.85
N PHE B 339 -57.12 5.16 24.95
CA PHE B 339 -57.22 5.82 26.24
C PHE B 339 -58.24 5.12 27.13
N MET B 340 -59.44 4.86 26.61
CA MET B 340 -60.47 4.22 27.42
C MET B 340 -60.23 2.73 27.63
N LEU B 341 -59.54 2.07 26.70
CA LEU B 341 -59.39 0.62 26.81
C LEU B 341 -58.39 0.22 27.88
N ASN B 342 -57.39 1.06 28.15
CA ASN B 342 -56.36 0.72 29.11
C ASN B 342 -56.49 1.60 30.34
N ASN B 343 -55.63 1.34 31.31
CA ASN B 343 -55.64 2.00 32.60
C ASN B 343 -54.59 3.09 32.63
N VAL B 344 -54.38 3.66 33.81
CA VAL B 344 -53.37 4.69 34.03
C VAL B 344 -52.64 4.26 35.29
N THR B 345 -51.38 3.88 35.16
CA THR B 345 -50.59 3.40 36.28
C THR B 345 -49.45 4.37 36.58
N GLU B 346 -48.89 4.21 37.78
CA GLU B 346 -47.78 5.03 38.25
C GLU B 346 -46.74 4.10 38.89
N ILE B 347 -45.81 3.61 38.08
CA ILE B 347 -44.79 2.70 38.57
C ILE B 347 -43.58 3.51 39.01
N PRO B 348 -42.83 3.08 40.02
CA PRO B 348 -41.64 3.82 40.42
C PRO B 348 -40.53 3.70 39.40
N GLY B 349 -39.85 4.81 39.16
CA GLY B 349 -38.81 4.88 38.16
C GLY B 349 -37.44 4.54 38.72
N ILE B 350 -37.30 4.73 40.03
CA ILE B 350 -36.03 4.41 40.69
C ILE B 350 -36.27 3.25 41.65
N PRO B 351 -36.20 2.02 41.16
CA PRO B 351 -36.29 0.87 42.06
C PRO B 351 -34.93 0.63 42.71
N GLY B 352 -34.93 0.39 44.02
CA GLY B 352 -33.67 0.24 44.71
C GLY B 352 -32.90 -0.96 44.17
N ALA B 353 -31.58 -0.90 44.32
CA ALA B 353 -30.71 -1.92 43.74
C ALA B 353 -31.23 -3.30 44.08
N ALA B 354 -31.40 -4.12 43.05
CA ALA B 354 -31.89 -5.48 43.22
C ALA B 354 -31.55 -6.27 41.96
N ALA B 355 -31.77 -7.57 42.04
CA ALA B 355 -31.50 -8.45 40.91
C ALA B 355 -32.69 -8.59 39.98
N GLY B 356 -33.83 -8.01 40.34
CA GLY B 356 -34.98 -8.07 39.46
C GLY B 356 -34.90 -7.05 38.36
N VAL B 357 -34.29 -5.90 38.63
CA VAL B 357 -34.18 -4.89 37.59
C VAL B 357 -33.09 -5.27 36.60
N LEU B 358 -31.96 -5.76 37.10
CA LEU B 358 -30.89 -6.22 36.22
C LEU B 358 -31.35 -7.41 35.40
N GLN B 359 -32.37 -8.12 35.86
CA GLN B 359 -32.94 -9.17 35.05
C GLN B 359 -33.86 -8.59 33.99
N GLU B 360 -34.50 -7.47 34.29
CA GLU B 360 -35.41 -6.85 33.33
C GLU B 360 -34.65 -6.31 32.13
N ASN B 361 -33.74 -5.35 32.36
CA ASN B 361 -33.02 -4.70 31.27
C ASN B 361 -31.73 -5.45 31.02
N LEU B 362 -31.87 -6.58 30.32
CA LEU B 362 -30.75 -7.44 30.01
C LEU B 362 -30.69 -7.83 28.55
N TRP B 363 -31.75 -7.59 27.79
CA TRP B 363 -31.81 -7.93 26.37
C TRP B 363 -32.00 -6.66 25.56
N SER B 364 -31.56 -6.72 24.31
CA SER B 364 -31.52 -5.53 23.47
C SER B 364 -32.92 -4.94 23.33
N ALA B 365 -32.99 -3.63 23.11
CA ALA B 365 -34.25 -2.92 22.96
C ALA B 365 -34.15 -1.90 21.83
N TYR B 366 -33.56 -2.30 20.71
CA TYR B 366 -33.39 -1.40 19.59
C TYR B 366 -34.73 -0.93 19.05
N LEU B 367 -34.99 0.37 19.16
CA LEU B 367 -36.22 0.95 18.64
C LEU B 367 -36.01 1.44 17.22
N GLU B 368 -37.05 1.99 16.63
CA GLU B 368 -37.02 2.61 15.31
C GLU B 368 -37.37 4.08 15.44
N LYS B 369 -37.17 4.81 14.35
CA LYS B 369 -37.47 6.24 14.35
C LYS B 369 -38.97 6.43 14.50
N GLY B 370 -39.39 7.12 15.55
CA GLY B 370 -40.79 7.39 15.77
C GLY B 370 -41.52 6.39 16.63
N ASP B 371 -40.87 5.31 17.06
CA ASP B 371 -41.55 4.32 17.88
C ASP B 371 -41.83 4.88 19.27
N ILE B 372 -42.54 4.08 20.07
CA ILE B 372 -42.97 4.47 21.40
C ILE B 372 -42.18 3.68 22.45
N VAL B 373 -41.77 4.38 23.51
CA VAL B 373 -41.02 3.79 24.61
C VAL B 373 -41.97 2.99 25.50
N GLU B 374 -41.82 1.67 25.50
CA GLU B 374 -42.76 0.77 26.14
C GLU B 374 -42.13 0.04 27.32
N LYS B 375 -42.92 -0.16 28.37
CA LYS B 375 -42.46 -0.83 29.59
C LYS B 375 -42.85 -2.30 29.50
N HIS B 376 -41.91 -3.13 29.09
CA HIS B 376 -42.18 -4.55 28.93
C HIS B 376 -42.50 -5.15 30.29
N GLY B 377 -43.73 -5.61 30.48
CA GLY B 377 -44.11 -6.21 31.73
C GLY B 377 -45.30 -5.57 32.43
N LEU B 378 -46.19 -4.95 31.65
CA LEU B 378 -47.42 -4.38 32.19
C LEU B 378 -48.58 -4.77 31.30
N PRO B 379 -49.76 -4.96 31.88
CA PRO B 379 -50.93 -5.35 31.07
C PRO B 379 -51.34 -4.20 30.16
N SER B 380 -51.46 -4.49 28.87
CA SER B 380 -51.83 -3.48 27.88
C SER B 380 -52.70 -4.14 26.82
N ALA B 381 -53.91 -3.62 26.63
CA ALA B 381 -54.81 -4.10 25.58
C ALA B 381 -54.75 -3.14 24.41
N ASP B 382 -54.21 -3.61 23.30
CA ASP B 382 -53.94 -2.76 22.15
C ASP B 382 -55.25 -2.28 21.51
N ALA B 383 -55.15 -1.18 20.77
CA ALA B 383 -56.28 -0.54 20.11
C ALA B 383 -55.75 0.60 19.26
N PRO B 384 -56.50 1.02 18.25
CA PRO B 384 -56.08 2.19 17.45
C PRO B 384 -56.11 3.46 18.30
N SER B 385 -55.59 4.53 17.72
CA SER B 385 -55.51 5.81 18.42
C SER B 385 -55.56 6.96 17.44
N LEU B 386 -55.91 8.13 17.96
CA LEU B 386 -56.05 9.34 17.16
C LEU B 386 -54.66 9.90 16.84
N LYS B 387 -54.64 11.00 16.10
CA LYS B 387 -53.38 11.65 15.71
C LYS B 387 -53.11 12.93 16.48
N GLU B 388 -54.00 13.36 17.37
CA GLU B 388 -53.76 14.49 18.24
C GLU B 388 -53.17 14.09 19.58
N SER B 389 -52.79 12.83 19.74
CA SER B 389 -52.18 12.34 20.97
C SER B 389 -50.68 12.15 20.86
N LEU B 390 -50.15 12.04 19.65
CA LEU B 390 -48.71 11.82 19.48
C LEU B 390 -47.84 12.87 20.16
N PRO B 391 -48.20 14.15 20.24
CA PRO B 391 -47.35 15.09 21.00
C PRO B 391 -47.34 14.83 22.50
N LEU B 392 -47.99 13.77 22.97
CA LEU B 392 -48.05 13.50 24.39
C LEU B 392 -47.30 12.25 24.81
N TYR B 393 -46.92 11.38 23.89
CA TYR B 393 -46.07 10.24 24.22
C TYR B 393 -44.61 10.61 23.99
N VAL B 394 -43.73 9.96 24.74
CA VAL B 394 -42.31 10.08 24.47
C VAL B 394 -41.98 9.19 23.28
N VAL B 395 -41.07 9.68 22.44
CA VAL B 395 -40.78 9.05 21.15
C VAL B 395 -39.29 8.78 21.06
N ALA B 396 -38.93 7.73 20.34
CA ALA B 396 -37.53 7.47 20.05
C ALA B 396 -37.05 8.47 19.01
N ASP B 397 -35.90 9.09 19.28
CA ASP B 397 -35.44 10.21 18.47
C ASP B 397 -34.65 9.79 17.25
N ILE B 398 -33.74 8.84 17.39
CA ILE B 398 -32.93 8.39 16.27
C ILE B 398 -32.94 6.88 16.23
N ALA B 399 -32.68 6.34 15.05
CA ALA B 399 -32.58 4.90 14.90
C ALA B 399 -31.36 4.39 15.63
N THR B 400 -31.54 3.36 16.45
CA THR B 400 -30.47 2.80 17.27
C THR B 400 -30.11 1.41 16.76
N SER B 401 -28.83 1.10 16.83
CA SER B 401 -28.29 -0.19 16.41
C SER B 401 -27.08 -0.48 17.27
N PHE B 402 -26.22 -1.40 16.82
CA PHE B 402 -24.96 -1.62 17.51
C PHE B 402 -23.88 -0.69 16.99
N THR B 403 -23.79 -0.55 15.67
CA THR B 403 -22.76 0.32 15.10
C THR B 403 -22.99 1.77 15.49
N VAL B 404 -24.25 2.19 15.57
CA VAL B 404 -24.54 3.55 15.99
C VAL B 404 -24.02 3.79 17.38
N LEU B 405 -24.24 2.84 18.29
CA LEU B 405 -23.76 3.01 19.65
C LEU B 405 -22.24 3.01 19.71
N VAL B 406 -21.58 2.18 18.90
CA VAL B 406 -20.12 2.24 18.85
C VAL B 406 -19.67 3.64 18.47
N GLY B 407 -20.25 4.17 17.41
CA GLY B 407 -19.86 5.50 16.96
C GLY B 407 -20.16 6.59 17.96
N ILE B 408 -21.29 6.49 18.65
CA ILE B 408 -21.64 7.55 19.59
C ILE B 408 -20.81 7.47 20.86
N PHE B 409 -20.46 6.27 21.31
CA PHE B 409 -19.74 6.18 22.56
C PHE B 409 -18.23 6.35 22.42
N PHE B 410 -17.65 6.00 21.27
CA PHE B 410 -16.19 5.98 21.16
C PHE B 410 -15.46 7.26 21.54
N PRO B 411 -15.97 8.47 21.28
CA PRO B 411 -15.19 9.66 21.62
C PRO B 411 -15.00 9.88 23.11
N SER B 412 -15.39 8.93 23.95
CA SER B 412 -15.17 9.06 25.37
C SER B 412 -13.98 8.26 25.88
N VAL B 413 -13.22 7.60 25.01
CA VAL B 413 -12.05 6.85 25.46
C VAL B 413 -10.83 7.31 24.69
N THR B 414 -10.97 8.39 23.95
CA THR B 414 -9.90 8.95 23.15
C THR B 414 -9.19 10.04 23.92
N GLY B 415 -7.91 10.23 23.60
CA GLY B 415 -7.11 11.21 24.27
C GLY B 415 -5.86 10.66 24.92
N ILE B 416 -5.43 9.47 24.51
CA ILE B 416 -4.25 8.89 25.14
C ILE B 416 -2.98 9.52 24.64
N MET B 417 -3.04 10.33 23.59
CA MET B 417 -1.86 11.00 23.09
C MET B 417 -1.69 12.36 23.73
N ALA B 418 -2.65 12.78 24.55
CA ALA B 418 -2.55 14.04 25.26
C ALA B 418 -1.76 13.88 26.54
N GLY B 419 -1.57 12.64 26.98
CA GLY B 419 -0.80 12.39 28.19
C GLY B 419 0.67 12.59 27.96
N SER B 420 1.18 12.16 26.82
CA SER B 420 2.59 12.29 26.49
C SER B 420 2.84 13.67 25.87
N ASN B 421 2.55 14.68 26.67
CA ASN B 421 2.54 16.05 26.20
C ASN B 421 3.42 16.98 27.01
N ARG B 422 4.03 16.51 28.09
CA ARG B 422 5.01 17.31 28.80
C ARG B 422 6.34 16.59 28.85
N SER B 423 6.73 16.02 27.71
CA SER B 423 7.96 15.23 27.62
C SER B 423 9.16 16.02 28.12
N GLY B 424 9.22 17.32 27.82
CA GLY B 424 10.37 18.10 28.23
C GLY B 424 10.49 18.23 29.74
N ASP B 425 9.36 18.48 30.41
CA ASP B 425 9.38 18.64 31.87
C ASP B 425 9.02 17.32 32.54
N LEU B 426 9.84 16.31 32.28
CA LEU B 426 9.65 15.00 32.86
C LEU B 426 10.96 14.51 33.47
N ARG B 427 10.83 13.75 34.56
CA ARG B 427 12.01 13.23 35.23
C ARG B 427 12.69 12.15 34.41
N ASP B 428 11.98 11.04 34.16
CA ASP B 428 12.49 9.92 33.36
C ASP B 428 11.37 9.37 32.49
N ALA B 429 11.29 9.86 31.26
CA ALA B 429 10.11 9.59 30.44
C ALA B 429 9.98 8.11 30.10
N GLN B 430 11.09 7.40 29.90
CA GLN B 430 11.02 6.00 29.49
C GLN B 430 10.26 5.14 30.48
N LYS B 431 10.28 5.52 31.76
CA LYS B 431 9.64 4.73 32.79
C LYS B 431 8.38 5.37 33.32
N SER B 432 8.08 6.60 32.90
CA SER B 432 6.96 7.35 33.46
C SER B 432 5.82 7.51 32.47
N ILE B 433 6.10 7.50 31.18
CA ILE B 433 5.05 7.67 30.18
C ILE B 433 4.25 6.38 30.01
N PRO B 434 4.88 5.23 29.75
CA PRO B 434 4.07 4.03 29.51
C PRO B 434 3.20 3.65 30.69
N VAL B 435 3.78 3.67 31.89
CA VAL B 435 3.02 3.29 33.08
C VAL B 435 1.87 4.27 33.31
N GLY B 436 2.11 5.56 33.08
CA GLY B 436 1.04 6.53 33.27
C GLY B 436 -0.10 6.33 32.30
N THR B 437 0.23 6.14 31.02
CA THR B 437 -0.80 5.93 30.02
C THR B 437 -1.62 4.69 30.34
N ILE B 438 -0.94 3.59 30.66
CA ILE B 438 -1.68 2.37 30.90
C ILE B 438 -2.52 2.46 32.16
N LEU B 439 -2.02 3.16 33.19
CA LEU B 439 -2.82 3.32 34.39
C LEU B 439 -4.05 4.16 34.13
N ALA B 440 -3.94 5.20 33.31
CA ALA B 440 -5.12 5.98 32.98
C ALA B 440 -6.12 5.16 32.20
N ILE B 441 -5.65 4.36 31.24
CA ILE B 441 -6.56 3.53 30.45
C ILE B 441 -7.30 2.56 31.36
N ILE B 442 -6.57 1.91 32.26
CA ILE B 442 -7.18 0.93 33.14
C ILE B 442 -8.21 1.60 34.04
N THR B 443 -7.89 2.78 34.56
CA THR B 443 -8.84 3.46 35.44
C THR B 443 -10.12 3.80 34.70
N THR B 444 -9.99 4.29 33.47
CA THR B 444 -11.19 4.61 32.69
C THR B 444 -11.98 3.36 32.38
N SER B 445 -11.31 2.26 32.07
CA SER B 445 -12.03 1.04 31.75
C SER B 445 -12.82 0.55 32.96
N LEU B 446 -12.21 0.62 34.15
CA LEU B 446 -12.92 0.16 35.33
C LEU B 446 -14.08 1.08 35.69
N VAL B 447 -13.91 2.39 35.50
CA VAL B 447 -15.02 3.29 35.80
C VAL B 447 -16.18 3.03 34.86
N TYR B 448 -15.91 2.81 33.57
CA TYR B 448 -17.00 2.50 32.66
C TYR B 448 -17.66 1.17 32.99
N PHE B 449 -16.88 0.14 33.31
CA PHE B 449 -17.49 -1.14 33.65
C PHE B 449 -18.40 -0.99 34.86
N SER B 450 -17.89 -0.36 35.92
CA SER B 450 -18.68 -0.20 37.13
C SER B 450 -19.91 0.66 36.90
N SER B 451 -19.78 1.72 36.11
CA SER B 451 -20.93 2.59 35.88
C SER B 451 -21.98 1.89 35.01
N VAL B 452 -21.55 1.11 34.03
CA VAL B 452 -22.51 0.37 33.21
C VAL B 452 -23.30 -0.59 34.09
N VAL B 453 -22.61 -1.35 34.94
CA VAL B 453 -23.31 -2.31 35.77
C VAL B 453 -24.24 -1.59 36.75
N LEU B 454 -23.79 -0.48 37.33
CA LEU B 454 -24.62 0.20 38.31
C LEU B 454 -25.88 0.77 37.68
N PHE B 455 -25.75 1.44 36.53
CA PHE B 455 -26.92 1.95 35.83
C PHE B 455 -27.86 0.83 35.43
N GLY B 456 -27.32 -0.23 34.81
CA GLY B 456 -28.18 -1.33 34.40
C GLY B 456 -28.97 -1.93 35.53
N ALA B 457 -28.36 -2.07 36.71
CA ALA B 457 -28.99 -2.79 37.79
C ALA B 457 -29.70 -1.90 38.80
N CYS B 458 -29.68 -0.58 38.65
CA CYS B 458 -30.29 0.26 39.67
C CYS B 458 -31.44 1.14 39.19
N ILE B 459 -31.62 1.33 37.89
CA ILE B 459 -32.62 2.24 37.37
C ILE B 459 -33.57 1.48 36.45
N GLU B 460 -34.80 1.96 36.37
CA GLU B 460 -35.78 1.31 35.51
C GLU B 460 -35.34 1.37 34.06
N GLY B 461 -35.68 0.31 33.32
CA GLY B 461 -35.33 0.22 31.91
C GLY B 461 -36.15 1.09 30.98
N VAL B 462 -37.16 1.77 31.49
CA VAL B 462 -38.01 2.61 30.64
C VAL B 462 -37.72 4.09 30.78
N VAL B 463 -37.15 4.53 31.91
CA VAL B 463 -36.80 5.93 32.08
C VAL B 463 -35.38 6.21 31.60
N LEU B 464 -34.62 5.17 31.29
CA LEU B 464 -33.30 5.38 30.69
C LEU B 464 -33.40 5.82 29.24
N ARG B 465 -34.49 5.48 28.56
CA ARG B 465 -34.56 5.78 27.13
C ARG B 465 -35.03 7.19 26.81
N ASP B 466 -35.39 8.01 27.80
CA ASP B 466 -35.72 9.41 27.52
C ASP B 466 -34.44 10.22 27.39
N LYS B 467 -34.04 10.49 26.15
CA LYS B 467 -32.79 11.19 25.90
C LYS B 467 -32.78 12.56 26.57
N TYR B 468 -33.93 13.21 26.66
CA TYR B 468 -34.03 14.53 27.26
C TYR B 468 -34.79 14.53 28.57
N GLY B 469 -34.89 13.37 29.21
CA GLY B 469 -35.56 13.27 30.49
C GLY B 469 -37.01 13.69 30.42
N ASP B 470 -37.78 13.00 29.60
CA ASP B 470 -39.18 13.35 29.44
C ASP B 470 -40.05 12.64 30.48
N GLY B 471 -39.72 11.40 30.81
CA GLY B 471 -40.47 10.72 31.86
C GLY B 471 -40.43 11.48 33.16
N VAL B 472 -39.25 11.88 33.59
CA VAL B 472 -39.15 12.80 34.72
C VAL B 472 -39.47 14.21 34.24
N SER B 473 -39.75 15.08 35.21
CA SER B 473 -40.23 16.44 34.91
C SER B 473 -39.06 17.31 34.41
N ARG B 474 -38.55 16.90 33.24
CA ARG B 474 -37.45 17.59 32.56
C ARG B 474 -36.27 17.82 33.51
N ASN B 475 -35.74 16.71 34.02
CA ASN B 475 -34.54 16.67 34.83
C ASN B 475 -33.48 15.86 34.11
N LEU B 476 -32.24 15.97 34.59
CA LEU B 476 -31.18 15.13 34.08
C LEU B 476 -31.42 13.70 34.56
N VAL B 477 -31.65 12.80 33.61
CA VAL B 477 -31.98 11.41 33.96
C VAL B 477 -30.91 10.79 34.83
N VAL B 478 -29.63 11.02 34.52
CA VAL B 478 -28.55 10.50 35.34
C VAL B 478 -28.37 11.29 36.63
N GLY B 479 -28.90 12.50 36.70
CA GLY B 479 -28.78 13.30 37.90
C GLY B 479 -29.80 13.00 38.98
N THR B 480 -30.75 12.12 38.69
CA THR B 480 -31.76 11.77 39.68
C THR B 480 -31.16 11.09 40.90
N LEU B 481 -30.19 10.20 40.69
CA LEU B 481 -29.50 9.54 41.79
C LEU B 481 -28.21 10.29 42.09
N ALA B 482 -28.24 11.11 43.14
CA ALA B 482 -27.06 11.83 43.61
C ALA B 482 -27.36 12.34 45.01
N TRP B 483 -26.42 12.15 45.95
CA TRP B 483 -26.77 12.37 47.36
C TRP B 483 -27.10 13.83 47.64
N PRO B 484 -26.20 14.79 47.42
CA PRO B 484 -26.49 16.17 47.86
C PRO B 484 -27.72 16.77 47.20
N SER B 485 -27.76 16.78 45.88
CA SER B 485 -28.92 17.27 45.13
C SER B 485 -28.72 16.94 43.66
N PRO B 486 -29.79 16.78 42.88
CA PRO B 486 -29.63 16.60 41.44
C PRO B 486 -29.07 17.81 40.72
N TRP B 487 -28.82 18.92 41.41
CA TRP B 487 -28.33 20.14 40.78
C TRP B 487 -26.82 20.19 40.64
N VAL B 488 -26.09 19.27 41.28
CA VAL B 488 -24.65 19.29 41.17
C VAL B 488 -24.20 18.73 39.83
N ILE B 489 -24.90 17.74 39.30
CA ILE B 489 -24.44 17.13 38.05
C ILE B 489 -24.61 18.09 36.89
N VAL B 490 -25.64 18.92 36.91
CA VAL B 490 -25.84 19.86 35.80
C VAL B 490 -24.67 20.83 35.74
N ILE B 491 -24.38 21.48 36.86
CA ILE B 491 -23.28 22.45 36.88
C ILE B 491 -21.95 21.75 36.61
N GLY B 492 -21.76 20.55 37.16
CA GLY B 492 -20.54 19.81 36.92
C GLY B 492 -20.30 19.52 35.45
N SER B 493 -21.33 19.01 34.76
CA SER B 493 -21.17 18.70 33.34
C SER B 493 -21.02 19.98 32.53
N PHE B 494 -21.67 21.06 32.94
CA PHE B 494 -21.50 22.33 32.24
C PHE B 494 -20.06 22.78 32.28
N PHE B 495 -19.46 22.80 33.48
CA PHE B 495 -18.08 23.25 33.58
C PHE B 495 -17.12 22.29 32.89
N SER B 496 -17.39 20.98 32.97
CA SER B 496 -16.54 20.02 32.28
C SER B 496 -16.58 20.23 30.77
N THR B 497 -17.76 20.44 30.21
CA THR B 497 -17.85 20.64 28.77
C THR B 497 -17.16 21.93 28.35
N CYS B 498 -17.40 23.01 29.10
CA CYS B 498 -16.73 24.26 28.76
C CYS B 498 -15.22 24.14 28.84
N GLY B 499 -14.71 23.48 29.89
CA GLY B 499 -13.27 23.34 30.02
C GLY B 499 -12.66 22.46 28.95
N ALA B 500 -13.34 21.38 28.59
CA ALA B 500 -12.81 20.52 27.54
C ALA B 500 -12.82 21.23 26.19
N GLY B 501 -13.88 21.97 25.90
CA GLY B 501 -13.90 22.74 24.67
C GLY B 501 -12.80 23.79 24.62
N LEU B 502 -12.62 24.53 25.72
CA LEU B 502 -11.57 25.54 25.76
C LEU B 502 -10.19 24.92 25.59
N GLN B 503 -9.93 23.80 26.26
CA GLN B 503 -8.60 23.23 26.15
C GLN B 503 -8.35 22.65 24.77
N SER B 504 -9.38 22.11 24.11
CA SER B 504 -9.17 21.64 22.74
C SER B 504 -8.92 22.81 21.80
N LEU B 505 -9.66 23.91 21.98
CA LEU B 505 -9.41 25.08 21.14
C LEU B 505 -8.08 25.73 21.44
N THR B 506 -7.49 25.45 22.61
CA THR B 506 -6.14 25.95 22.87
C THR B 506 -5.09 25.03 22.27
N GLY B 507 -5.34 23.73 22.29
CA GLY B 507 -4.31 22.79 21.88
C GLY B 507 -4.32 22.39 20.42
N ALA B 508 -5.36 22.71 19.66
CA ALA B 508 -5.25 22.34 18.26
C ALA B 508 -4.40 23.31 17.44
N PRO B 509 -4.59 24.63 17.56
CA PRO B 509 -3.75 25.55 16.78
C PRO B 509 -2.28 25.46 17.11
N ARG B 510 -1.92 25.12 18.36
CA ARG B 510 -0.50 24.96 18.65
C ARG B 510 0.09 23.82 17.85
N LEU B 511 -0.67 22.72 17.74
CA LEU B 511 -0.22 21.60 16.92
C LEU B 511 -0.13 22.00 15.46
N LEU B 512 -1.09 22.78 14.98
CA LEU B 512 -1.02 23.21 13.60
C LEU B 512 0.21 24.08 13.35
N GLN B 513 0.55 24.94 14.30
CA GLN B 513 1.74 25.76 14.15
C GLN B 513 3.00 24.91 14.16
N ALA B 514 3.03 23.87 14.99
CA ALA B 514 4.18 22.98 14.99
C ALA B 514 4.34 22.30 13.65
N ILE B 515 3.24 21.77 13.10
CA ILE B 515 3.34 21.12 11.78
C ILE B 515 3.75 22.13 10.72
N ALA B 516 3.28 23.37 10.83
CA ALA B 516 3.58 24.35 9.79
C ALA B 516 5.02 24.82 9.83
N LYS B 517 5.60 24.95 11.01
CA LYS B 517 6.99 25.41 11.04
C LYS B 517 7.98 24.32 10.67
N ASP B 518 7.57 23.06 10.67
CA ASP B 518 8.48 22.02 10.22
C ASP B 518 8.67 22.03 8.71
N ASN B 519 7.84 22.75 7.97
CA ASN B 519 8.02 22.93 6.54
C ASN B 519 7.99 21.60 5.81
N ILE B 520 7.12 20.70 6.26
CA ILE B 520 6.96 19.43 5.56
C ILE B 520 6.01 19.58 4.40
N ILE B 521 4.80 20.06 4.66
CA ILE B 521 3.86 20.31 3.58
C ILE B 521 4.07 21.76 3.17
N PRO B 522 4.28 22.05 1.90
CA PRO B 522 4.70 23.40 1.53
C PRO B 522 3.57 24.41 1.41
N PHE B 523 2.35 23.97 1.12
CA PHE B 523 1.32 24.96 0.83
C PHE B 523 0.76 25.63 2.08
N LEU B 524 1.11 25.16 3.26
CA LEU B 524 0.68 25.76 4.52
C LEU B 524 1.85 26.41 5.26
N ARG B 525 2.69 27.11 4.50
CA ARG B 525 3.78 27.87 5.12
C ARG B 525 3.25 29.09 5.86
N VAL B 526 2.12 29.64 5.44
CA VAL B 526 1.60 30.87 6.03
C VAL B 526 1.14 30.66 7.48
N PHE B 527 0.66 29.47 7.81
CA PHE B 527 0.13 29.20 9.15
C PHE B 527 1.19 29.23 10.23
N GLY B 528 2.44 29.49 9.89
CA GLY B 528 3.48 29.64 10.87
C GLY B 528 3.68 31.08 11.28
N HIS B 529 2.76 31.97 10.89
CA HIS B 529 2.91 33.39 11.14
C HIS B 529 2.48 33.67 12.58
N GLY B 530 3.32 33.18 13.50
CA GLY B 530 3.02 33.32 14.91
C GLY B 530 2.97 34.77 15.37
N LYS B 531 2.47 34.92 16.60
CA LYS B 531 2.40 36.22 17.24
C LYS B 531 3.79 36.61 17.73
N VAL B 532 3.86 37.75 18.44
CA VAL B 532 5.15 38.16 18.97
C VAL B 532 5.63 37.15 20.01
N ASN B 533 4.69 36.50 20.70
CA ASN B 533 5.04 35.53 21.72
C ASN B 533 5.13 34.11 21.16
N GLY B 534 4.64 33.89 19.94
CA GLY B 534 4.59 32.55 19.36
C GLY B 534 3.20 31.98 19.23
N GLU B 535 2.20 32.56 19.90
CA GLU B 535 0.84 32.03 19.81
C GLU B 535 0.32 32.21 18.39
N PRO B 536 -0.22 31.17 17.76
CA PRO B 536 -0.61 31.27 16.35
C PRO B 536 -1.64 32.36 16.13
N THR B 537 -1.65 32.90 14.92
CA THR B 537 -2.57 33.97 14.56
C THR B 537 -3.55 33.54 13.47
N TRP B 538 -3.06 33.10 12.31
CA TRP B 538 -3.93 32.70 11.22
C TRP B 538 -4.19 31.21 11.19
N ALA B 539 -3.89 30.53 12.30
CA ALA B 539 -4.25 29.13 12.47
C ALA B 539 -5.47 29.00 13.36
N LEU B 540 -5.62 29.95 14.29
CA LEU B 540 -6.80 29.99 15.14
C LEU B 540 -8.03 30.29 14.31
N LEU B 541 -7.91 31.20 13.34
CA LEU B 541 -9.04 31.51 12.47
C LEU B 541 -9.45 30.31 11.64
N LEU B 542 -8.48 29.59 11.07
CA LEU B 542 -8.82 28.40 10.31
C LEU B 542 -9.48 27.36 11.18
N THR B 543 -9.00 27.21 12.41
CA THR B 543 -9.61 26.24 13.30
C THR B 543 -11.05 26.64 13.62
N ALA B 544 -11.27 27.93 13.87
CA ALA B 544 -12.62 28.41 14.15
C ALA B 544 -13.53 28.21 12.95
N LEU B 545 -13.01 28.37 11.74
CA LEU B 545 -13.85 28.14 10.56
C LEU B 545 -14.26 26.67 10.46
N ILE B 546 -13.32 25.77 10.71
CA ILE B 546 -13.66 24.36 10.68
C ILE B 546 -14.67 24.03 11.79
N ALA B 547 -14.50 24.64 12.95
CA ALA B 547 -15.44 24.43 14.04
C ALA B 547 -16.83 24.93 13.67
N GLU B 548 -16.90 26.02 12.91
CA GLU B 548 -18.19 26.52 12.45
C GLU B 548 -18.82 25.53 11.49
N LEU B 549 -18.03 25.03 10.53
CA LEU B 549 -18.53 24.03 9.61
C LEU B 549 -19.03 22.79 10.34
N GLY B 550 -18.43 22.46 11.48
CA GLY B 550 -18.93 21.35 12.25
C GLY B 550 -20.15 21.66 13.09
N ILE B 551 -20.24 22.88 13.62
CA ILE B 551 -21.39 23.25 14.43
C ILE B 551 -22.65 23.33 13.59
N LEU B 552 -22.52 23.75 12.33
CA LEU B 552 -23.73 23.87 11.52
C LEU B 552 -24.49 22.56 11.38
N ILE B 553 -23.89 21.43 11.76
CA ILE B 553 -24.65 20.18 11.76
C ILE B 553 -25.54 20.10 12.98
N ALA B 554 -25.02 20.50 14.14
CA ALA B 554 -25.82 20.71 15.35
C ALA B 554 -26.53 19.44 15.81
N SER B 555 -25.80 18.34 15.91
CA SER B 555 -26.38 17.10 16.44
C SER B 555 -25.25 16.17 16.85
N LEU B 556 -25.17 15.87 18.14
CA LEU B 556 -24.13 14.99 18.65
C LEU B 556 -24.12 13.65 17.91
N ASP B 557 -25.30 13.11 17.64
CA ASP B 557 -25.39 11.79 17.04
C ASP B 557 -24.88 11.76 15.61
N MET B 558 -24.65 12.92 15.01
CA MET B 558 -24.06 13.01 13.69
C MET B 558 -22.64 13.54 13.70
N VAL B 559 -22.25 14.29 14.74
CA VAL B 559 -20.86 14.73 14.81
C VAL B 559 -19.98 13.59 15.29
N ALA B 560 -20.50 12.72 16.15
CA ALA B 560 -19.66 11.68 16.73
C ALA B 560 -19.03 10.73 15.72
N PRO B 561 -19.70 10.25 14.68
CA PRO B 561 -19.03 9.32 13.76
C PRO B 561 -17.84 9.90 13.01
N ILE B 562 -17.89 11.17 12.64
CA ILE B 562 -16.75 11.78 11.96
C ILE B 562 -15.54 11.83 12.89
N LEU B 563 -15.75 12.34 14.10
CA LEU B 563 -14.73 12.33 15.13
C LEU B 563 -14.13 10.94 15.30
N SER B 564 -14.99 9.93 15.41
CA SER B 564 -14.48 8.57 15.56
C SER B 564 -13.65 8.15 14.37
N MET B 565 -14.06 8.54 13.16
CA MET B 565 -13.28 8.17 11.99
C MET B 565 -11.89 8.75 12.05
N PHE B 566 -11.78 10.03 12.42
CA PHE B 566 -10.47 10.67 12.45
C PHE B 566 -9.57 10.01 13.48
N PHE B 567 -10.08 9.78 14.69
CA PHE B 567 -9.24 9.18 15.71
C PHE B 567 -8.87 7.75 15.39
N LEU B 568 -9.79 6.99 14.82
CA LEU B 568 -9.47 5.62 14.45
C LEU B 568 -8.40 5.60 13.36
N MET B 569 -8.47 6.54 12.43
CA MET B 569 -7.44 6.60 11.40
C MET B 569 -6.07 6.89 12.01
N CYS B 570 -6.01 7.86 12.92
CA CYS B 570 -4.74 8.17 13.58
C CYS B 570 -4.17 6.95 14.31
N TYR B 571 -5.00 6.28 15.11
CA TYR B 571 -4.49 5.14 15.86
C TYR B 571 -4.06 4.01 14.95
N LEU B 572 -4.85 3.74 13.90
CA LEU B 572 -4.49 2.67 12.98
C LEU B 572 -3.15 2.95 12.34
N PHE B 573 -2.88 4.20 11.97
CA PHE B 573 -1.60 4.49 11.35
C PHE B 573 -0.45 4.30 12.33
N VAL B 574 -0.61 4.76 13.57
CA VAL B 574 0.46 4.57 14.55
C VAL B 574 0.78 3.08 14.69
N ASN B 575 -0.25 2.25 14.86
CA ASN B 575 -0.01 0.83 15.06
C ASN B 575 0.66 0.20 13.84
N LEU B 576 0.18 0.55 12.64
CA LEU B 576 0.76 -0.05 11.44
C LEU B 576 2.24 0.32 11.32
N ALA B 577 2.58 1.58 11.61
CA ALA B 577 3.98 1.98 11.55
C ALA B 577 4.83 1.18 12.50
N CYS B 578 4.36 1.01 13.74
CA CYS B 578 5.14 0.24 14.71
C CYS B 578 5.37 -1.18 14.20
N ALA B 579 4.31 -1.83 13.72
CA ALA B 579 4.44 -3.21 13.30
C ALA B 579 5.41 -3.35 12.14
N VAL B 580 5.28 -2.49 11.12
CA VAL B 580 6.14 -2.61 9.96
C VAL B 580 7.59 -2.34 10.34
N GLN B 581 7.85 -1.30 11.12
CA GLN B 581 9.22 -0.99 11.47
C GLN B 581 9.84 -2.08 12.32
N THR B 582 9.04 -2.78 13.11
CA THR B 582 9.61 -3.92 13.85
C THR B 582 9.89 -5.08 12.90
N LEU B 583 9.00 -5.32 11.93
CA LEU B 583 9.18 -6.47 11.05
C LEU B 583 10.41 -6.31 10.16
N LEU B 584 10.48 -5.23 9.40
CA LEU B 584 11.50 -5.07 8.36
C LEU B 584 12.87 -4.66 8.89
N ARG B 585 13.08 -4.65 10.20
CA ARG B 585 14.35 -4.22 10.80
C ARG B 585 14.77 -2.85 10.28
N THR B 586 14.02 -1.84 10.71
CA THR B 586 14.40 -0.47 10.41
C THR B 586 15.72 -0.18 11.12
N PRO B 587 16.61 0.62 10.51
CA PRO B 587 17.93 0.82 11.11
C PRO B 587 17.91 1.45 12.49
N ASN B 588 17.08 2.47 12.70
CA ASN B 588 17.07 3.24 13.93
C ASN B 588 15.96 2.85 14.88
N TRP B 589 15.39 1.66 14.74
CA TRP B 589 14.22 1.28 15.52
C TRP B 589 14.53 0.05 16.36
N ARG B 590 14.81 0.28 17.64
CA ARG B 590 14.97 -0.79 18.63
C ARG B 590 14.34 -0.35 19.94
N PRO B 591 13.13 -0.82 20.23
CA PRO B 591 12.46 -0.41 21.46
C PRO B 591 12.93 -1.21 22.66
N ARG B 592 12.90 -0.57 23.83
CA ARG B 592 13.36 -1.19 25.06
C ARG B 592 12.23 -1.67 25.95
N PHE B 593 10.98 -1.48 25.55
CA PHE B 593 9.86 -1.94 26.35
C PHE B 593 9.90 -3.44 26.60
N LYS B 594 9.57 -3.82 27.83
CA LYS B 594 9.58 -5.23 28.21
C LYS B 594 8.37 -5.96 27.63
N TYR B 595 7.17 -5.53 28.00
CA TYR B 595 5.94 -6.18 27.55
C TYR B 595 5.51 -5.59 26.21
N TYR B 596 6.34 -5.82 25.19
CA TYR B 596 6.01 -5.35 23.85
C TYR B 596 6.38 -6.40 22.82
N HIS B 597 5.48 -6.60 21.87
CA HIS B 597 5.70 -7.54 20.79
C HIS B 597 4.86 -7.09 19.61
N TRP B 598 5.44 -7.14 18.41
CA TRP B 598 4.76 -6.62 17.23
C TRP B 598 3.43 -7.31 16.97
N ALA B 599 3.22 -8.51 17.51
CA ALA B 599 1.93 -9.16 17.35
C ALA B 599 0.82 -8.36 18.00
N LEU B 600 1.12 -7.72 19.13
CA LEU B 600 0.11 -6.91 19.81
C LEU B 600 -0.29 -5.71 18.96
N SER B 601 0.69 -5.02 18.38
CA SER B 601 0.39 -3.90 17.49
C SER B 601 -0.36 -4.36 16.25
N PHE B 602 -0.01 -5.52 15.72
CA PHE B 602 -0.72 -6.04 14.55
C PHE B 602 -2.18 -6.29 14.90
N LEU B 603 -2.43 -6.88 16.06
CA LEU B 603 -3.81 -7.12 16.49
C LEU B 603 -4.55 -5.81 16.71
N GLY B 604 -3.86 -4.81 17.25
CA GLY B 604 -4.50 -3.51 17.43
C GLY B 604 -4.90 -2.87 16.12
N MET B 605 -4.01 -2.93 15.13
CA MET B 605 -4.35 -2.42 13.80
C MET B 605 -5.57 -3.12 13.25
N SER B 606 -5.62 -4.45 13.39
CA SER B 606 -6.78 -5.18 12.87
C SER B 606 -8.06 -4.76 13.58
N LEU B 607 -8.02 -4.64 14.91
CA LEU B 607 -9.22 -4.31 15.67
C LEU B 607 -9.73 -2.90 15.34
N CYS B 608 -8.82 -1.93 15.29
CA CYS B 608 -9.26 -0.57 15.02
C CYS B 608 -9.70 -0.41 13.58
N LEU B 609 -9.14 -1.20 12.65
CA LEU B 609 -9.66 -1.19 11.29
C LEU B 609 -11.07 -1.76 11.23
N ALA B 610 -11.31 -2.84 11.98
CA ALA B 610 -12.64 -3.41 12.02
C ALA B 610 -13.66 -2.41 12.54
N LEU B 611 -13.30 -1.67 13.60
CA LEU B 611 -14.20 -0.63 14.09
C LEU B 611 -14.41 0.47 13.04
N MET B 612 -13.32 0.94 12.43
CA MET B 612 -13.40 2.00 11.44
C MET B 612 -14.30 1.62 10.27
N PHE B 613 -14.41 0.33 9.98
CA PHE B 613 -15.29 -0.06 8.89
C PHE B 613 -16.69 -0.40 9.36
N VAL B 614 -16.83 -0.80 10.62
CA VAL B 614 -18.16 -1.04 11.16
C VAL B 614 -18.95 0.25 11.22
N SER B 615 -18.32 1.35 11.64
CA SER B 615 -19.07 2.58 11.82
C SER B 615 -19.71 3.07 10.52
N SER B 616 -18.91 3.28 9.47
CA SER B 616 -19.45 3.71 8.18
C SER B 616 -18.41 3.45 7.09
N TRP B 617 -18.71 2.55 6.16
CA TRP B 617 -17.69 2.18 5.18
C TRP B 617 -17.27 3.36 4.31
N TYR B 618 -18.22 4.18 3.86
CA TYR B 618 -17.83 5.23 2.92
C TYR B 618 -16.98 6.29 3.61
N TYR B 619 -17.34 6.66 4.83
CA TYR B 619 -16.54 7.61 5.58
C TYR B 619 -15.13 7.08 5.79
N ALA B 620 -15.02 5.79 6.10
CA ALA B 620 -13.70 5.19 6.28
C ALA B 620 -12.91 5.21 4.99
N LEU B 621 -13.56 4.97 3.85
CA LEU B 621 -12.84 5.01 2.59
C LEU B 621 -12.33 6.41 2.30
N VAL B 622 -13.15 7.42 2.55
CA VAL B 622 -12.69 8.79 2.33
C VAL B 622 -11.51 9.11 3.23
N ALA B 623 -11.58 8.69 4.49
CA ALA B 623 -10.48 8.96 5.40
C ALA B 623 -9.20 8.27 4.95
N MET B 624 -9.31 7.01 4.52
CA MET B 624 -8.12 6.31 4.07
C MET B 624 -7.53 6.94 2.82
N LEU B 625 -8.38 7.38 1.89
CA LEU B 625 -7.86 8.01 0.68
C LEU B 625 -7.19 9.33 1.00
N ILE B 626 -7.75 10.12 1.92
CA ILE B 626 -7.09 11.35 2.33
C ILE B 626 -5.72 11.03 2.93
N ALA B 627 -5.67 10.03 3.80
CA ALA B 627 -4.41 9.68 4.44
C ALA B 627 -3.38 9.24 3.40
N GLY B 628 -3.79 8.40 2.45
CA GLY B 628 -2.86 7.96 1.43
C GLY B 628 -2.35 9.10 0.58
N MET B 629 -3.24 10.03 0.24
CA MET B 629 -2.81 11.18 -0.56
C MET B 629 -1.79 12.00 0.20
N ILE B 630 -2.02 12.26 1.47
CA ILE B 630 -1.07 13.08 2.21
C ILE B 630 0.25 12.34 2.39
N TYR B 631 0.19 11.03 2.62
CA TYR B 631 1.42 10.25 2.75
C TYR B 631 2.26 10.32 1.48
N LYS B 632 1.66 10.03 0.33
CA LYS B 632 2.43 10.06 -0.90
C LYS B 632 2.92 11.45 -1.21
N TYR B 633 2.15 12.48 -0.88
CA TYR B 633 2.62 13.83 -1.14
C TYR B 633 3.81 14.19 -0.27
N ILE B 634 3.78 13.79 1.00
CA ILE B 634 4.95 14.03 1.85
C ILE B 634 6.17 13.31 1.31
N GLU B 635 5.99 12.06 0.88
CA GLU B 635 7.13 11.32 0.35
C GLU B 635 7.72 12.04 -0.87
N TYR B 636 6.85 12.49 -1.77
CA TYR B 636 7.32 13.18 -2.96
C TYR B 636 8.07 14.46 -2.61
N GLN B 637 7.54 15.23 -1.67
CA GLN B 637 8.23 16.47 -1.33
C GLN B 637 9.56 16.20 -0.67
N GLY B 638 9.64 15.18 0.19
CA GLY B 638 10.93 14.86 0.77
C GLY B 638 11.95 14.43 -0.26
N ALA B 639 11.51 13.62 -1.23
CA ALA B 639 12.42 13.24 -2.30
C ALA B 639 12.89 14.46 -3.07
N GLU B 640 11.99 15.38 -3.38
CA GLU B 640 12.38 16.58 -4.10
C GLU B 640 13.32 17.45 -3.27
N LYS B 641 13.22 17.38 -1.96
CA LYS B 641 14.07 18.22 -1.12
C LYS B 641 15.46 17.63 -0.90
N GLU B 642 15.57 16.30 -0.83
CA GLU B 642 16.86 15.68 -0.56
C GLU B 642 17.77 15.65 -1.80
N TRP B 643 17.22 15.25 -2.94
CA TRP B 643 18.02 14.98 -4.12
C TRP B 643 17.93 16.08 -5.18
N GLY B 644 16.72 16.46 -5.56
CA GLY B 644 16.57 17.53 -6.53
C GLY B 644 15.48 17.30 -7.55
N ASP B 645 15.17 16.05 -7.86
CA ASP B 645 14.13 15.72 -8.82
C ASP B 645 13.03 14.92 -8.15
N GLY B 646 11.86 14.89 -8.79
CA GLY B 646 10.74 14.18 -8.23
C GLY B 646 10.75 12.68 -8.41
N ILE B 647 10.67 12.22 -9.66
CA ILE B 647 10.58 10.78 -9.90
C ILE B 647 11.93 10.11 -9.67
N ARG B 648 12.97 10.64 -10.32
CA ARG B 648 14.30 10.13 -10.09
C ARG B 648 14.68 10.24 -8.63
N GLY B 649 14.19 11.28 -7.95
CA GLY B 649 14.39 11.36 -6.53
C GLY B 649 13.71 10.24 -5.78
N LEU B 650 12.50 9.87 -6.20
CA LEU B 650 11.83 8.74 -5.57
C LEU B 650 12.65 7.47 -5.69
N SER B 651 13.18 7.23 -6.88
CA SER B 651 13.97 6.02 -7.06
C SER B 651 15.23 6.05 -6.22
N LEU B 652 15.91 7.19 -6.17
CA LEU B 652 17.10 7.30 -5.35
C LEU B 652 16.81 7.06 -3.88
N SER B 653 15.71 7.61 -3.37
CA SER B 653 15.41 7.44 -1.96
C SER B 653 15.08 5.99 -1.65
N ALA B 654 14.32 5.33 -2.52
CA ALA B 654 14.03 3.93 -2.25
C ALA B 654 15.31 3.12 -2.23
N ALA B 655 16.22 3.36 -3.17
CA ALA B 655 17.45 2.60 -3.22
C ALA B 655 18.28 2.82 -1.96
N ARG B 656 18.43 4.07 -1.54
CA ARG B 656 19.25 4.35 -0.37
C ARG B 656 18.65 3.71 0.87
N TYR B 657 17.34 3.80 1.02
CA TYR B 657 16.72 3.20 2.19
C TYR B 657 16.96 1.69 2.22
N ALA B 658 16.78 1.03 1.07
CA ALA B 658 16.95 -0.41 1.05
C ALA B 658 18.38 -0.80 1.41
N LEU B 659 19.37 -0.10 0.85
CA LEU B 659 20.75 -0.46 1.16
C LEU B 659 21.06 -0.23 2.64
N LEU B 660 20.61 0.89 3.19
CA LEU B 660 20.88 1.14 4.61
C LEU B 660 20.26 0.08 5.49
N ARG B 661 19.05 -0.36 5.14
CA ARG B 661 18.42 -1.39 5.96
C ARG B 661 19.17 -2.71 5.82
N LEU B 662 19.68 -3.00 4.63
CA LEU B 662 20.41 -4.24 4.42
C LEU B 662 21.78 -4.24 5.08
N GLU B 663 22.32 -3.08 5.44
CA GLU B 663 23.66 -3.04 6.03
C GLU B 663 23.76 -3.89 7.29
N GLU B 664 22.87 -3.66 8.25
CA GLU B 664 22.96 -4.39 9.52
C GLU B 664 22.50 -5.84 9.35
N GLY B 665 22.96 -6.68 10.26
CA GLY B 665 22.60 -8.08 10.23
C GLY B 665 23.72 -9.01 9.82
N PRO B 666 23.52 -10.30 10.05
CA PRO B 666 24.54 -11.30 9.69
C PRO B 666 24.85 -11.28 8.21
N PRO B 667 26.11 -11.24 7.84
CA PRO B 667 26.48 -11.04 6.44
C PRO B 667 26.62 -12.32 5.65
N HIS B 668 25.99 -13.40 6.09
CA HIS B 668 26.05 -14.66 5.40
C HIS B 668 24.67 -15.14 5.00
N THR B 669 24.53 -15.53 3.75
CA THR B 669 23.27 -16.05 3.23
C THR B 669 23.28 -17.56 3.35
N LYS B 670 22.13 -18.13 3.72
CA LYS B 670 22.04 -19.57 3.89
C LYS B 670 22.31 -20.33 2.58
N ASN B 671 22.09 -19.69 1.44
CA ASN B 671 22.31 -20.29 0.14
C ASN B 671 23.39 -19.54 -0.60
N TRP B 672 23.86 -20.12 -1.71
CA TRP B 672 24.92 -19.50 -2.50
C TRP B 672 24.49 -19.46 -3.96
N ARG B 673 24.30 -18.26 -4.50
CA ARG B 673 24.04 -18.10 -5.92
C ARG B 673 25.09 -17.21 -6.56
N PRO B 674 25.62 -17.57 -7.72
CA PRO B 674 26.68 -16.78 -8.34
C PRO B 674 26.19 -15.41 -8.78
N GLN B 675 26.88 -14.37 -8.31
CA GLN B 675 26.67 -12.99 -8.76
C GLN B 675 27.95 -12.52 -9.42
N LEU B 676 27.93 -12.38 -10.74
CA LEU B 676 29.17 -12.30 -11.50
C LEU B 676 29.65 -10.86 -11.66
N LEU B 677 30.95 -10.74 -11.91
CA LEU B 677 31.58 -9.49 -12.36
C LEU B 677 32.38 -9.83 -13.61
N VAL B 678 31.89 -9.43 -14.77
CA VAL B 678 32.49 -9.81 -16.05
C VAL B 678 33.59 -8.83 -16.43
N LEU B 679 34.84 -9.29 -16.39
CA LEU B 679 35.98 -8.44 -16.73
C LEU B 679 36.24 -8.46 -18.23
N LEU B 680 35.63 -7.52 -18.94
CA LEU B 680 35.88 -7.40 -20.37
C LEU B 680 37.22 -6.73 -20.62
N LYS B 681 37.76 -6.96 -21.82
CA LYS B 681 39.03 -6.36 -22.22
C LYS B 681 38.85 -5.56 -23.50
N LEU B 682 38.77 -4.24 -23.37
CA LEU B 682 38.57 -3.42 -24.54
C LEU B 682 39.84 -3.34 -25.37
N ASP B 683 39.66 -3.15 -26.68
CA ASP B 683 40.76 -3.06 -27.61
C ASP B 683 41.32 -1.64 -27.62
N GLU B 684 42.41 -1.47 -28.39
CA GLU B 684 43.03 -0.15 -28.52
C GLU B 684 42.09 0.82 -29.22
N ASP B 685 41.18 0.32 -30.03
CA ASP B 685 40.20 1.15 -30.71
C ASP B 685 38.88 1.18 -29.96
N LEU B 686 38.87 0.74 -28.71
CA LEU B 686 37.70 0.81 -27.84
C LEU B 686 36.54 0.02 -28.44
N HIS B 687 36.80 -1.24 -28.77
CA HIS B 687 35.78 -2.18 -29.18
C HIS B 687 35.84 -3.41 -28.31
N VAL B 688 34.68 -4.00 -28.03
CA VAL B 688 34.62 -5.18 -27.19
C VAL B 688 35.36 -6.30 -27.90
N LYS B 689 36.42 -6.80 -27.29
CA LYS B 689 37.21 -7.85 -27.94
C LYS B 689 36.45 -9.16 -28.01
N TYR B 690 35.92 -9.62 -26.87
CA TYR B 690 35.21 -10.90 -26.81
C TYR B 690 33.77 -10.65 -26.41
N PRO B 691 32.89 -10.36 -27.37
CA PRO B 691 31.48 -10.17 -27.03
C PRO B 691 30.76 -11.44 -26.64
N ARG B 692 31.45 -12.58 -26.59
CA ARG B 692 30.79 -13.80 -26.14
C ARG B 692 30.74 -13.93 -24.63
N LEU B 693 31.62 -13.23 -23.90
CA LEU B 693 31.51 -13.25 -22.45
C LEU B 693 30.19 -12.68 -21.99
N LEU B 694 29.73 -11.60 -22.64
CA LEU B 694 28.46 -11.03 -22.27
C LEU B 694 27.33 -12.00 -22.57
N THR B 695 27.42 -12.72 -23.69
CA THR B 695 26.42 -13.72 -24.00
C THR B 695 26.39 -14.82 -22.95
N PHE B 696 27.57 -15.30 -22.56
CA PHE B 696 27.63 -16.34 -21.55
C PHE B 696 27.11 -15.87 -20.21
N ALA B 697 27.42 -14.63 -19.84
CA ALA B 697 26.90 -14.12 -18.58
C ALA B 697 25.39 -14.02 -18.63
N SER B 698 24.85 -13.61 -19.77
CA SER B 698 23.40 -13.53 -19.90
C SER B 698 22.78 -14.92 -19.85
N GLN B 699 23.47 -15.92 -20.37
CA GLN B 699 22.94 -17.28 -20.31
C GLN B 699 23.01 -17.85 -18.91
N LEU B 700 24.00 -17.45 -18.12
CA LEU B 700 24.12 -18.02 -16.78
C LEU B 700 23.24 -17.30 -15.77
N LYS B 701 22.95 -16.03 -16.00
CA LYS B 701 22.10 -15.27 -15.10
C LYS B 701 20.64 -15.29 -15.50
N ALA B 702 20.37 -15.25 -16.81
CA ALA B 702 19.01 -15.23 -17.33
C ALA B 702 18.29 -13.94 -16.93
N GLY B 703 19.03 -12.83 -16.93
CA GLY B 703 18.43 -11.54 -16.72
C GLY B 703 17.93 -11.28 -15.32
N LYS B 704 18.34 -12.08 -14.34
CA LYS B 704 17.89 -11.91 -12.97
C LYS B 704 19.07 -12.05 -12.04
N GLY B 705 19.31 -11.01 -11.25
CA GLY B 705 20.45 -10.98 -10.36
C GLY B 705 21.24 -9.72 -10.59
N LEU B 706 22.47 -9.71 -10.09
CA LEU B 706 23.36 -8.58 -10.24
C LEU B 706 24.51 -8.94 -11.17
N THR B 707 24.82 -8.04 -12.10
CA THR B 707 25.91 -8.27 -13.05
C THR B 707 26.59 -6.94 -13.35
N ILE B 708 27.75 -6.74 -12.76
CA ILE B 708 28.55 -5.55 -13.01
C ILE B 708 29.58 -5.88 -14.08
N VAL B 709 29.87 -4.92 -14.95
CA VAL B 709 30.75 -5.13 -16.08
C VAL B 709 31.85 -4.09 -16.03
N GLY B 710 33.00 -4.46 -15.51
CA GLY B 710 34.12 -3.54 -15.41
C GLY B 710 35.12 -3.75 -16.52
N SER B 711 36.00 -2.76 -16.66
CA SER B 711 37.05 -2.81 -17.67
C SER B 711 38.06 -1.71 -17.37
N VAL B 712 39.33 -1.99 -17.61
CA VAL B 712 40.40 -1.04 -17.32
C VAL B 712 40.93 -0.48 -18.62
N ILE B 713 41.27 0.80 -18.61
CA ILE B 713 41.83 1.49 -19.77
C ILE B 713 43.17 2.07 -19.34
N GLN B 714 44.24 1.59 -19.96
CA GLN B 714 45.56 2.07 -19.58
C GLN B 714 45.74 3.52 -20.02
N GLY B 715 46.47 4.27 -19.21
CA GLY B 715 46.76 5.66 -19.52
C GLY B 715 46.79 6.52 -18.27
N SEP B 716 46.30 7.74 -18.40
CA SEP B 716 46.26 8.67 -17.29
CB SEP B 716 47.28 9.79 -17.46
OG SEP B 716 47.93 10.04 -16.23
C SEP B 716 44.87 9.27 -17.17
O SEP B 716 44.25 9.61 -18.17
P SEP B 716 49.07 11.16 -16.46
O1P SEP B 716 50.44 10.66 -15.79
O2P SEP B 716 49.28 11.41 -18.03
O3P SEP B 716 48.61 12.54 -15.75
N PHE B 717 44.39 9.39 -15.95
CA PHE B 717 43.07 9.93 -15.72
C PHE B 717 43.01 11.41 -16.05
N LEU B 718 44.10 12.11 -15.80
CA LEU B 718 44.06 13.56 -15.89
C LEU B 718 43.61 14.03 -17.28
N GLU B 719 43.99 13.31 -18.33
CA GLU B 719 43.67 13.74 -19.69
C GLU B 719 42.87 12.73 -20.50
N SER B 720 42.22 11.74 -19.88
CA SER B 720 41.52 10.73 -20.67
C SER B 720 40.12 10.44 -20.13
N TYR B 721 39.38 11.49 -19.82
CA TYR B 721 38.04 11.30 -19.26
C TYR B 721 37.02 10.98 -20.36
N GLY B 722 37.13 11.65 -21.50
CA GLY B 722 36.17 11.46 -22.56
C GLY B 722 36.23 10.05 -23.11
N GLU B 723 37.44 9.49 -23.19
CA GLU B 723 37.56 8.13 -23.65
C GLU B 723 36.83 7.19 -22.72
N ALA B 724 36.92 7.44 -21.41
CA ALA B 724 36.23 6.60 -20.45
C ALA B 724 34.73 6.70 -20.62
N GLN B 725 34.20 7.92 -20.81
CA GLN B 725 32.76 8.05 -20.96
C GLN B 725 32.29 7.40 -22.26
N ALA B 726 33.06 7.56 -23.34
CA ALA B 726 32.69 6.92 -24.60
C ALA B 726 32.68 5.41 -24.45
N ALA B 727 33.67 4.87 -23.77
CA ALA B 727 33.70 3.43 -23.55
C ALA B 727 32.53 2.99 -22.70
N GLU B 728 32.10 3.84 -21.76
CA GLU B 728 30.95 3.50 -20.94
C GLU B 728 29.70 3.37 -21.81
N GLN B 729 29.51 4.32 -22.72
CA GLN B 729 28.35 4.23 -23.62
C GLN B 729 28.47 3.01 -24.53
N THR B 730 29.67 2.73 -25.03
CA THR B 730 29.85 1.58 -25.92
C THR B 730 29.48 0.29 -25.22
N ILE B 731 29.98 0.10 -24.00
CA ILE B 731 29.69 -1.12 -23.26
C ILE B 731 28.21 -1.19 -22.94
N LYS B 732 27.59 -0.06 -22.62
CA LYS B 732 26.15 -0.10 -22.34
C LYS B 732 25.36 -0.53 -23.56
N ASN B 733 25.72 -0.03 -24.74
CA ASN B 733 25.01 -0.43 -25.94
C ASN B 733 25.21 -1.91 -26.23
N MET B 734 26.45 -2.37 -26.20
CA MET B 734 26.72 -3.78 -26.48
C MET B 734 26.06 -4.68 -25.46
N MET B 735 25.92 -4.22 -24.23
CA MET B 735 25.28 -5.03 -23.20
C MET B 735 23.78 -5.03 -23.33
N GLU B 736 23.20 -3.92 -23.77
CA GLU B 736 21.78 -3.89 -24.05
C GLU B 736 21.43 -4.79 -25.24
N ILE B 737 22.32 -4.89 -26.22
CA ILE B 737 22.02 -5.72 -27.38
C ILE B 737 21.92 -7.18 -26.99
N GLU B 738 22.90 -7.67 -26.24
CA GLU B 738 22.93 -9.09 -25.88
C GLU B 738 21.91 -9.45 -24.80
N LYS B 739 21.10 -8.48 -24.36
CA LYS B 739 20.05 -8.71 -23.39
C LYS B 739 20.59 -9.27 -22.06
N VAL B 740 21.42 -8.46 -21.42
CA VAL B 740 21.89 -8.71 -20.06
C VAL B 740 21.73 -7.41 -19.28
N LYS B 741 21.00 -7.47 -18.18
CA LYS B 741 20.65 -6.28 -17.42
C LYS B 741 21.67 -6.06 -16.31
N GLY B 742 22.54 -5.08 -16.49
CA GLY B 742 23.58 -4.81 -15.52
C GLY B 742 24.14 -3.42 -15.64
N PHE B 743 24.95 -3.07 -14.65
CA PHE B 743 25.62 -1.78 -14.54
C PHE B 743 26.98 -1.86 -15.21
N CYS B 744 27.59 -0.69 -15.45
CA CYS B 744 28.86 -0.64 -16.17
C CYS B 744 29.81 0.34 -15.52
N GLN B 745 30.97 -0.17 -15.11
CA GLN B 745 32.03 0.61 -14.52
C GLN B 745 33.23 0.69 -15.45
N VAL B 746 33.81 1.87 -15.60
CA VAL B 746 35.05 2.03 -16.36
C VAL B 746 36.03 2.83 -15.52
N VAL B 747 37.23 2.29 -15.33
CA VAL B 747 38.25 2.98 -14.56
C VAL B 747 39.45 3.24 -15.44
N VAL B 748 40.20 4.29 -15.13
CA VAL B 748 41.39 4.66 -15.87
C VAL B 748 42.57 4.52 -14.93
N ALA B 749 43.38 3.51 -15.15
CA ALA B 749 44.53 3.25 -14.30
C ALA B 749 45.82 3.53 -15.06
N SER B 750 46.93 3.43 -14.35
CA SER B 750 48.23 3.56 -15.00
C SER B 750 48.76 2.21 -15.49
N LYS B 751 48.62 1.17 -14.68
CA LYS B 751 48.95 -0.18 -15.10
C LYS B 751 47.74 -1.10 -14.87
N VAL B 752 47.50 -2.00 -15.82
CA VAL B 752 46.31 -2.82 -15.78
C VAL B 752 46.26 -3.71 -14.55
N ARG B 753 47.41 -4.03 -13.96
CA ARG B 753 47.41 -4.91 -12.80
C ARG B 753 46.68 -4.28 -11.61
N GLU B 754 47.11 -3.07 -11.23
CA GLU B 754 46.47 -2.41 -10.09
C GLU B 754 45.05 -2.00 -10.40
N GLY B 755 44.75 -1.67 -11.66
CA GLY B 755 43.37 -1.45 -12.03
C GLY B 755 42.51 -2.67 -11.78
N LEU B 756 43.01 -3.84 -12.18
CA LEU B 756 42.26 -5.07 -11.94
C LEU B 756 42.09 -5.32 -10.46
N ALA B 757 43.12 -5.05 -9.67
CA ALA B 757 42.99 -5.28 -8.23
C ALA B 757 41.91 -4.39 -7.63
N HIS B 758 41.96 -3.09 -7.93
CA HIS B 758 40.98 -2.18 -7.39
C HIS B 758 39.58 -2.51 -7.89
N LEU B 759 39.47 -3.05 -9.09
CA LEU B 759 38.16 -3.44 -9.58
C LEU B 759 37.64 -4.68 -8.87
N ILE B 760 38.54 -5.62 -8.55
CA ILE B 760 38.11 -6.85 -7.92
C ILE B 760 37.65 -6.60 -6.50
N GLN B 761 38.39 -5.79 -5.75
CA GLN B 761 38.08 -5.64 -4.34
C GLN B 761 37.14 -4.47 -4.04
N SER B 762 36.81 -3.64 -5.02
CA SER B 762 35.94 -2.49 -4.76
C SER B 762 34.95 -2.33 -5.91
N CYS B 763 33.80 -2.98 -5.80
CA CYS B 763 32.74 -2.83 -6.78
C CYS B 763 31.43 -3.15 -6.08
N GLY B 764 30.56 -2.15 -5.94
CA GLY B 764 29.32 -2.34 -5.24
C GLY B 764 29.14 -1.33 -4.14
N LEU B 765 28.04 -1.49 -3.40
CA LEU B 765 27.70 -0.57 -2.34
C LEU B 765 27.18 -1.34 -1.13
N GLY B 766 28.04 -1.57 -0.16
CA GLY B 766 27.58 -2.24 1.04
C GLY B 766 27.29 -3.71 0.82
N GLY B 767 26.01 -4.06 0.82
CA GLY B 767 25.63 -5.45 0.67
C GLY B 767 25.48 -5.89 -0.75
N MET B 768 25.46 -4.95 -1.68
CA MET B 768 25.32 -5.27 -3.10
C MET B 768 26.70 -5.53 -3.69
N ARG B 769 27.27 -6.65 -3.29
CA ARG B 769 28.61 -7.01 -3.71
C ARG B 769 28.56 -8.23 -4.63
N HIS B 770 29.60 -8.37 -5.42
CA HIS B 770 29.75 -9.54 -6.27
C HIS B 770 30.38 -10.68 -5.48
N ASN B 771 30.24 -11.89 -6.00
CA ASN B 771 30.93 -13.00 -5.37
C ASN B 771 31.45 -13.99 -6.41
N SER B 772 31.79 -13.50 -7.59
CA SER B 772 32.32 -14.34 -8.64
C SER B 772 32.95 -13.48 -9.72
N VAL B 773 34.13 -13.85 -10.18
CA VAL B 773 34.85 -13.10 -11.18
C VAL B 773 35.06 -13.98 -12.37
N VAL B 774 34.48 -13.61 -13.51
CA VAL B 774 34.56 -14.40 -14.71
C VAL B 774 35.49 -13.67 -15.69
N LEU B 775 36.70 -14.18 -15.82
CA LEU B 775 37.71 -13.62 -16.70
C LEU B 775 38.05 -14.62 -17.80
N GLY B 776 38.44 -14.10 -18.96
CA GLY B 776 38.76 -14.95 -20.08
C GLY B 776 40.14 -15.58 -19.97
N TRP B 777 40.51 -16.29 -21.02
CA TRP B 777 41.75 -17.00 -21.17
C TRP B 777 42.74 -16.20 -22.00
N PRO B 778 44.04 -16.23 -21.69
CA PRO B 778 45.01 -15.48 -22.48
C PRO B 778 45.40 -16.25 -23.74
N TYR B 779 45.09 -15.67 -24.90
CA TYR B 779 45.40 -16.28 -26.18
C TYR B 779 46.72 -15.75 -26.73
N GLY B 780 47.47 -16.64 -27.38
CA GLY B 780 48.75 -16.27 -27.96
C GLY B 780 49.79 -15.89 -26.94
N TRP B 781 49.73 -16.47 -25.75
CA TRP B 781 50.69 -16.14 -24.71
C TRP B 781 52.06 -16.75 -24.99
N ARG B 782 52.10 -18.01 -25.41
CA ARG B 782 53.36 -18.66 -25.70
C ARG B 782 53.90 -18.31 -27.07
N GLN B 783 53.04 -17.90 -28.00
CA GLN B 783 53.52 -17.54 -29.33
C GLN B 783 54.44 -16.33 -29.27
N SER B 784 53.98 -15.24 -28.67
CA SER B 784 54.78 -14.03 -28.61
C SER B 784 55.84 -14.14 -27.52
N GLU B 785 56.85 -13.27 -27.62
CA GLU B 785 57.93 -13.22 -26.65
C GLU B 785 57.61 -12.35 -25.44
N ASP B 786 56.69 -11.41 -25.58
CA ASP B 786 56.29 -10.57 -24.47
C ASP B 786 55.59 -11.42 -23.42
N PRO B 787 56.11 -11.52 -22.21
CA PRO B 787 55.50 -12.39 -21.19
C PRO B 787 54.39 -11.74 -20.38
N ARG B 788 53.95 -10.54 -20.75
CA ARG B 788 52.94 -9.80 -19.99
C ARG B 788 51.69 -10.64 -19.73
N ALA B 789 51.23 -11.40 -20.73
CA ALA B 789 49.91 -12.00 -20.67
C ALA B 789 49.79 -12.96 -19.50
N TRP B 790 50.72 -13.92 -19.40
CA TRP B 790 50.56 -14.96 -18.39
C TRP B 790 50.78 -14.41 -17.00
N LYS B 791 51.68 -13.45 -16.83
CA LYS B 791 51.85 -12.89 -15.50
C LYS B 791 50.62 -12.11 -15.08
N THR B 792 50.00 -11.37 -16.01
CA THR B 792 48.77 -10.67 -15.66
C THR B 792 47.66 -11.63 -15.28
N PHE B 793 47.51 -12.70 -16.06
CA PHE B 793 46.48 -13.68 -15.77
C PHE B 793 46.70 -14.35 -14.42
N ILE B 794 47.92 -14.81 -14.16
CA ILE B 794 48.19 -15.50 -12.90
C ILE B 794 48.02 -14.54 -11.74
N ASP B 795 48.38 -13.27 -11.94
CA ASP B 795 48.26 -12.32 -10.85
C ASP B 795 46.79 -12.08 -10.53
N THR B 796 45.94 -11.99 -11.55
CA THR B 796 44.52 -11.83 -11.26
C THR B 796 43.95 -13.07 -10.60
N VAL B 797 44.42 -14.25 -10.99
CA VAL B 797 43.94 -15.47 -10.36
C VAL B 797 44.34 -15.50 -8.89
N ARG B 798 45.60 -15.18 -8.61
CA ARG B 798 46.06 -15.21 -7.23
C ARG B 798 45.38 -14.14 -6.39
N CYS B 799 45.01 -13.02 -7.00
CA CYS B 799 44.34 -11.97 -6.24
C CYS B 799 42.87 -12.27 -6.02
N THR B 800 42.25 -13.05 -6.90
CA THR B 800 40.85 -13.40 -6.70
C THR B 800 40.65 -14.63 -5.84
N THR B 801 41.68 -15.40 -5.57
CA THR B 801 41.53 -16.50 -4.63
C THR B 801 41.81 -16.09 -3.20
N ALA B 802 42.48 -14.96 -2.99
CA ALA B 802 42.76 -14.47 -1.66
C ALA B 802 41.64 -13.59 -1.11
N ALA B 803 40.66 -13.26 -1.93
CA ALA B 803 39.50 -12.53 -1.49
C ALA B 803 38.32 -13.44 -1.24
N HIS B 804 38.54 -14.75 -1.31
CA HIS B 804 37.49 -15.75 -1.15
C HIS B 804 36.35 -15.49 -2.14
N LEU B 805 36.70 -15.56 -3.42
CA LEU B 805 35.74 -15.41 -4.48
C LEU B 805 35.80 -16.61 -5.42
N ALA B 806 34.66 -16.98 -5.98
CA ALA B 806 34.65 -18.04 -6.97
C ALA B 806 35.31 -17.56 -8.26
N LEU B 807 35.53 -18.49 -9.18
CA LEU B 807 36.26 -18.16 -10.39
C LEU B 807 35.72 -18.99 -11.54
N LEU B 808 35.41 -18.33 -12.66
CA LEU B 808 34.88 -19.00 -13.84
C LEU B 808 35.70 -18.54 -15.04
N VAL B 809 36.46 -19.46 -15.62
CA VAL B 809 37.35 -19.11 -16.72
C VAL B 809 36.92 -19.82 -17.99
N PRO B 810 35.93 -19.32 -18.72
CA PRO B 810 35.54 -20.02 -19.94
C PRO B 810 36.65 -19.98 -20.97
N LYS B 811 37.22 -21.14 -21.24
CA LYS B 811 38.28 -21.30 -22.21
C LYS B 811 37.67 -21.54 -23.59
N ASN B 812 38.40 -21.15 -24.63
CA ASN B 812 37.92 -21.26 -26.01
C ASN B 812 36.58 -20.55 -26.17
N ILE B 813 36.61 -19.23 -25.95
CA ILE B 813 35.40 -18.43 -26.01
C ILE B 813 34.89 -18.20 -27.41
N ALA B 814 35.68 -18.55 -28.43
CA ALA B 814 35.23 -18.33 -29.80
C ALA B 814 34.24 -19.38 -30.29
N PHE B 815 34.04 -20.46 -29.55
CA PHE B 815 33.12 -21.51 -29.93
C PHE B 815 31.85 -21.49 -29.12
N TYR B 816 31.66 -20.50 -28.29
CA TYR B 816 30.44 -20.55 -27.49
C TYR B 816 29.23 -20.14 -28.32
N PRO B 817 28.09 -20.75 -28.04
CA PRO B 817 26.88 -20.46 -28.82
C PRO B 817 26.35 -19.06 -28.56
N SER B 818 25.56 -18.59 -29.50
CA SER B 818 24.83 -17.35 -29.36
C SER B 818 23.43 -17.67 -28.86
N ASN B 819 22.61 -16.64 -28.69
CA ASN B 819 21.25 -16.87 -28.22
C ASN B 819 20.32 -17.41 -29.31
N HIS B 820 20.57 -17.05 -30.57
CA HIS B 820 19.70 -17.54 -31.63
C HIS B 820 19.94 -19.02 -31.91
N GLU B 821 21.13 -19.52 -31.61
CA GLU B 821 21.38 -20.93 -31.79
C GLU B 821 20.53 -21.76 -30.84
N ARG B 822 20.31 -23.01 -31.22
CA ARG B 822 19.59 -23.97 -30.41
C ARG B 822 20.30 -25.31 -30.49
N TYR B 823 20.20 -26.07 -29.42
CA TYR B 823 20.83 -27.38 -29.31
C TYR B 823 19.74 -28.43 -29.20
N LEU B 824 19.87 -29.48 -30.00
CA LEU B 824 18.93 -30.58 -30.00
C LEU B 824 19.51 -31.87 -29.47
N GLU B 825 20.71 -32.23 -29.89
CA GLU B 825 21.40 -33.42 -29.42
C GLU B 825 22.72 -33.00 -28.79
N GLY B 826 22.96 -33.51 -27.59
CA GLY B 826 24.17 -33.20 -26.87
C GLY B 826 24.00 -33.51 -25.40
N HIS B 827 25.14 -33.54 -24.70
CA HIS B 827 25.12 -33.88 -23.29
C HIS B 827 26.21 -33.11 -22.57
N ILE B 828 25.80 -32.33 -21.56
CA ILE B 828 26.77 -31.60 -20.75
C ILE B 828 27.58 -32.58 -19.93
N ASP B 829 28.87 -32.30 -19.77
CA ASP B 829 29.76 -33.16 -19.02
C ASP B 829 30.35 -32.43 -17.83
N VAL B 830 30.25 -33.06 -16.66
CA VAL B 830 30.82 -32.56 -15.43
C VAL B 830 31.90 -33.54 -15.00
N TRP B 831 33.05 -33.02 -14.57
CA TRP B 831 34.16 -33.89 -14.26
C TRP B 831 34.69 -33.56 -12.87
N TRP B 832 33.78 -33.46 -11.92
CA TRP B 832 34.14 -33.11 -10.55
C TRP B 832 35.19 -34.07 -10.04
N ILE B 833 36.34 -33.52 -9.65
CA ILE B 833 37.46 -34.39 -9.30
C ILE B 833 37.50 -34.69 -7.81
N VAL B 834 37.72 -33.69 -6.96
CA VAL B 834 37.72 -33.97 -5.53
C VAL B 834 36.88 -32.98 -4.75
N HIS B 835 37.30 -31.71 -4.78
CA HIS B 835 36.71 -30.65 -3.98
C HIS B 835 35.77 -29.79 -4.82
N ASP B 836 35.25 -28.73 -4.21
CA ASP B 836 34.39 -27.76 -4.88
C ASP B 836 33.13 -28.44 -5.42
N GLY B 837 32.50 -29.27 -4.59
CA GLY B 837 31.35 -30.01 -5.04
C GLY B 837 30.08 -29.20 -5.17
N GLY B 838 29.82 -28.32 -4.21
CA GLY B 838 28.60 -27.53 -4.26
C GLY B 838 28.41 -26.73 -5.54
N MET B 839 29.38 -25.88 -5.87
CA MET B 839 29.22 -25.07 -7.08
C MET B 839 29.40 -25.90 -8.34
N LEU B 840 30.25 -26.92 -8.28
CA LEU B 840 30.41 -27.78 -9.44
C LEU B 840 29.15 -28.56 -9.76
N MET B 841 28.26 -28.74 -8.77
CA MET B 841 26.99 -29.36 -9.04
C MET B 841 25.91 -28.35 -9.33
N LEU B 842 26.06 -27.12 -8.82
CA LEU B 842 25.06 -26.09 -9.02
C LEU B 842 25.15 -25.41 -10.37
N LEU B 843 26.32 -25.41 -11.00
CA LEU B 843 26.43 -24.73 -12.29
C LEU B 843 25.62 -25.37 -13.41
N PRO B 844 25.69 -26.68 -13.64
CA PRO B 844 24.95 -27.22 -14.79
C PRO B 844 23.46 -27.05 -14.68
N PHE B 845 22.92 -27.08 -13.47
CA PHE B 845 21.49 -26.89 -13.31
C PHE B 845 21.09 -25.47 -13.71
N LEU B 846 21.75 -24.47 -13.14
CA LEU B 846 21.47 -23.09 -13.50
C LEU B 846 21.71 -22.86 -14.98
N LEU B 847 22.60 -23.62 -15.58
CA LEU B 847 22.86 -23.45 -17.00
C LEU B 847 21.70 -23.99 -17.82
N ARG B 848 21.32 -25.24 -17.55
CA ARG B 848 20.22 -25.86 -18.27
C ARG B 848 18.90 -25.14 -18.01
N GLN B 849 18.82 -24.29 -16.99
CA GLN B 849 17.59 -23.54 -16.80
C GLN B 849 17.30 -22.59 -17.96
N HIS B 850 18.26 -22.38 -18.86
CA HIS B 850 18.07 -21.53 -20.03
C HIS B 850 17.63 -22.37 -21.22
N LYS B 851 16.88 -21.74 -22.12
CA LYS B 851 16.36 -22.46 -23.28
C LYS B 851 17.46 -22.94 -24.22
N VAL B 852 18.65 -22.32 -24.19
CA VAL B 852 19.71 -22.75 -25.09
C VAL B 852 20.21 -24.14 -24.71
N TRP B 853 20.31 -24.42 -23.42
CA TRP B 853 20.67 -25.74 -22.92
C TRP B 853 19.49 -26.46 -22.30
N ARG B 854 18.30 -26.24 -22.87
CA ARG B 854 17.07 -26.68 -22.23
C ARG B 854 17.00 -28.19 -22.01
N LYS B 855 17.58 -28.99 -22.91
CA LYS B 855 17.44 -30.43 -22.76
C LYS B 855 18.75 -31.20 -22.97
N CYS B 856 19.90 -30.57 -22.77
CA CYS B 856 21.15 -31.32 -22.84
C CYS B 856 21.28 -32.26 -21.66
N ARG B 857 21.56 -33.53 -21.97
CA ARG B 857 21.72 -34.55 -20.94
C ARG B 857 22.93 -34.26 -20.07
N MET B 858 22.78 -34.43 -18.76
CA MET B 858 23.89 -34.24 -17.83
C MET B 858 24.47 -35.57 -17.40
N ARG B 859 25.81 -35.66 -17.44
CA ARG B 859 26.52 -36.86 -17.03
C ARG B 859 27.56 -36.48 -15.99
N ILE B 860 27.43 -37.02 -14.78
CA ILE B 860 28.33 -36.70 -13.68
C ILE B 860 29.46 -37.73 -13.65
N PHE B 861 30.68 -37.31 -13.93
CA PHE B 861 31.81 -38.21 -13.86
C PHE B 861 32.61 -37.86 -12.61
N THR B 862 32.82 -38.83 -11.73
CA THR B 862 33.55 -38.63 -10.49
C THR B 862 34.72 -39.61 -10.39
N VAL B 863 35.93 -39.09 -10.46
CA VAL B 863 37.13 -39.91 -10.35
C VAL B 863 37.08 -40.79 -9.11
N ASP B 867 40.87 -47.77 -1.13
CA ASP B 867 40.55 -46.63 -1.99
C ASP B 867 39.25 -45.97 -1.56
N ASP B 868 38.13 -46.56 -1.97
CA ASP B 868 36.81 -46.06 -1.59
C ASP B 868 35.72 -47.05 -1.99
N ASN B 869 34.47 -46.71 -1.70
CA ASN B 869 33.33 -47.55 -2.02
C ASN B 869 32.44 -46.83 -3.03
N SER B 870 32.16 -47.50 -4.15
CA SER B 870 31.34 -46.90 -5.19
C SER B 870 29.88 -46.83 -4.80
N ILE B 871 29.43 -47.71 -3.90
CA ILE B 871 28.01 -47.72 -3.57
C ILE B 871 27.69 -46.60 -2.58
N GLN B 872 28.54 -46.40 -1.58
CA GLN B 872 28.30 -45.31 -0.65
C GLN B 872 28.37 -43.98 -1.37
N MET B 873 29.38 -43.82 -2.24
CA MET B 873 29.53 -42.60 -3.01
C MET B 873 28.33 -42.37 -3.92
N LYS B 874 27.86 -43.42 -4.59
CA LYS B 874 26.71 -43.28 -5.47
C LYS B 874 25.47 -42.89 -4.66
N LYS B 875 25.29 -43.52 -3.51
CA LYS B 875 24.13 -43.21 -2.67
C LYS B 875 24.17 -41.77 -2.18
N ASP B 876 25.36 -41.27 -1.83
CA ASP B 876 25.46 -39.89 -1.38
C ASP B 876 25.19 -38.91 -2.51
N LEU B 877 25.86 -39.10 -3.64
CA LEU B 877 25.59 -38.24 -4.79
C LEU B 877 24.12 -38.27 -5.18
N ALA B 878 23.50 -39.44 -5.15
CA ALA B 878 22.09 -39.54 -5.53
C ALA B 878 21.19 -38.84 -4.53
N VAL B 879 21.41 -39.04 -3.23
CA VAL B 879 20.58 -38.37 -2.24
C VAL B 879 20.74 -36.86 -2.33
N PHE B 880 21.98 -36.39 -2.55
CA PHE B 880 22.20 -34.97 -2.71
C PHE B 880 21.46 -34.46 -3.94
N LEU B 881 21.51 -35.23 -5.03
CA LEU B 881 20.82 -34.85 -6.24
C LEU B 881 19.31 -34.87 -6.06
N TYR B 882 18.82 -35.65 -5.09
CA TYR B 882 17.39 -35.73 -4.84
C TYR B 882 16.83 -34.37 -4.43
N HIS B 883 17.51 -33.66 -3.54
CA HIS B 883 17.05 -32.34 -3.16
C HIS B 883 17.11 -31.39 -4.36
N LEU B 884 18.21 -31.44 -5.12
CA LEU B 884 18.34 -30.64 -6.33
C LEU B 884 17.33 -31.08 -7.38
N ARG B 885 17.06 -32.39 -7.46
CA ARG B 885 16.13 -33.06 -8.37
C ARG B 885 16.66 -33.20 -9.80
N LEU B 886 17.96 -32.96 -10.04
CA LEU B 886 18.48 -33.16 -11.39
C LEU B 886 18.44 -34.63 -11.77
N GLU B 887 18.72 -35.51 -10.80
CA GLU B 887 18.67 -36.97 -10.98
C GLU B 887 19.55 -37.46 -12.13
N ALA B 888 20.59 -36.71 -12.47
CA ALA B 888 21.49 -37.10 -13.54
C ALA B 888 22.25 -38.38 -13.21
N GLU B 889 22.49 -39.18 -14.25
CA GLU B 889 23.21 -40.44 -14.10
C GLU B 889 24.61 -40.21 -13.58
N VAL B 890 25.04 -41.06 -12.66
CA VAL B 890 26.34 -40.93 -12.03
C VAL B 890 27.21 -42.12 -12.42
N GLU B 891 28.37 -41.83 -13.01
CA GLU B 891 29.33 -42.85 -13.39
C GLU B 891 30.67 -42.52 -12.75
N VAL B 892 31.09 -43.36 -11.82
CA VAL B 892 32.31 -43.15 -11.06
C VAL B 892 33.42 -44.00 -11.67
N VAL B 893 34.42 -43.34 -12.25
CA VAL B 893 35.59 -44.02 -12.79
C VAL B 893 36.54 -44.24 -11.63
N GLU B 894 37.55 -45.08 -11.82
CA GLU B 894 38.51 -45.38 -10.75
C GLU B 894 39.20 -44.11 -10.28
N MET B 895 39.47 -44.06 -8.98
CA MET B 895 40.17 -42.94 -8.35
C MET B 895 41.54 -43.45 -7.91
N HIS B 896 42.59 -43.02 -8.62
CA HIS B 896 43.96 -43.39 -8.28
C HIS B 896 44.58 -42.25 -7.48
N ASN B 897 45.01 -42.54 -6.25
CA ASN B 897 45.60 -41.52 -5.41
C ASN B 897 46.86 -40.91 -6.03
N SER B 898 47.69 -41.76 -6.66
CA SER B 898 48.91 -41.27 -7.29
C SER B 898 48.61 -40.26 -8.39
N ASP B 899 47.50 -40.45 -9.10
CA ASP B 899 47.16 -39.57 -10.22
C ASP B 899 46.70 -38.19 -9.74
N ILE B 900 45.95 -38.14 -8.64
CA ILE B 900 45.41 -36.87 -8.16
C ILE B 900 46.38 -36.14 -7.25
N SER B 901 47.59 -36.70 -7.04
CA SER B 901 48.56 -36.11 -6.13
C SER B 901 48.73 -34.61 -6.34
N ALA B 902 48.63 -34.14 -7.59
CA ALA B 902 48.81 -32.72 -7.85
C ALA B 902 47.75 -31.89 -7.14
N TYR B 903 46.49 -32.32 -7.23
CA TYR B 903 45.41 -31.57 -6.59
C TYR B 903 45.50 -31.64 -5.07
N THR B 904 45.79 -32.83 -4.53
CA THR B 904 45.84 -33.00 -3.09
C THR B 904 47.00 -32.25 -2.45
N TYR B 905 48.16 -32.23 -3.10
CA TYR B 905 49.31 -31.59 -2.47
C TYR B 905 49.24 -30.07 -2.55
N GLU B 906 48.65 -29.53 -3.61
CA GLU B 906 48.59 -28.08 -3.73
C GLU B 906 47.45 -27.48 -2.91
N ARG B 907 46.34 -28.22 -2.77
CA ARG B 907 45.20 -27.69 -2.02
C ARG B 907 45.47 -27.76 -0.53
N THR B 908 45.67 -28.96 0.00
CA THR B 908 45.90 -29.14 1.42
C THR B 908 47.29 -29.70 1.66
N SER B 996 58.30 -32.53 -7.64
CA SER B 996 57.26 -33.34 -8.28
C SER B 996 56.84 -32.72 -9.61
N ASN B 997 57.72 -31.90 -10.19
CA ASN B 997 57.38 -31.27 -11.46
C ASN B 997 57.18 -32.31 -12.54
N VAL B 998 58.03 -33.34 -12.58
CA VAL B 998 57.87 -34.41 -13.55
C VAL B 998 56.56 -35.14 -13.34
N ARG B 999 56.21 -35.38 -12.07
CA ARG B 999 54.95 -36.05 -11.76
C ARG B 999 53.75 -35.24 -12.21
N ARG B 1000 53.82 -33.91 -12.06
CA ARG B 1000 52.73 -33.02 -12.48
C ARG B 1000 52.28 -33.32 -13.91
N MET B 1001 53.23 -33.29 -14.84
CA MET B 1001 52.89 -33.54 -16.24
C MET B 1001 52.33 -34.94 -16.44
N HIS B 1002 52.88 -35.95 -15.76
CA HIS B 1002 52.38 -37.31 -15.91
C HIS B 1002 50.92 -37.41 -15.48
N THR B 1003 50.60 -36.84 -14.32
CA THR B 1003 49.22 -36.89 -13.85
C THR B 1003 48.31 -36.11 -14.77
N ALA B 1004 48.79 -34.98 -15.29
CA ALA B 1004 47.94 -34.17 -16.14
C ALA B 1004 47.71 -34.86 -17.47
N VAL B 1005 48.69 -35.61 -17.97
CA VAL B 1005 48.52 -36.25 -19.25
C VAL B 1005 47.67 -37.50 -19.11
N LYS B 1006 47.75 -38.19 -17.98
CA LYS B 1006 46.86 -39.33 -17.79
C LYS B 1006 45.42 -38.90 -17.61
N LEU B 1007 45.20 -37.85 -16.80
CA LEU B 1007 43.87 -37.29 -16.64
C LEU B 1007 43.31 -36.78 -17.97
N ASN B 1008 44.15 -36.11 -18.76
CA ASN B 1008 43.71 -35.61 -20.05
C ASN B 1008 43.38 -36.76 -20.99
N GLU B 1009 44.17 -37.81 -20.95
CA GLU B 1009 43.89 -38.99 -21.76
C GLU B 1009 42.52 -39.55 -21.41
N VAL B 1010 42.25 -39.74 -20.13
CA VAL B 1010 40.96 -40.30 -19.72
C VAL B 1010 39.81 -39.42 -20.18
N ILE B 1011 39.90 -38.12 -19.90
CA ILE B 1011 38.80 -37.21 -20.23
C ILE B 1011 38.60 -37.09 -21.73
N VAL B 1012 39.69 -37.09 -22.51
CA VAL B 1012 39.55 -36.89 -23.94
C VAL B 1012 39.10 -38.17 -24.63
N THR B 1013 39.34 -39.33 -24.03
CA THR B 1013 38.84 -40.55 -24.62
C THR B 1013 37.42 -40.88 -24.18
N ARG B 1014 36.95 -40.33 -23.07
CA ARG B 1014 35.60 -40.62 -22.63
C ARG B 1014 34.66 -39.43 -22.71
N SER B 1015 35.15 -38.25 -23.11
CA SER B 1015 34.28 -37.08 -23.19
C SER B 1015 34.59 -36.20 -24.39
N HIS B 1016 35.17 -36.75 -25.44
CA HIS B 1016 35.59 -35.90 -26.56
C HIS B 1016 34.39 -35.27 -27.26
N ASP B 1017 33.33 -36.04 -27.49
CA ASP B 1017 32.18 -35.56 -28.23
C ASP B 1017 31.19 -34.80 -27.36
N ALA B 1018 31.62 -34.40 -26.17
CA ALA B 1018 30.73 -33.71 -25.24
C ALA B 1018 30.47 -32.29 -25.70
N ARG B 1019 29.32 -31.75 -25.27
CA ARG B 1019 28.97 -30.38 -25.62
C ARG B 1019 29.78 -29.38 -24.81
N LEU B 1020 29.64 -29.42 -23.49
CA LEU B 1020 30.39 -28.57 -22.58
C LEU B 1020 31.04 -29.43 -21.50
N VAL B 1021 32.32 -29.18 -21.22
CA VAL B 1021 33.05 -29.93 -20.20
C VAL B 1021 33.44 -29.01 -19.06
N LEU B 1022 33.09 -29.39 -17.84
CA LEU B 1022 33.39 -28.63 -16.63
C LEU B 1022 34.27 -29.46 -15.72
N LEU B 1023 35.42 -28.92 -15.35
CA LEU B 1023 36.27 -29.58 -14.36
C LEU B 1023 36.89 -28.54 -13.46
N ASN B 1024 37.07 -28.89 -12.19
CA ASN B 1024 37.67 -27.95 -11.26
C ASN B 1024 39.18 -27.94 -11.41
N MET B 1025 39.74 -26.79 -11.42
CA MET B 1025 41.16 -26.53 -11.58
C MET B 1025 41.89 -26.47 -10.25
N PRO B 1026 43.15 -26.88 -10.24
CA PRO B 1026 43.97 -26.78 -9.02
C PRO B 1026 44.45 -25.36 -8.79
N GLY B 1027 44.76 -25.07 -7.53
CA GLY B 1027 45.25 -23.77 -7.13
C GLY B 1027 46.63 -23.46 -7.68
N PRO B 1028 46.92 -22.17 -7.84
CA PRO B 1028 48.23 -21.75 -8.33
C PRO B 1028 49.30 -22.03 -7.29
N PRO B 1029 50.55 -22.16 -7.69
CA PRO B 1029 51.60 -22.49 -6.72
C PRO B 1029 51.89 -21.32 -5.80
N ARG B 1030 52.46 -21.66 -4.65
CA ARG B 1030 52.86 -20.62 -3.69
C ARG B 1030 54.13 -19.93 -4.14
N ASN B 1031 55.01 -20.65 -4.81
CA ASN B 1031 56.22 -20.04 -5.33
C ASN B 1031 55.88 -19.20 -6.55
N SER B 1032 56.36 -17.97 -6.57
CA SER B 1032 56.01 -17.07 -7.66
C SER B 1032 56.71 -17.42 -8.96
N GLU B 1033 57.61 -18.42 -8.98
CA GLU B 1033 58.33 -18.76 -10.18
C GLU B 1033 57.78 -19.97 -10.91
N GLY B 1034 57.03 -20.85 -10.25
CA GLY B 1034 56.50 -22.01 -10.94
C GLY B 1034 55.26 -21.70 -11.76
N ASP B 1035 55.13 -20.43 -12.17
CA ASP B 1035 53.96 -20.03 -12.93
C ASP B 1035 53.97 -20.63 -14.32
N GLU B 1036 55.16 -20.75 -14.92
CA GLU B 1036 55.26 -21.38 -16.24
C GLU B 1036 54.81 -22.82 -16.17
N ASN B 1037 55.25 -23.55 -15.13
CA ASN B 1037 54.85 -24.94 -15.00
C ASN B 1037 53.37 -25.05 -14.72
N TYR B 1038 52.82 -24.14 -13.93
CA TYR B 1038 51.39 -24.15 -13.65
C TYR B 1038 50.59 -23.90 -14.91
N MET B 1039 51.05 -22.96 -15.74
CA MET B 1039 50.37 -22.68 -17.00
C MET B 1039 50.48 -23.86 -17.96
N GLU B 1040 51.64 -24.50 -18.02
CA GLU B 1040 51.79 -25.67 -18.87
C GLU B 1040 50.90 -26.81 -18.40
N PHE B 1041 50.79 -26.99 -17.09
CA PHE B 1041 49.88 -27.98 -16.55
C PHE B 1041 48.46 -27.68 -17.00
N LEU B 1042 48.00 -26.45 -16.76
CA LEU B 1042 46.64 -26.10 -17.13
C LEU B 1042 46.40 -26.19 -18.62
N GLU B 1043 47.44 -26.00 -19.42
CA GLU B 1043 47.25 -26.05 -20.86
C GLU B 1043 47.22 -27.48 -21.38
N VAL B 1044 48.12 -28.34 -20.91
CA VAL B 1044 48.13 -29.71 -21.39
C VAL B 1044 46.97 -30.48 -20.79
N LEU B 1045 46.38 -29.96 -19.72
CA LEU B 1045 45.24 -30.65 -19.13
C LEU B 1045 44.03 -30.57 -20.05
N THR B 1046 43.69 -29.37 -20.51
CA THR B 1046 42.56 -29.20 -21.40
C THR B 1046 43.05 -29.14 -22.85
N GLU B 1047 43.51 -30.30 -23.31
CA GLU B 1047 44.03 -30.45 -24.67
C GLU B 1047 43.06 -31.33 -25.45
N GLY B 1048 42.41 -30.74 -26.46
CA GLY B 1048 41.49 -31.45 -27.30
C GLY B 1048 40.04 -31.07 -27.09
N LEU B 1049 39.66 -30.73 -25.87
CA LEU B 1049 38.26 -30.40 -25.59
C LEU B 1049 37.85 -29.16 -26.36
N GLU B 1050 36.72 -29.25 -27.06
CA GLU B 1050 36.24 -28.12 -27.84
C GLU B 1050 35.81 -26.96 -26.95
N ARG B 1051 35.05 -27.23 -25.89
CA ARG B 1051 34.56 -26.18 -25.02
C ARG B 1051 34.75 -26.62 -23.57
N VAL B 1052 35.57 -25.89 -22.83
CA VAL B 1052 35.94 -26.29 -21.48
C VAL B 1052 35.87 -25.08 -20.57
N LEU B 1053 35.15 -25.22 -19.46
CA LEU B 1053 35.00 -24.18 -18.46
C LEU B 1053 35.57 -24.68 -17.14
N LEU B 1054 36.46 -23.92 -16.53
CA LEU B 1054 37.09 -24.31 -15.27
C LEU B 1054 36.60 -23.43 -14.14
N VAL B 1055 36.18 -24.06 -13.04
CA VAL B 1055 35.67 -23.36 -11.89
C VAL B 1055 36.51 -23.70 -10.67
N ARG B 1056 36.80 -22.70 -9.86
CA ARG B 1056 37.56 -22.86 -8.64
C ARG B 1056 36.71 -22.36 -7.48
N GLY B 1057 36.50 -23.20 -6.48
CA GLY B 1057 35.66 -22.81 -5.37
C GLY B 1057 36.34 -21.77 -4.49
N GLY B 1058 35.51 -21.03 -3.75
CA GLY B 1058 36.05 -20.02 -2.85
C GLY B 1058 36.24 -20.54 -1.44
N GLY B 1059 35.45 -21.55 -1.06
CA GLY B 1059 35.55 -22.17 0.24
C GLY B 1059 34.46 -21.79 1.22
N ARG B 1060 33.71 -20.72 0.96
CA ARG B 1060 32.63 -20.33 1.85
C ARG B 1060 31.27 -20.71 1.28
N GLU B 1061 31.24 -21.51 0.23
CA GLU B 1061 30.00 -21.97 -0.37
C GLU B 1061 29.39 -23.05 0.49
N VAL B 1062 28.09 -22.96 0.74
CA VAL B 1062 27.40 -23.89 1.61
C VAL B 1062 26.71 -25.00 0.83
N ILE B 1063 25.91 -24.66 -0.17
CA ILE B 1063 25.20 -25.67 -0.92
C ILE B 1063 25.99 -26.02 -2.17
C1 NAG C . -52.83 -0.74 -4.95
C2 NAG C . -52.48 0.72 -4.86
C3 NAG C . -51.92 0.97 -3.47
C4 NAG C . -52.99 0.63 -2.45
C5 NAG C . -53.31 -0.86 -2.65
C6 NAG C . -54.37 -1.35 -1.70
C7 NAG C . -50.26 0.73 -5.91
C8 NAG C . -49.43 1.28 -7.02
N2 NAG C . -51.54 1.13 -5.88
O3 NAG C . -51.54 2.35 -3.36
O4 NAG C . -52.47 0.79 -1.14
O5 NAG C . -53.82 -1.04 -3.98
O6 NAG C . -55.40 -0.39 -1.56
O7 NAG C . -49.80 -0.06 -5.09
C1 NAG C . -52.72 2.08 -0.56
C2 NAG C . -51.71 2.26 0.59
C3 NAG C . -51.69 3.67 1.17
C4 NAG C . -51.62 4.75 0.11
C5 NAG C . -52.62 4.50 -1.01
C6 NAG C . -52.40 5.40 -2.20
C7 NAG C . -51.55 0.01 1.55
C8 NAG C . -51.86 -0.85 2.74
N2 NAG C . -51.94 1.29 1.64
O3 NAG C . -50.56 3.73 2.03
O4 NAG C . -51.96 6.03 0.63
O5 NAG C . -52.60 3.15 -1.50
O6 NAG C . -51.95 6.68 -1.80
O7 NAG C . -50.99 -0.43 0.56
C1 BMA C . -51.20 6.52 1.75
C2 BMA C . -50.99 8.03 1.60
C3 BMA C . -50.25 8.55 2.81
C4 BMA C . -51.02 8.20 4.08
C5 BMA C . -51.22 6.68 4.14
C6 BMA C . -52.05 6.26 5.34
O2 BMA C . -52.24 8.71 1.57
O3 BMA C . -50.09 9.96 2.76
O4 BMA C . -50.31 8.63 5.22
O5 BMA C . -51.90 6.24 2.95
O6 BMA C . -51.80 4.89 5.60
C1 NAG D . -66.24 -2.96 -9.68
C2 NAG D . -65.71 -1.53 -9.51
C3 NAG D . -66.87 -0.55 -9.33
C4 NAG D . -67.86 -0.68 -10.48
C5 NAG D . -68.31 -2.14 -10.63
C6 NAG D . -69.14 -2.38 -11.87
C7 NAG D . -64.85 -1.61 -7.12
C8 NAG D . -66.19 -2.07 -6.61
N2 NAG D . -64.72 -1.39 -8.44
O3 NAG D . -66.34 0.78 -9.31
O4 NAG D . -68.99 0.10 -10.09
O5 NAG D . -67.17 -3.00 -10.75
O6 NAG D . -68.32 -2.83 -12.94
O7 NAG D . -63.91 -1.45 -6.36
C1 NAG D . -69.59 0.88 -11.14
C2 NAG D . -71.08 0.80 -10.90
C3 NAG D . -71.80 1.53 -12.02
C4 NAG D . -71.33 2.98 -12.01
C5 NAG D . -69.81 2.98 -12.21
C6 NAG D . -69.22 4.38 -12.20
C7 NAG D . -71.63 -1.24 -9.66
C8 NAG D . -72.13 -2.65 -9.74
N2 NAG D . -71.54 -0.57 -10.82
O3 NAG D . -73.21 1.47 -11.81
O4 NAG D . -71.94 3.71 -13.06
O5 NAG D . -69.18 2.26 -11.14
O6 NAG D . -69.94 5.23 -11.33
O7 NAG D . -71.29 -0.73 -8.59
C1 BMA D . -73.05 4.49 -12.56
C2 BMA D . -74.31 4.10 -13.34
C3 BMA D . -75.48 4.94 -12.89
C4 BMA D . -75.66 4.72 -11.39
C5 BMA D . -74.36 5.11 -10.67
C6 BMA D . -74.51 4.94 -9.17
O2 BMA D . -74.66 2.75 -13.06
O3 BMA D . -76.67 4.59 -13.56
O4 BMA D . -76.73 5.52 -10.90
O5 BMA D . -73.28 4.29 -11.17
O6 BMA D . -75.84 5.29 -8.81
C1 NAG E . -46.98 -3.44 24.42
C2 NAG E . -46.64 -4.92 24.35
C3 NAG E . -46.58 -5.38 22.90
C4 NAG E . -47.91 -5.08 22.23
C5 NAG E . -48.21 -3.58 22.37
C6 NAG E . -49.55 -3.19 21.79
C7 NAG E . -44.17 -4.93 24.92
C8 NAG E . -43.86 -3.99 23.79
N2 NAG E . -45.44 -5.30 25.10
O3 NAG E . -46.30 -6.78 22.86
O4 NAG E . -47.82 -5.39 20.85
O5 NAG E . -48.23 -3.20 23.75
O6 NAG E . -49.99 -4.14 20.82
O7 NAG E . -43.27 -5.35 25.65
C1 NAG E . -48.27 -6.71 20.53
C2 NAG E . -48.32 -6.83 19.01
C3 NAG E . -48.77 -8.22 18.60
C4 NAG E . -47.84 -9.25 19.21
C5 NAG E . -47.80 -9.07 20.73
C6 NAG E . -46.83 -10.00 21.41
C7 NAG E . -48.78 -4.62 18.04
C8 NAG E . -49.84 -3.70 17.49
N2 NAG E . -49.21 -5.82 18.45
O3 NAG E . -48.75 -8.33 17.19
O4 NAG E . -48.28 -10.57 18.90
O5 NAG E . -47.39 -7.74 21.05
O6 NAG E . -46.18 -10.84 20.46
O7 NAG E . -47.61 -4.29 18.12
PB ATP F . 47.89 15.47 6.74
O1B ATP F . 48.63 16.72 7.45
O2B ATP F . 46.77 16.02 5.90
O3B ATP F . 47.61 14.44 7.81
PA ATP F . 48.87 14.37 4.26
O1A ATP F . 49.32 15.46 3.33
O2A ATP F . 49.51 13.01 4.15
O3A ATP F . 49.06 14.90 5.78
O5' ATP F . 47.29 14.21 4.03
C5' ATP F . 46.74 14.83 2.87
C4' ATP F . 45.24 14.65 2.76
O4' ATP F . 44.94 13.83 1.63
C3' ATP F . 44.56 14.01 3.96
O3' ATP F . 43.98 15.02 4.77
C2' ATP F . 43.48 13.18 3.32
O2' ATP F . 42.37 14.03 3.03
C1' ATP F . 44.13 12.72 2.04
N9 ATP F . 44.98 11.53 2.32
C8 ATP F . 46.30 11.52 2.59
N7 ATP F . 46.76 10.27 2.82
C5 ATP F . 45.71 9.45 2.71
C6 ATP F . 45.51 7.99 2.84
N6 ATP F . 46.54 7.18 3.13
N1 ATP F . 44.26 7.51 2.64
C2 ATP F . 43.24 8.33 2.34
N3 ATP F . 43.35 9.66 2.22
C4 ATP F . 44.54 10.27 2.39
C1 NAG G . -57.98 -1.55 34.71
C2 NAG G . -57.82 -3.06 34.59
C3 NAG G . -59.03 -3.75 35.20
C4 NAG G . -59.18 -3.31 36.65
C5 NAG G . -59.32 -1.79 36.69
C6 NAG G . -59.41 -1.24 38.09
C7 NAG G . -56.72 -4.35 32.82
C8 NAG G . -56.68 -4.66 31.35
N2 NAG G . -57.65 -3.47 33.21
O3 NAG G . -58.87 -5.15 35.14
O4 NAG G . -60.33 -3.90 37.22
O5 NAG G . -58.16 -1.19 36.09
O6 NAG G . -58.13 -1.16 38.71
O7 NAG G . -55.95 -4.88 33.62
PB ATP H . 44.62 -11.81 -24.50
O1B ATP H . 46.05 -11.88 -25.25
O2B ATP H . 43.80 -13.00 -24.97
O3B ATP H . 44.08 -10.41 -24.61
PA ATP H . 45.24 -10.93 -21.88
O1A ATP H . 46.32 -11.40 -20.94
O2A ATP H . 45.35 -9.55 -22.46
O3A ATP H . 45.04 -12.09 -22.98
O5' ATP H . 43.82 -11.03 -21.11
C5' ATP H . 43.67 -11.77 -19.92
C4' ATP H . 42.23 -11.62 -19.45
O4' ATP H . 42.12 -10.65 -18.40
C3' ATP H . 41.28 -11.24 -20.56
O3' ATP H . 40.60 -12.39 -21.05
C2' ATP H . 40.31 -10.38 -19.80
O2' ATP H . 39.37 -11.24 -19.17
C1' ATP H . 41.15 -9.67 -18.76
N9 ATP H . 41.86 -8.45 -19.21
C8 ATP H . 43.05 -8.42 -19.83
N7 ATP H . 43.46 -7.15 -20.06
C5 ATP H . 42.53 -6.35 -19.54
C6 ATP H . 42.32 -4.90 -19.44
N6 ATP H . 43.25 -4.06 -19.96
N1 ATP H . 41.21 -4.45 -18.83
C2 ATP H . 40.32 -5.30 -18.33
N3 ATP H . 40.42 -6.64 -18.39
C4 ATP H . 41.49 -7.21 -18.96
#